data_1I07
# 
_entry.id   1I07 
# 
_audit_conform.dict_name       mmcif_pdbx.dic 
_audit_conform.dict_version    5.376 
_audit_conform.dict_location   http://mmcif.pdb.org/dictionaries/ascii/mmcif_pdbx.dic 
# 
loop_
_database_2.database_id 
_database_2.database_code 
_database_2.pdbx_database_accession 
_database_2.pdbx_DOI 
PDB   1I07         pdb_00001i07 10.2210/pdb1i07/pdb 
RCSB  RCSB012742   ?            ?                   
WWPDB D_1000012742 ?            ?                   
# 
_pdbx_database_related.db_name        PDB 
_pdbx_database_related.db_id          1I0C 
_pdbx_database_related.details        'Two monomers form as a dimer. Crystallized at pH 4.0.' 
_pdbx_database_related.content_type   unspecified 
# 
_pdbx_database_status.entry_id                        1I07 
_pdbx_database_status.status_code                     REL 
_pdbx_database_status.deposit_site                    RCSB 
_pdbx_database_status.process_site                    RCSB 
_pdbx_database_status.recvd_initial_deposition_date   2001-01-29 
_pdbx_database_status.status_code_sf                  REL 
_pdbx_database_status.SG_entry                        . 
_pdbx_database_status.pdb_format_compatible           Y 
_pdbx_database_status.status_code_mr                  ? 
_pdbx_database_status.status_code_cs                  ? 
_pdbx_database_status.methods_development_category    ? 
_pdbx_database_status.status_code_nmr_data            ? 
# 
loop_
_audit_author.name 
_audit_author.pdbx_ordinal 
'Kishan, K.V.R.' 1 
'Newcomer, M.E.' 2 
# 
loop_
_citation.id 
_citation.title 
_citation.journal_abbrev 
_citation.journal_volume 
_citation.page_first 
_citation.page_last 
_citation.year 
_citation.journal_id_ASTM 
_citation.country 
_citation.journal_id_ISSN 
_citation.journal_id_CSD 
_citation.book_publisher 
_citation.pdbx_database_id_PubMed 
_citation.pdbx_database_id_DOI 
primary 
;Effect of pH and salt bridges on structural assembly: molecular structures of the monomer and intertwined dimer of the Eps8 SH3 domain.
;
'Protein Sci.'   10 1046 1055 2001 PRCIEI US 0961-8368 0795 ? 11316885 10.1110/ps.50401 
1       'The SH3 Domain of Eps8 Exists as a Novel Intertwined Dimer.' Nat.Struct.Biol. 4  739  743  1997 NSBIEW US 1072-8368 2024 
? ?        ?                
# 
loop_
_citation_author.citation_id 
_citation_author.name 
_citation_author.ordinal 
_citation_author.identifier_ORCID 
primary 'Kishan, K.V.'   1 ? 
primary 'Newcomer, M.E.' 2 ? 
primary 'Rhodes, T.H.'   3 ? 
primary 'Guilliot, S.D.' 4 ? 
1       'Kishan, K.V.'   5 ? 
1       'Scita, G.'      6 ? 
1       'Wong, W.T.'     7 ? 
1       'Di Fiore, P.P.' 8 ? 
1       'Newcomer, M.E.' 9 ? 
# 
_cell.entry_id           1I07 
_cell.length_a           27.899 
_cell.length_b           28.517 
_cell.length_c           37.188 
_cell.angle_alpha        107.39 
_cell.angle_beta         96.87 
_cell.angle_gamma        104.56 
_cell.pdbx_unique_axis   ? 
_cell.Z_PDB              2 
# 
_symmetry.entry_id                         1I07 
_symmetry.space_group_name_H-M             'P 1' 
_symmetry.pdbx_full_space_group_name_H-M   ? 
_symmetry.Int_Tables_number                1 
_symmetry.cell_setting                     ? 
# 
loop_
_entity.id 
_entity.type 
_entity.src_method 
_entity.pdbx_description 
_entity.formula_weight 
_entity.pdbx_number_of_molecules 
_entity.pdbx_ec 
_entity.pdbx_mutation 
_entity.pdbx_fragment 
_entity.details 
1 polymer man 'EPIDERMAL GROWTH FACTOR RECEPTOR KINASE SUBSTRATE EPS8' 7044.960 2  ? ? 'SH3 DOMAIN' ? 
2 water   nat water                                                    18.015   94 ? ? ?            ? 
# 
_entity_poly.entity_id                      1 
_entity_poly.type                           'polypeptide(L)' 
_entity_poly.nstd_linkage                   no 
_entity_poly.nstd_monomer                   no 
_entity_poly.pdbx_seq_one_letter_code       KKYAKSKYDFVARNSSELSVMKDDVLEILDDRRQWWKVRNASGDSGFVPNNILDIMRTPE 
_entity_poly.pdbx_seq_one_letter_code_can   KKYAKSKYDFVARNSSELSVMKDDVLEILDDRRQWWKVRNASGDSGFVPNNILDIMRTPE 
_entity_poly.pdbx_strand_id                 A,B 
_entity_poly.pdbx_target_identifier         ? 
# 
loop_
_entity_poly_seq.entity_id 
_entity_poly_seq.num 
_entity_poly_seq.mon_id 
_entity_poly_seq.hetero 
1 1  LYS n 
1 2  LYS n 
1 3  TYR n 
1 4  ALA n 
1 5  LYS n 
1 6  SER n 
1 7  LYS n 
1 8  TYR n 
1 9  ASP n 
1 10 PHE n 
1 11 VAL n 
1 12 ALA n 
1 13 ARG n 
1 14 ASN n 
1 15 SER n 
1 16 SER n 
1 17 GLU n 
1 18 LEU n 
1 19 SER n 
1 20 VAL n 
1 21 MET n 
1 22 LYS n 
1 23 ASP n 
1 24 ASP n 
1 25 VAL n 
1 26 LEU n 
1 27 GLU n 
1 28 ILE n 
1 29 LEU n 
1 30 ASP n 
1 31 ASP n 
1 32 ARG n 
1 33 ARG n 
1 34 GLN n 
1 35 TRP n 
1 36 TRP n 
1 37 LYS n 
1 38 VAL n 
1 39 ARG n 
1 40 ASN n 
1 41 ALA n 
1 42 SER n 
1 43 GLY n 
1 44 ASP n 
1 45 SER n 
1 46 GLY n 
1 47 PHE n 
1 48 VAL n 
1 49 PRO n 
1 50 ASN n 
1 51 ASN n 
1 52 ILE n 
1 53 LEU n 
1 54 ASP n 
1 55 ILE n 
1 56 MET n 
1 57 ARG n 
1 58 THR n 
1 59 PRO n 
1 60 GLU n 
# 
_entity_src_gen.entity_id                          1 
_entity_src_gen.pdbx_src_id                        1 
_entity_src_gen.pdbx_alt_source_flag               sample 
_entity_src_gen.pdbx_seq_type                      ? 
_entity_src_gen.pdbx_beg_seq_num                   ? 
_entity_src_gen.pdbx_end_seq_num                   ? 
_entity_src_gen.gene_src_common_name               'house mouse' 
_entity_src_gen.gene_src_genus                     Mus 
_entity_src_gen.pdbx_gene_src_gene                 ? 
_entity_src_gen.gene_src_species                   ? 
_entity_src_gen.gene_src_strain                    ? 
_entity_src_gen.gene_src_tissue                    ? 
_entity_src_gen.gene_src_tissue_fraction           ? 
_entity_src_gen.gene_src_details                   ? 
_entity_src_gen.pdbx_gene_src_fragment             ? 
_entity_src_gen.pdbx_gene_src_scientific_name      'Mus musculus' 
_entity_src_gen.pdbx_gene_src_ncbi_taxonomy_id     10090 
_entity_src_gen.pdbx_gene_src_variant              ? 
_entity_src_gen.pdbx_gene_src_cell_line            ? 
_entity_src_gen.pdbx_gene_src_atcc                 ? 
_entity_src_gen.pdbx_gene_src_organ                ? 
_entity_src_gen.pdbx_gene_src_organelle            ? 
_entity_src_gen.pdbx_gene_src_cell                 ? 
_entity_src_gen.pdbx_gene_src_cellular_location    ? 
_entity_src_gen.host_org_common_name               ? 
_entity_src_gen.pdbx_host_org_scientific_name      'Escherichia coli' 
_entity_src_gen.pdbx_host_org_ncbi_taxonomy_id     562 
_entity_src_gen.host_org_genus                     Escherichia 
_entity_src_gen.pdbx_host_org_gene                 ? 
_entity_src_gen.pdbx_host_org_organ                ? 
_entity_src_gen.host_org_species                   ? 
_entity_src_gen.pdbx_host_org_tissue               ? 
_entity_src_gen.pdbx_host_org_tissue_fraction      ? 
_entity_src_gen.pdbx_host_org_strain               ? 
_entity_src_gen.pdbx_host_org_variant              ? 
_entity_src_gen.pdbx_host_org_cell_line            ? 
_entity_src_gen.pdbx_host_org_atcc                 ? 
_entity_src_gen.pdbx_host_org_culture_collection   ? 
_entity_src_gen.pdbx_host_org_cell                 ? 
_entity_src_gen.pdbx_host_org_organelle            ? 
_entity_src_gen.pdbx_host_org_cellular_location    ? 
_entity_src_gen.pdbx_host_org_vector_type          ? 
_entity_src_gen.pdbx_host_org_vector               ? 
_entity_src_gen.host_org_details                   ? 
_entity_src_gen.expression_system_id               ? 
_entity_src_gen.plasmid_name                       ? 
_entity_src_gen.plasmid_details                    ? 
_entity_src_gen.pdbx_description                   ? 
# 
_struct_ref.id                         1 
_struct_ref.db_code                    EPS8_MOUSE 
_struct_ref.db_name                    UNP 
_struct_ref.entity_id                  1 
_struct_ref.pdbx_db_accession          Q08509 
_struct_ref.pdbx_align_begin           532 
_struct_ref.pdbx_seq_one_letter_code   KKYAKSKYDFVARNSSELSVMKDDVLEILDDRRQWWKVRNASGDSGFVPNNILDIMRTPE 
_struct_ref.pdbx_db_isoform            ? 
# 
loop_
_struct_ref_seq.align_id 
_struct_ref_seq.ref_id 
_struct_ref_seq.pdbx_PDB_id_code 
_struct_ref_seq.pdbx_strand_id 
_struct_ref_seq.seq_align_beg 
_struct_ref_seq.pdbx_seq_align_beg_ins_code 
_struct_ref_seq.seq_align_end 
_struct_ref_seq.pdbx_seq_align_end_ins_code 
_struct_ref_seq.pdbx_db_accession 
_struct_ref_seq.db_align_beg 
_struct_ref_seq.pdbx_db_align_beg_ins_code 
_struct_ref_seq.db_align_end 
_struct_ref_seq.pdbx_db_align_end_ins_code 
_struct_ref_seq.pdbx_auth_seq_align_beg 
_struct_ref_seq.pdbx_auth_seq_align_end 
1 1 1I07 A 1 ? 60 ? Q08509 532 ? 591 ? 6 65 
2 1 1I07 B 1 ? 60 ? Q08509 532 ? 591 ? 6 65 
# 
loop_
_chem_comp.id 
_chem_comp.type 
_chem_comp.mon_nstd_flag 
_chem_comp.name 
_chem_comp.pdbx_synonyms 
_chem_comp.formula 
_chem_comp.formula_weight 
ALA 'L-peptide linking' y ALANINE         ? 'C3 H7 N O2'     89.093  
ARG 'L-peptide linking' y ARGININE        ? 'C6 H15 N4 O2 1' 175.209 
ASN 'L-peptide linking' y ASPARAGINE      ? 'C4 H8 N2 O3'    132.118 
ASP 'L-peptide linking' y 'ASPARTIC ACID' ? 'C4 H7 N O4'     133.103 
GLN 'L-peptide linking' y GLUTAMINE       ? 'C5 H10 N2 O3'   146.144 
GLU 'L-peptide linking' y 'GLUTAMIC ACID' ? 'C5 H9 N O4'     147.129 
GLY 'peptide linking'   y GLYCINE         ? 'C2 H5 N O2'     75.067  
HOH non-polymer         . WATER           ? 'H2 O'           18.015  
ILE 'L-peptide linking' y ISOLEUCINE      ? 'C6 H13 N O2'    131.173 
LEU 'L-peptide linking' y LEUCINE         ? 'C6 H13 N O2'    131.173 
LYS 'L-peptide linking' y LYSINE          ? 'C6 H15 N2 O2 1' 147.195 
MET 'L-peptide linking' y METHIONINE      ? 'C5 H11 N O2 S'  149.211 
PHE 'L-peptide linking' y PHENYLALANINE   ? 'C9 H11 N O2'    165.189 
PRO 'L-peptide linking' y PROLINE         ? 'C5 H9 N O2'     115.130 
SER 'L-peptide linking' y SERINE          ? 'C3 H7 N O3'     105.093 
THR 'L-peptide linking' y THREONINE       ? 'C4 H9 N O3'     119.119 
TRP 'L-peptide linking' y TRYPTOPHAN      ? 'C11 H12 N2 O2'  204.225 
TYR 'L-peptide linking' y TYROSINE        ? 'C9 H11 N O3'    181.189 
VAL 'L-peptide linking' y VALINE          ? 'C5 H11 N O2'    117.146 
# 
_exptl.entry_id          1I07 
_exptl.crystals_number   1 
_exptl.method            'X-RAY DIFFRACTION' 
# 
_exptl_crystal.id                    1 
_exptl_crystal.density_meas          ? 
_exptl_crystal.density_percent_sol   35.10 
_exptl_crystal.density_Matthews      1.90 
_exptl_crystal.description           ? 
# 
_exptl_crystal_grow.crystal_id      1 
_exptl_crystal_grow.method          ? 
_exptl_crystal_grow.pH              7.0 
_exptl_crystal_grow.temp            ? 
_exptl_crystal_grow.temp_details    ? 
_exptl_crystal_grow.pdbx_details    'pH 7.0' 
_exptl_crystal_grow.pdbx_pH_range   ? 
# 
_diffrn.id                     1 
_diffrn.ambient_temp           300 
_diffrn.ambient_temp_details   ? 
_diffrn.crystal_id             1 
# 
_diffrn_detector.diffrn_id              1 
_diffrn_detector.detector               ? 
_diffrn_detector.type                   ? 
_diffrn_detector.pdbx_collection_date   1998-10-09 
_diffrn_detector.details                'MSC/YALE MIRRORS' 
# 
_diffrn_radiation.diffrn_id                        1 
_diffrn_radiation.wavelength_id                    1 
_diffrn_radiation.monochromator                    ? 
_diffrn_radiation.pdbx_monochromatic_or_laue_m_l   M 
_diffrn_radiation.pdbx_diffrn_protocol             'SINGLE WAVELENGTH' 
_diffrn_radiation.pdbx_scattering_type             x-ray 
# 
_diffrn_radiation_wavelength.id           1 
_diffrn_radiation_wavelength.wavelength   1.5418 
_diffrn_radiation_wavelength.wt           1.0 
# 
_diffrn_source.diffrn_id                   1 
_diffrn_source.source                      'ROTATING ANODE' 
_diffrn_source.type                        'RIGAKU RU200' 
_diffrn_source.pdbx_synchrotron_site       ? 
_diffrn_source.pdbx_synchrotron_beamline   ? 
_diffrn_source.pdbx_wavelength             1.5418 
_diffrn_source.pdbx_wavelength_list        ? 
# 
_reflns.entry_id                     1I07 
_reflns.d_resolution_high            1.80 
_reflns.d_resolution_low             25.93 
_reflns.limit_h_max                  15 
_reflns.limit_h_min                  -15 
_reflns.limit_k_max                  15 
_reflns.limit_k_min                  -15 
_reflns.limit_l_max                  20 
_reflns.limit_l_min                  0 
_reflns.number_all                   9088 
_reflns.observed_criterion_sigma_F   0.0 
_reflns.observed_criterion_F_max     370952.57 
_reflns.observed_criterion_F_min     0.300000 
_reflns.B_iso_Wilson_estimate        16.4 
_reflns.observed_criterion_sigma_I   4.0 
_reflns.number_obs                   33871 
_reflns.percent_possible_obs         94.0 
_reflns.pdbx_Rmerge_I_obs            0.0720000 
_reflns.pdbx_Rsym_value              ? 
_reflns.pdbx_netI_over_sigmaI        ? 
_reflns.pdbx_redundancy              3.7 
_reflns.R_free_details               ? 
_reflns.pdbx_diffrn_id               1 
_reflns.pdbx_ordinal                 1 
# 
_reflns_shell.d_res_high             1.80 
_reflns_shell.d_res_low              1.86 
_reflns_shell.percent_possible_obs   90.2 
_reflns_shell.percent_possible_all   90.2 
_reflns_shell.Rmerge_I_obs           0.3530000 
_reflns_shell.meanI_over_sigI_obs    ? 
_reflns_shell.pdbx_Rsym_value        ? 
_reflns_shell.pdbx_redundancy        ? 
_reflns_shell.number_unique_all      ? 
_reflns_shell.pdbx_diffrn_id         ? 
_reflns_shell.pdbx_ordinal           1 
# 
_refine.entry_id                                 1I07 
_refine.ls_number_reflns_all                     9590 
_refine.ls_number_reflns_obs                     8373 
_refine.ls_percent_reflns_obs                    87.3 
_refine.B_iso_min                                8.75 
_refine.B_iso_max                                51.89 
_refine.B_iso_mean                               22.36 
_refine.occupancy_min                            1.00 
_refine.occupancy_max                            1.00 
_refine.aniso_B[1][1]                            -2.55 
_refine.aniso_B[2][2]                            0.98 
_refine.aniso_B[3][3]                            1.57 
_refine.aniso_B[1][2]                            1.03 
_refine.aniso_B[1][3]                            1.40 
_refine.aniso_B[2][3]                            1.19 
_refine.solvent_model_param_bsol                 41.5615 
_refine.solvent_model_param_ksol                 0.307324 
_refine.solvent_model_details                    'CNS bulk solvent model used' 
_refine.ls_R_factor_R_work                       0.2020000 
_refine.ls_R_factor_R_free                       0.2330000 
_refine.ls_R_factor_R_free_error                 0.010 
_refine.ls_number_reflns_R_free                  517 
_refine.ls_percent_reflns_R_free                 6.2 
_refine.details                                  ? 
_refine.ls_d_res_high                            1.8 
_refine.ls_d_res_low                             26.0 
_refine.pdbx_ls_sigma_F                          2.0 
_refine.pdbx_ls_sigma_I                          ? 
_refine.ls_R_factor_all                          ? 
_refine.ls_R_factor_obs                          ? 
_refine.ls_redundancy_reflns_obs                 ? 
_refine.pdbx_data_cutoff_high_absF               ? 
_refine.pdbx_data_cutoff_low_absF                ? 
_refine.ls_number_parameters                     ? 
_refine.ls_number_restraints                     ? 
_refine.ls_R_factor_R_free_error_details         ? 
_refine.pdbx_method_to_determine_struct          'MOLECULAR REPLACEMENT' 
_refine.pdbx_starting_model                      'pdb entry 1AOJ' 
_refine.pdbx_ls_cross_valid_method               THROUGHOUT 
_refine.pdbx_R_Free_selection_details            RANDOM 
_refine.pdbx_stereochem_target_val_spec_case     ? 
_refine.pdbx_stereochemistry_target_values       'Engh & Huber' 
_refine.pdbx_isotropic_thermal_model             ? 
_refine.correlation_coeff_Fo_to_Fc               ? 
_refine.correlation_coeff_Fo_to_Fc_free          ? 
_refine.overall_SU_R_Cruickshank_DPI             ? 
_refine.overall_SU_R_free                        ? 
_refine.overall_SU_B                             ? 
_refine.overall_SU_ML                            ? 
_refine.pdbx_overall_ESU_R                       ? 
_refine.pdbx_overall_ESU_R_Free                  ? 
_refine.pdbx_data_cutoff_high_rms_absF           ? 
_refine.pdbx_refine_id                           'X-RAY DIFFRACTION' 
_refine.pdbx_diffrn_id                           1 
_refine.pdbx_TLS_residual_ADP_flag               ? 
_refine.pdbx_solvent_vdw_probe_radii             ? 
_refine.pdbx_solvent_ion_probe_radii             ? 
_refine.pdbx_solvent_shrinkage_radii             ? 
_refine.pdbx_overall_phase_error                 ? 
_refine.pdbx_overall_SU_R_free_Cruickshank_DPI   ? 
_refine.pdbx_overall_SU_R_Blow_DPI               ? 
_refine.pdbx_overall_SU_R_free_Blow_DPI          ? 
# 
_refine_analyze.entry_id                        1I07 
_refine_analyze.Luzzati_d_res_low_obs           5.00 
_refine_analyze.pdbx_Luzzati_d_res_high_obs     1.80 
_refine_analyze.Luzzati_coordinate_error_obs    0.20 
_refine_analyze.Luzzati_sigma_a_obs             0.14 
_refine_analyze.Luzzati_coordinate_error_free   0.23 
_refine_analyze.Luzzati_sigma_a_free            0.20 
_refine_analyze.Luzzati_d_res_low_free          ? 
_refine_analyze.number_disordered_residues      ? 
_refine_analyze.occupancy_sum_non_hydrogen      ? 
_refine_analyze.occupancy_sum_hydrogen          ? 
_refine_analyze.pdbx_refine_id                  'X-RAY DIFFRACTION' 
# 
_refine_hist.pdbx_refine_id                   'X-RAY DIFFRACTION' 
_refine_hist.cycle_id                         LAST 
_refine_hist.pdbx_number_atoms_protein        970 
_refine_hist.pdbx_number_atoms_nucleic_acid   0 
_refine_hist.pdbx_number_atoms_ligand         0 
_refine_hist.number_atoms_solvent             94 
_refine_hist.number_atoms_total               1064 
_refine_hist.d_res_high                       1.8 
_refine_hist.d_res_low                        26.0 
# 
loop_
_refine_ls_restr.type 
_refine_ls_restr.dev_ideal 
_refine_ls_restr.dev_ideal_target 
_refine_ls_restr.number 
_refine_ls_restr.weight 
_refine_ls_restr.pdbx_refine_id 
_refine_ls_restr.pdbx_restraint_function 
x_bond_d           0.007 . ? ? 'X-RAY DIFFRACTION' ? 
x_angle_deg        1.4   . ? ? 'X-RAY DIFFRACTION' ? 
x_dihedral_angle_d 25.6  . ? ? 'X-RAY DIFFRACTION' ? 
x_improper_angle_d 0.87  . ? ? 'X-RAY DIFFRACTION' ? 
# 
loop_
_refine_ls_shell.d_res_high 
_refine_ls_shell.d_res_low 
_refine_ls_shell.number_reflns_all 
_refine_ls_shell.number_reflns_obs 
_refine_ls_shell.number_reflns_R_work 
_refine_ls_shell.percent_reflns_obs 
_refine_ls_shell.R_factor_R_work 
_refine_ls_shell.R_factor_R_free 
_refine_ls_shell.R_factor_R_free_error 
_refine_ls_shell.number_reflns_R_free 
_refine_ls_shell.percent_reflns_R_free 
_refine_ls_shell.pdbx_total_number_of_bins_used 
_refine_ls_shell.redundancy_reflns_obs 
_refine_ls_shell.pdbx_refine_id 
_refine_ls_shell.R_factor_all 
1.80 1.88  1211 834  779  68.9 0.2540000 0.2490000 0.034 55  4.5 . . 'X-RAY DIFFRACTION' . 
1.88 1.98  1188 941  890  79.2 0.2350000 0.2340000 0.033 51  4.3 . . 'X-RAY DIFFRACTION' . 
1.98 2.11  1184 998  945  84.3 0.2050000 0.2050000 0.028 53  4.5 . . 'X-RAY DIFFRACTION' . 
2.11 2.27  1200 1056 996  88.0 0.2100000 0.2110000 0.027 60  5.0 . . 'X-RAY DIFFRACTION' . 
2.27 2.50  1204 1095 1032 90.9 0.2000000 0.2020000 0.025 63  5.2 . . 'X-RAY DIFFRACTION' . 
2.50 2.86  1209 1118 1102 92.5 0.2070000 0.2070000 0.052 16  1.3 . . 'X-RAY DIFFRACTION' . 
2.86 3.60  1191 1151 1039 96.6 0.2020000 0.2030000 0.019 112 9.4 . . 'X-RAY DIFFRACTION' . 
3.60 25.93 1203 1180 1073 98.1 0.1840000 0.1840000 0.018 107 8.9 . . 'X-RAY DIFFRACTION' . 
# 
loop_
_pdbx_xplor_file.serial_no 
_pdbx_xplor_file.param_file 
_pdbx_xplor_file.topol_file 
_pdbx_xplor_file.pdbx_refine_id 
1 prot_rep.param  protein.top      'X-RAY DIFFRACTION' 
2 water_rep.param carbohydrate.top 'X-RAY DIFFRACTION' 
# 
_struct.entry_id                  1I07 
_struct.title                     'EPS8 SH3 DOMAIN INTERTWINED DIMER' 
_struct.pdbx_model_details        ? 
_struct.pdbx_CASP_flag            ? 
_struct.pdbx_model_type_details   ? 
# 
_struct_keywords.entry_id        1I07 
_struct_keywords.pdbx_keywords   'HORMONE/GROWTH FACTOR' 
_struct_keywords.text            'HORMONE/GROWTH FACTOR, HORMONE-GROWTH FACTOR complex' 
# 
loop_
_struct_asym.id 
_struct_asym.pdbx_blank_PDB_chainid_flag 
_struct_asym.pdbx_modified 
_struct_asym.entity_id 
_struct_asym.details 
A N N 1 ? 
B N N 1 ? 
C N N 2 ? 
D N N 2 ? 
# 
_struct_biol.id                    1 
_struct_biol.pdbx_parent_biol_id   ? 
_struct_biol.details               ? 
# 
loop_
_struct_conf.conf_type_id 
_struct_conf.id 
_struct_conf.pdbx_PDB_helix_id 
_struct_conf.beg_label_comp_id 
_struct_conf.beg_label_asym_id 
_struct_conf.beg_label_seq_id 
_struct_conf.pdbx_beg_PDB_ins_code 
_struct_conf.end_label_comp_id 
_struct_conf.end_label_asym_id 
_struct_conf.end_label_seq_id 
_struct_conf.pdbx_end_PDB_ins_code 
_struct_conf.beg_auth_comp_id 
_struct_conf.beg_auth_asym_id 
_struct_conf.beg_auth_seq_id 
_struct_conf.end_auth_comp_id 
_struct_conf.end_auth_asym_id 
_struct_conf.end_auth_seq_id 
_struct_conf.pdbx_PDB_helix_class 
_struct_conf.details 
_struct_conf.pdbx_PDB_helix_length 
HELX_P HELX_P1 1 ASP A 30 ? ARG A 33 ? ASP A 35 ARG A 38 5 ? 4 
HELX_P HELX_P2 2 ASP B 30 ? ARG B 33 ? ASP B 35 ARG B 38 5 ? 4 
# 
_struct_conf_type.id          HELX_P 
_struct_conf_type.criteria    ? 
_struct_conf_type.reference   ? 
# 
loop_
_struct_sheet.id 
_struct_sheet.type 
_struct_sheet.number_strands 
_struct_sheet.details 
A ? 5 ? 
B ? 5 ? 
# 
loop_
_struct_sheet_order.sheet_id 
_struct_sheet_order.range_id_1 
_struct_sheet_order.range_id_2 
_struct_sheet_order.offset 
_struct_sheet_order.sense 
A 1 2 ? anti-parallel 
A 2 3 ? anti-parallel 
A 3 4 ? anti-parallel 
A 4 5 ? anti-parallel 
B 1 2 ? anti-parallel 
B 2 3 ? anti-parallel 
B 3 4 ? anti-parallel 
B 4 5 ? anti-parallel 
# 
loop_
_struct_sheet_range.sheet_id 
_struct_sheet_range.id 
_struct_sheet_range.beg_label_comp_id 
_struct_sheet_range.beg_label_asym_id 
_struct_sheet_range.beg_label_seq_id 
_struct_sheet_range.pdbx_beg_PDB_ins_code 
_struct_sheet_range.end_label_comp_id 
_struct_sheet_range.end_label_asym_id 
_struct_sheet_range.end_label_seq_id 
_struct_sheet_range.pdbx_end_PDB_ins_code 
_struct_sheet_range.beg_auth_comp_id 
_struct_sheet_range.beg_auth_asym_id 
_struct_sheet_range.beg_auth_seq_id 
_struct_sheet_range.end_auth_comp_id 
_struct_sheet_range.end_auth_asym_id 
_struct_sheet_range.end_auth_seq_id 
A 1 SER B 45 ? PRO B 49 ? SER B 50 PRO B 54 
A 2 TRP B 35 ? ARG B 39 ? TRP B 40 ARG B 44 
A 3 VAL A 25 ? ILE A 28 ? VAL A 30 ILE A 33 
A 4 TYR A 3  ? SER A 6  ? TYR A 8  SER A 11 
A 5 LEU B 53 ? ILE B 55 ? LEU B 58 ILE B 60 
B 1 SER A 45 ? PRO A 49 ? SER A 50 PRO A 54 
B 2 TRP A 35 ? ARG A 39 ? TRP A 40 ARG A 44 
B 3 VAL B 25 ? ILE B 28 ? VAL B 30 ILE B 33 
B 4 LYS B 2  ? SER B 6  ? LYS B 7  SER B 11 
B 5 LEU A 53 ? MET A 56 ? LEU A 58 MET A 61 
# 
loop_
_pdbx_struct_sheet_hbond.sheet_id 
_pdbx_struct_sheet_hbond.range_id_1 
_pdbx_struct_sheet_hbond.range_id_2 
_pdbx_struct_sheet_hbond.range_1_label_atom_id 
_pdbx_struct_sheet_hbond.range_1_label_comp_id 
_pdbx_struct_sheet_hbond.range_1_label_asym_id 
_pdbx_struct_sheet_hbond.range_1_label_seq_id 
_pdbx_struct_sheet_hbond.range_1_PDB_ins_code 
_pdbx_struct_sheet_hbond.range_1_auth_atom_id 
_pdbx_struct_sheet_hbond.range_1_auth_comp_id 
_pdbx_struct_sheet_hbond.range_1_auth_asym_id 
_pdbx_struct_sheet_hbond.range_1_auth_seq_id 
_pdbx_struct_sheet_hbond.range_2_label_atom_id 
_pdbx_struct_sheet_hbond.range_2_label_comp_id 
_pdbx_struct_sheet_hbond.range_2_label_asym_id 
_pdbx_struct_sheet_hbond.range_2_label_seq_id 
_pdbx_struct_sheet_hbond.range_2_PDB_ins_code 
_pdbx_struct_sheet_hbond.range_2_auth_atom_id 
_pdbx_struct_sheet_hbond.range_2_auth_comp_id 
_pdbx_struct_sheet_hbond.range_2_auth_asym_id 
_pdbx_struct_sheet_hbond.range_2_auth_seq_id 
A 1 2 O VAL B 48 ? O VAL B 53 N TRP B 36 ? N TRP B 41 
A 2 3 O ARG B 39 ? O ARG B 44 N GLU A 27 ? N GLU A 32 
A 3 4 N LEU A 26 ? N LEU A 31 O ALA A 4  ? O ALA A 9  
A 4 5 N LYS A 5  ? N LYS A 10 O ASP B 54 ? O ASP B 59 
B 1 2 O VAL A 48 ? O VAL A 53 N TRP A 36 ? N TRP A 41 
B 2 3 O ARG A 39 ? O ARG A 44 N GLU B 27 ? N GLU B 32 
B 3 4 N ILE B 28 ? N ILE B 33 O LYS B 2  ? O LYS B 7  
B 4 5 O LYS B 5  ? O LYS B 10 N ASP A 54 ? N ASP A 59 
# 
_atom_sites.entry_id                    1I07 
_atom_sites.fract_transf_matrix[1][1]   -0.01655754 
_atom_sites.fract_transf_matrix[1][2]   0.03167359 
_atom_sites.fract_transf_matrix[1][3]   0.01256615 
_atom_sites.fract_transf_matrix[2][1]   -0.03361604 
_atom_sites.fract_transf_matrix[2][2]   0.00375036 
_atom_sites.fract_transf_matrix[2][3]   -0.01851350 
_atom_sites.fract_transf_matrix[3][1]   -0.02142707 
_atom_sites.fract_transf_matrix[3][2]   -0.01037875 
_atom_sites.fract_transf_matrix[3][3]   0.01625117 
_atom_sites.fract_transf_vector[1]      0.062082 
_atom_sites.fract_transf_vector[2]      -0.036020 
_atom_sites.fract_transf_vector[3]      0.008262 
# 
loop_
_atom_type.symbol 
C 
N 
O 
S 
# 
loop_
_atom_site.group_PDB 
_atom_site.id 
_atom_site.type_symbol 
_atom_site.label_atom_id 
_atom_site.label_alt_id 
_atom_site.label_comp_id 
_atom_site.label_asym_id 
_atom_site.label_entity_id 
_atom_site.label_seq_id 
_atom_site.pdbx_PDB_ins_code 
_atom_site.Cartn_x 
_atom_site.Cartn_y 
_atom_site.Cartn_z 
_atom_site.occupancy 
_atom_site.B_iso_or_equiv 
_atom_site.pdbx_formal_charge 
_atom_site.auth_seq_id 
_atom_site.auth_comp_id 
_atom_site.auth_asym_id 
_atom_site.auth_atom_id 
_atom_site.pdbx_PDB_model_num 
ATOM   1    N N   . LYS A 1 1  ? 15.748  7.411   -10.693 1.00 27.36 ? 6   LYS A N   1 
ATOM   2    C CA  . LYS A 1 1  ? 15.066  6.205   -10.144 1.00 27.22 ? 6   LYS A CA  1 
ATOM   3    C C   . LYS A 1 1  ? 15.368  6.042   -8.657  1.00 26.31 ? 6   LYS A C   1 
ATOM   4    O O   . LYS A 1 1  ? 16.505  6.213   -8.230  1.00 26.93 ? 6   LYS A O   1 
ATOM   5    C CB  . LYS A 1 1  ? 15.516  4.959   -10.915 1.00 28.23 ? 6   LYS A CB  1 
ATOM   6    C CG  . LYS A 1 1  ? 14.449  4.364   -11.828 1.00 29.60 ? 6   LYS A CG  1 
ATOM   7    C CD  . LYS A 1 1  ? 13.872  5.394   -12.784 1.00 30.95 ? 6   LYS A CD  1 
ATOM   8    C CE  . LYS A 1 1  ? 12.593  4.879   -13.442 1.00 31.42 ? 6   LYS A CE  1 
ATOM   9    N NZ  . LYS A 1 1  ? 12.823  3.633   -14.233 1.00 32.47 ? 6   LYS A NZ  1 
ATOM   10   N N   . LYS A 1 2  ? 14.342  5.715   -7.875  1.00 24.75 ? 7   LYS A N   1 
ATOM   11   C CA  . LYS A 1 2  ? 14.482  5.521   -6.428  1.00 23.60 ? 7   LYS A CA  1 
ATOM   12   C C   . LYS A 1 2  ? 14.466  4.015   -6.146  1.00 21.06 ? 7   LYS A C   1 
ATOM   13   O O   . LYS A 1 2  ? 13.591  3.307   -6.629  1.00 19.98 ? 7   LYS A O   1 
ATOM   14   C CB  . LYS A 1 2  ? 13.310  6.177   -5.702  1.00 25.18 ? 7   LYS A CB  1 
ATOM   15   C CG  . LYS A 1 2  ? 13.573  6.524   -4.247  1.00 27.94 ? 7   LYS A CG  1 
ATOM   16   C CD  . LYS A 1 2  ? 14.446  7.775   -4.133  1.00 29.82 ? 7   LYS A CD  1 
ATOM   17   C CE  . LYS A 1 2  ? 13.805  8.974   -4.835  1.00 31.32 ? 7   LYS A CE  1 
ATOM   18   N NZ  . LYS A 1 2  ? 12.439  9.287   -4.295  1.00 32.88 ? 7   LYS A NZ  1 
ATOM   19   N N   . TYR A 1 3  ? 15.414  3.532   -5.353  1.00 18.86 ? 8   TYR A N   1 
ATOM   20   C CA  . TYR A 1 3  ? 15.481  2.104   -5.059  1.00 17.71 ? 8   TYR A CA  1 
ATOM   21   C C   . TYR A 1 3  ? 15.545  1.759   -3.567  1.00 16.55 ? 8   TYR A C   1 
ATOM   22   O O   . TYR A 1 3  ? 16.010  2.548   -2.754  1.00 16.21 ? 8   TYR A O   1 
ATOM   23   C CB  . TYR A 1 3  ? 16.710  1.489   -5.752  1.00 17.40 ? 8   TYR A CB  1 
ATOM   24   C CG  . TYR A 1 3  ? 16.678  1.467   -7.266  1.00 17.16 ? 8   TYR A CG  1 
ATOM   25   C CD1 . TYR A 1 3  ? 15.955  0.496   -7.963  1.00 18.34 ? 8   TYR A CD1 1 
ATOM   26   C CD2 . TYR A 1 3  ? 17.438  2.371   -8.006  1.00 18.41 ? 8   TYR A CD2 1 
ATOM   27   C CE1 . TYR A 1 3  ? 16.003  0.423   -9.362  1.00 17.59 ? 8   TYR A CE1 1 
ATOM   28   C CE2 . TYR A 1 3  ? 17.489  2.307   -9.391  1.00 17.74 ? 8   TYR A CE2 1 
ATOM   29   C CZ  . TYR A 1 3  ? 16.778  1.334   -10.066 1.00 18.69 ? 8   TYR A CZ  1 
ATOM   30   O OH  . TYR A 1 3  ? 16.880  1.245   -11.445 1.00 18.96 ? 8   TYR A OH  1 
ATOM   31   N N   . ALA A 1 4  ? 15.071  0.563   -3.223  1.00 16.20 ? 9   ALA A N   1 
ATOM   32   C CA  . ALA A 1 4  ? 15.110  0.075   -1.851  1.00 15.80 ? 9   ALA A CA  1 
ATOM   33   C C   . ALA A 1 4  ? 15.527  -1.388  -1.896  1.00 15.90 ? 9   ALA A C   1 
ATOM   34   O O   . ALA A 1 4  ? 15.362  -2.053  -2.914  1.00 16.06 ? 9   ALA A O   1 
ATOM   35   C CB  . ALA A 1 4  ? 13.726  0.205   -1.179  1.00 15.65 ? 9   ALA A CB  1 
ATOM   36   N N   . LYS A 1 5  ? 16.069  -1.888  -0.788  1.00 16.15 ? 10  LYS A N   1 
ATOM   37   C CA  . LYS A 1 5  ? 16.484  -3.281  -0.703  1.00 15.77 ? 10  LYS A CA  1 
ATOM   38   C C   . LYS A 1 5  ? 15.686  -3.962  0.411   1.00 14.95 ? 10  LYS A C   1 
ATOM   39   O O   . LYS A 1 5  ? 15.581  -3.432  1.517   1.00 14.71 ? 10  LYS A O   1 
ATOM   40   C CB  . LYS A 1 5  ? 17.986  -3.368  -0.408  1.00 17.18 ? 10  LYS A CB  1 
ATOM   41   C CG  . LYS A 1 5  ? 18.510  -4.788  -0.311  1.00 19.23 ? 10  LYS A CG  1 
ATOM   42   C CD  . LYS A 1 5  ? 20.020  -4.849  -0.463  1.00 20.95 ? 10  LYS A CD  1 
ATOM   43   C CE  . LYS A 1 5  ? 20.725  -4.200  0.705   1.00 21.36 ? 10  LYS A CE  1 
ATOM   44   N NZ  . LYS A 1 5  ? 20.429  -4.888  1.982   1.00 23.34 ? 10  LYS A NZ  1 
ATOM   45   N N   . SER A 1 6  ? 15.108  -5.123  0.118   1.00 14.42 ? 11  SER A N   1 
ATOM   46   C CA  . SER A 1 6  ? 14.334  -5.827  1.139   1.00 14.25 ? 11  SER A CA  1 
ATOM   47   C C   . SER A 1 6  ? 15.275  -6.451  2.156   1.00 14.57 ? 11  SER A C   1 
ATOM   48   O O   . SER A 1 6  ? 16.274  -7.053  1.790   1.00 14.42 ? 11  SER A O   1 
ATOM   49   C CB  . SER A 1 6  ? 13.471  -6.917  0.515   1.00 14.54 ? 11  SER A CB  1 
ATOM   50   O OG  . SER A 1 6  ? 12.563  -7.421  1.481   1.00 14.04 ? 11  SER A OG  1 
ATOM   51   N N   . LYS A 1 7  ? 14.950  -6.319  3.438   1.00 14.70 ? 12  LYS A N   1 
ATOM   52   C CA  . LYS A 1 7  ? 15.789  -6.877  4.487   1.00 15.51 ? 12  LYS A CA  1 
ATOM   53   C C   . LYS A 1 7  ? 15.330  -8.291  4.865   1.00 15.66 ? 12  LYS A C   1 
ATOM   54   O O   . LYS A 1 7  ? 16.097  -9.080  5.418   1.00 15.05 ? 12  LYS A O   1 
ATOM   55   C CB  . LYS A 1 7  ? 15.743  -5.948  5.701   1.00 17.69 ? 12  LYS A CB  1 
ATOM   56   C CG  . LYS A 1 7  ? 16.681  -6.301  6.831   1.00 20.65 ? 12  LYS A CG  1 
ATOM   57   C CD  . LYS A 1 7  ? 16.690  -5.180  7.849   1.00 22.50 ? 12  LYS A CD  1 
ATOM   58   C CE  . LYS A 1 7  ? 17.660  -5.436  8.964   1.00 22.77 ? 12  LYS A CE  1 
ATOM   59   N NZ  . LYS A 1 7  ? 17.605  -4.287  9.912   1.00 25.75 ? 12  LYS A NZ  1 
ATOM   60   N N   . TYR A 1 8  ? 14.077  -8.606  4.546   1.00 14.50 ? 13  TYR A N   1 
ATOM   61   C CA  . TYR A 1 8  ? 13.509  -9.908  4.866   1.00 14.19 ? 13  TYR A CA  1 
ATOM   62   C C   . TYR A 1 8  ? 12.667  -10.395 3.711   1.00 13.65 ? 13  TYR A C   1 
ATOM   63   O O   . TYR A 1 8  ? 12.422  -9.664  2.755   1.00 13.27 ? 13  TYR A O   1 
ATOM   64   C CB  . TYR A 1 8  ? 12.599  -9.807  6.098   1.00 14.82 ? 13  TYR A CB  1 
ATOM   65   C CG  . TYR A 1 8  ? 13.285  -9.323  7.353   1.00 14.95 ? 13  TYR A CG  1 
ATOM   66   C CD1 . TYR A 1 8  ? 13.973  -10.207 8.175   1.00 14.96 ? 13  TYR A CD1 1 
ATOM   67   C CD2 . TYR A 1 8  ? 13.267  -7.971  7.699   1.00 15.64 ? 13  TYR A CD2 1 
ATOM   68   C CE1 . TYR A 1 8  ? 14.631  -9.764  9.299   1.00 16.87 ? 13  TYR A CE1 1 
ATOM   69   C CE2 . TYR A 1 8  ? 13.919  -7.517  8.829   1.00 16.68 ? 13  TYR A CE2 1 
ATOM   70   C CZ  . TYR A 1 8  ? 14.599  -8.415  9.625   1.00 16.91 ? 13  TYR A CZ  1 
ATOM   71   O OH  . TYR A 1 8  ? 15.257  -7.970  10.750  1.00 19.37 ? 13  TYR A OH  1 
ATOM   72   N N   . ASP A 1 9  ? 12.208  -11.638 3.813   1.00 13.00 ? 14  ASP A N   1 
ATOM   73   C CA  . ASP A 1 9  ? 11.341  -12.196 2.792   1.00 12.55 ? 14  ASP A CA  1 
ATOM   74   C C   . ASP A 1 9  ? 9.928   -11.716 3.132   1.00 11.62 ? 14  ASP A C   1 
ATOM   75   O O   . ASP A 1 9  ? 9.630   -11.391 4.283   1.00 11.07 ? 14  ASP A O   1 
ATOM   76   C CB  . ASP A 1 9  ? 11.335  -13.736 2.825   1.00 12.77 ? 14  ASP A CB  1 
ATOM   77   C CG  . ASP A 1 9  ? 12.702  -14.353 2.576   1.00 14.32 ? 14  ASP A CG  1 
ATOM   78   O OD1 . ASP A 1 9  ? 13.501  -13.820 1.781   1.00 13.46 ? 14  ASP A OD1 1 
ATOM   79   O OD2 . ASP A 1 9  ? 12.958  -15.411 3.169   1.00 15.48 ? 14  ASP A OD2 1 
ATOM   80   N N   . PHE A 1 10 ? 9.063   -11.685 2.126   1.00 11.53 ? 15  PHE A N   1 
ATOM   81   C CA  . PHE A 1 10 ? 7.671   -11.288 2.310   1.00 11.53 ? 15  PHE A CA  1 
ATOM   82   C C   . PHE A 1 10 ? 6.865   -12.115 1.309   1.00 12.02 ? 15  PHE A C   1 
ATOM   83   O O   . PHE A 1 10 ? 7.168   -12.117 0.115   1.00 12.51 ? 15  PHE A O   1 
ATOM   84   C CB  . PHE A 1 10 ? 7.479   -9.791  2.027   1.00 11.45 ? 15  PHE A CB  1 
ATOM   85   C CG  . PHE A 1 10 ? 6.034   -9.377  1.954   1.00 12.63 ? 15  PHE A CG  1 
ATOM   86   C CD1 . PHE A 1 10 ? 5.233   -9.393  3.093   1.00 12.53 ? 15  PHE A CD1 1 
ATOM   87   C CD2 . PHE A 1 10 ? 5.458   -9.056  0.731   1.00 12.21 ? 15  PHE A CD2 1 
ATOM   88   C CE1 . PHE A 1 10 ? 3.874   -9.102  3.009   1.00 12.37 ? 15  PHE A CE1 1 
ATOM   89   C CE2 . PHE A 1 10 ? 4.103   -8.765  0.634   1.00 12.37 ? 15  PHE A CE2 1 
ATOM   90   C CZ  . PHE A 1 10 ? 3.311   -8.790  1.771   1.00 12.91 ? 15  PHE A CZ  1 
ATOM   91   N N   . VAL A 1 11 ? 5.864   -12.840 1.801   1.00 12.49 ? 16  VAL A N   1 
ATOM   92   C CA  . VAL A 1 11 ? 5.027   -13.671 0.940   1.00 12.64 ? 16  VAL A CA  1 
ATOM   93   C C   . VAL A 1 11 ? 3.661   -12.998 0.735   1.00 13.77 ? 16  VAL A C   1 
ATOM   94   O O   . VAL A 1 11 ? 2.919   -12.749 1.697   1.00 13.88 ? 16  VAL A O   1 
ATOM   95   C CB  . VAL A 1 11 ? 4.840   -15.084 1.554   1.00 13.18 ? 16  VAL A CB  1 
ATOM   96   C CG1 . VAL A 1 11 ? 3.958   -15.930 0.662   1.00 13.96 ? 16  VAL A CG1 1 
ATOM   97   C CG2 . VAL A 1 11 ? 6.212   -15.775 1.730   1.00 13.25 ? 16  VAL A CG2 1 
ATOM   98   N N   . ALA A 1 12 ? 3.349   -12.688 -0.519  1.00 13.82 ? 17  ALA A N   1 
ATOM   99   C CA  . ALA A 1 12 ? 2.088   -12.042 -0.851  1.00 14.76 ? 17  ALA A CA  1 
ATOM   100  C C   . ALA A 1 12 ? 0.934   -12.961 -0.503  1.00 15.68 ? 17  ALA A C   1 
ATOM   101  O O   . ALA A 1 12 ? 1.015   -14.165 -0.723  1.00 15.45 ? 17  ALA A O   1 
ATOM   102  C CB  . ALA A 1 12 ? 2.040   -11.721 -2.337  1.00 14.62 ? 17  ALA A CB  1 
ATOM   103  N N   . ARG A 1 13 ? -0.135  -12.382 0.026   1.00 17.55 ? 18  ARG A N   1 
ATOM   104  C CA  . ARG A 1 13 ? -1.330  -13.145 0.378   1.00 19.78 ? 18  ARG A CA  1 
ATOM   105  C C   . ARG A 1 13 ? -2.476  -12.735 -0.549  1.00 19.24 ? 18  ARG A C   1 
ATOM   106  O O   . ARG A 1 13 ? -3.565  -13.310 -0.512  1.00 20.21 ? 18  ARG A O   1 
ATOM   107  C CB  . ARG A 1 13 ? -1.727  -12.856 1.823   1.00 22.96 ? 18  ARG A CB  1 
ATOM   108  C CG  . ARG A 1 13 ? -0.711  -13.318 2.850   1.00 26.33 ? 18  ARG A CG  1 
ATOM   109  C CD  . ARG A 1 13 ? -1.097  -12.821 4.232   1.00 29.23 ? 18  ARG A CD  1 
ATOM   110  N NE  . ARG A 1 13 ? -1.354  -11.379 4.245   1.00 31.77 ? 18  ARG A NE  1 
ATOM   111  C CZ  . ARG A 1 13 ? -0.540  -10.461 3.720   1.00 32.46 ? 18  ARG A CZ  1 
ATOM   112  N NH1 . ARG A 1 13 ? 0.593   -10.822 3.123   1.00 32.51 ? 18  ARG A NH1 1 
ATOM   113  N NH2 . ARG A 1 13 ? -0.853  -9.173  3.801   1.00 32.23 ? 18  ARG A NH2 1 
ATOM   114  N N   . ASN A 1 14 ? -2.211  -11.745 -1.391  1.00 17.95 ? 19  ASN A N   1 
ATOM   115  C CA  . ASN A 1 14 ? -3.205  -11.214 -2.310  1.00 17.46 ? 19  ASN A CA  1 
ATOM   116  C C   . ASN A 1 14 ? -2.512  -10.934 -3.643  1.00 16.07 ? 19  ASN A C   1 
ATOM   117  O O   . ASN A 1 14 ? -1.310  -10.685 -3.667  1.00 15.22 ? 19  ASN A O   1 
ATOM   118  C CB  . ASN A 1 14 ? -3.740  -9.904  -1.718  1.00 19.36 ? 19  ASN A CB  1 
ATOM   119  C CG  . ASN A 1 14 ? -5.006  -9.429  -2.376  1.00 21.36 ? 19  ASN A CG  1 
ATOM   120  O OD1 . ASN A 1 14 ? -6.110  -9.835  -1.991  1.00 22.79 ? 19  ASN A OD1 1 
ATOM   121  N ND2 . ASN A 1 14 ? -4.866  -8.563  -3.374  1.00 20.82 ? 19  ASN A ND2 1 
ATOM   122  N N   . SER A 1 15 ? -3.275  -10.946 -4.732  1.00 14.71 ? 20  SER A N   1 
ATOM   123  C CA  . SER A 1 15 ? -2.741  -10.669 -6.059  1.00 14.40 ? 20  SER A CA  1 
ATOM   124  C C   . SER A 1 15 ? -2.279  -9.209  -6.233  1.00 14.16 ? 20  SER A C   1 
ATOM   125  O O   . SER A 1 15 ? -1.630  -8.883  -7.223  1.00 14.59 ? 20  SER A O   1 
ATOM   126  C CB  . SER A 1 15 ? -3.783  -11.012 -7.131  1.00 14.64 ? 20  SER A CB  1 
ATOM   127  O OG  . SER A 1 15 ? -4.951  -10.217 -7.002  1.00 15.16 ? 20  SER A OG  1 
ATOM   128  N N   . SER A 1 16 ? -2.631  -8.325  -5.296  1.00 13.25 ? 21  SER A N   1 
ATOM   129  C CA  . SER A 1 16 ? -2.182  -6.926  -5.384  1.00 12.47 ? 21  SER A CA  1 
ATOM   130  C C   . SER A 1 16 ? -0.854  -6.747  -4.638  1.00 12.13 ? 21  SER A C   1 
ATOM   131  O O   . SER A 1 16 ? -0.183  -5.714  -4.761  1.00 11.69 ? 21  SER A O   1 
ATOM   132  C CB  . SER A 1 16 ? -3.224  -5.983  -4.784  1.00 12.79 ? 21  SER A CB  1 
ATOM   133  O OG  . SER A 1 16 ? -4.385  -5.959  -5.601  1.00 14.41 ? 21  SER A OG  1 
ATOM   134  N N   . GLU A 1 17 ? -0.499  -7.754  -3.848  1.00 11.69 ? 22  GLU A N   1 
ATOM   135  C CA  . GLU A 1 17 ? 0.744   -7.730  -3.088  1.00 12.33 ? 22  GLU A CA  1 
ATOM   136  C C   . GLU A 1 17 ? 1.816   -8.392  -3.945  1.00 12.86 ? 22  GLU A C   1 
ATOM   137  O O   . GLU A 1 17 ? 1.510   -9.253  -4.767  1.00 14.11 ? 22  GLU A O   1 
ATOM   138  C CB  . GLU A 1 17 ? 0.549   -8.479  -1.760  1.00 12.88 ? 22  GLU A CB  1 
ATOM   139  C CG  . GLU A 1 17 ? -0.346  -7.720  -0.787  1.00 13.21 ? 22  GLU A CG  1 
ATOM   140  C CD  . GLU A 1 17 ? -0.740  -8.529  0.432   1.00 15.94 ? 22  GLU A CD  1 
ATOM   141  O OE1 . GLU A 1 17 ? -0.140  -9.600  0.655   1.00 16.04 ? 22  GLU A OE1 1 
ATOM   142  O OE2 . GLU A 1 17 ? -1.657  -8.085  1.171   1.00 14.62 ? 22  GLU A OE2 1 
ATOM   143  N N   . LEU A 1 18 ? 3.067   -7.985  -3.755  1.00 13.05 ? 23  LEU A N   1 
ATOM   144  C CA  . LEU A 1 18 ? 4.193   -8.525  -4.519  1.00 13.63 ? 23  LEU A CA  1 
ATOM   145  C C   . LEU A 1 18 ? 5.119   -9.302  -3.582  1.00 13.19 ? 23  LEU A C   1 
ATOM   146  O O   . LEU A 1 18 ? 5.628   -8.742  -2.613  1.00 12.71 ? 23  LEU A O   1 
ATOM   147  C CB  . LEU A 1 18 ? 4.999   -7.372  -5.151  1.00 14.80 ? 23  LEU A CB  1 
ATOM   148  C CG  . LEU A 1 18 ? 5.506   -7.405  -6.607  1.00 16.75 ? 23  LEU A CG  1 
ATOM   149  C CD1 . LEU A 1 18 ? 6.886   -6.735  -6.649  1.00 17.76 ? 23  LEU A CD1 1 
ATOM   150  C CD2 . LEU A 1 18 ? 5.573   -8.791  -7.163  1.00 16.11 ? 23  LEU A CD2 1 
ATOM   151  N N   . SER A 1 19 ? 5.327   -10.587 -3.854  1.00 13.54 ? 24  SER A N   1 
ATOM   152  C CA  . SER A 1 19 ? 6.224   -11.395 -3.026  1.00 13.64 ? 24  SER A CA  1 
ATOM   153  C C   . SER A 1 19 ? 7.649   -10.940 -3.288  1.00 13.89 ? 24  SER A C   1 
ATOM   154  O O   . SER A 1 19 ? 8.001   -10.660 -4.430  1.00 14.94 ? 24  SER A O   1 
ATOM   155  C CB  . SER A 1 19 ? 6.107   -12.879 -3.388  1.00 13.67 ? 24  SER A CB  1 
ATOM   156  O OG  . SER A 1 19 ? 4.953   -13.465 -2.822  1.00 13.88 ? 24  SER A OG  1 
ATOM   157  N N   . VAL A 1 20 ? 8.463   -10.852 -2.240  1.00 14.26 ? 25  VAL A N   1 
ATOM   158  C CA  . VAL A 1 20 ? 9.855   -10.449 -2.397  1.00 15.04 ? 25  VAL A CA  1 
ATOM   159  C C   . VAL A 1 20 ? 10.770  -11.295 -1.530  1.00 15.70 ? 25  VAL A C   1 
ATOM   160  O O   . VAL A 1 20 ? 10.345  -11.904 -0.541  1.00 15.73 ? 25  VAL A O   1 
ATOM   161  C CB  . VAL A 1 20 ? 10.089  -8.942  -2.075  1.00 15.22 ? 25  VAL A CB  1 
ATOM   162  C CG1 . VAL A 1 20 ? 9.113   -8.083  -2.867  1.00 15.71 ? 25  VAL A CG1 1 
ATOM   163  C CG2 . VAL A 1 20 ? 9.965   -8.675  -0.599  1.00 16.32 ? 25  VAL A CG2 1 
ATOM   164  N N   . MET A 1 21 ? 12.032  -11.365 -1.934  1.00 16.64 ? 26  MET A N   1 
ATOM   165  C CA  . MET A 1 21 ? 13.020  -12.132 -1.201  1.00 17.63 ? 26  MET A CA  1 
ATOM   166  C C   . MET A 1 21 ? 14.025  -11.177 -0.586  1.00 16.80 ? 26  MET A C   1 
ATOM   167  O O   . MET A 1 21 ? 14.251  -10.080 -1.099  1.00 16.84 ? 26  MET A O   1 
ATOM   168  C CB  . MET A 1 21 ? 13.759  -13.105 -2.138  1.00 19.87 ? 26  MET A CB  1 
ATOM   169  C CG  . MET A 1 21 ? 12.890  -14.175 -2.765  1.00 22.70 ? 26  MET A CG  1 
ATOM   170  S SD  . MET A 1 21 ? 12.084  -15.199 -1.529  1.00 27.57 ? 26  MET A SD  1 
ATOM   171  C CE  . MET A 1 21 ? 13.494  -16.036 -0.786  1.00 26.34 ? 26  MET A CE  1 
ATOM   172  N N   . LYS A 1 22 ? 14.619  -11.600 0.522   1.00 16.74 ? 27  LYS A N   1 
ATOM   173  C CA  . LYS A 1 22 ? 15.631  -10.806 1.191   1.00 17.53 ? 27  LYS A CA  1 
ATOM   174  C C   . LYS A 1 22 ? 16.722  -10.471 0.176   1.00 17.39 ? 27  LYS A C   1 
ATOM   175  O O   . LYS A 1 22 ? 17.110  -11.325 -0.616  1.00 17.14 ? 27  LYS A O   1 
ATOM   176  C CB  . LYS A 1 22 ? 16.254  -11.598 2.333   1.00 19.30 ? 27  LYS A CB  1 
ATOM   177  C CG  . LYS A 1 22 ? 17.368  -10.856 3.020   1.00 20.81 ? 27  LYS A CG  1 
ATOM   178  C CD  . LYS A 1 22 ? 18.378  -11.812 3.581   1.00 23.36 ? 27  LYS A CD  1 
ATOM   179  C CE  . LYS A 1 22 ? 19.572  -11.057 4.119   1.00 24.96 ? 27  LYS A CE  1 
ATOM   180  N NZ  . LYS A 1 22 ? 20.691  -11.990 4.341   1.00 26.03 ? 27  LYS A NZ  1 
ATOM   181  N N   . ASP A 1 23 ? 17.197  -9.231  0.221   1.00 17.70 ? 28  ASP A N   1 
ATOM   182  C CA  . ASP A 1 23 ? 18.243  -8.706  -0.661  1.00 18.19 ? 28  ASP A CA  1 
ATOM   183  C C   . ASP A 1 23 ? 17.776  -8.278  -2.045  1.00 18.08 ? 28  ASP A C   1 
ATOM   184  O O   . ASP A 1 23 ? 18.588  -7.823  -2.847  1.00 17.56 ? 28  ASP A O   1 
ATOM   185  C CB  . ASP A 1 23 ? 19.402  -9.697  -0.816  1.00 20.03 ? 28  ASP A CB  1 
ATOM   186  C CG  . ASP A 1 23 ? 20.209  -9.856  0.454   1.00 22.25 ? 28  ASP A CG  1 
ATOM   187  O OD1 . ASP A 1 23 ? 20.379  -8.861  1.191   1.00 23.50 ? 28  ASP A OD1 1 
ATOM   188  O OD2 . ASP A 1 23 ? 20.687  -10.984 0.709   1.00 25.54 ? 28  ASP A OD2 1 
ATOM   189  N N   . ASP A 1 24 ? 16.484  -8.428  -2.334  1.00 16.63 ? 29  ASP A N   1 
ATOM   190  C CA  . ASP A 1 24 ? 15.955  -8.010  -3.626  1.00 16.56 ? 29  ASP A CA  1 
ATOM   191  C C   . ASP A 1 24 ? 16.016  -6.491  -3.681  1.00 15.92 ? 29  ASP A C   1 
ATOM   192  O O   . ASP A 1 24 ? 15.729  -5.817  -2.691  1.00 15.06 ? 29  ASP A O   1 
ATOM   193  C CB  . ASP A 1 24 ? 14.477  -8.398  -3.798  1.00 17.17 ? 29  ASP A CB  1 
ATOM   194  C CG  . ASP A 1 24 ? 14.277  -9.816  -4.281  1.00 17.85 ? 29  ASP A CG  1 
ATOM   195  O OD1 . ASP A 1 24 ? 15.252  -10.467 -4.700  1.00 18.02 ? 29  ASP A OD1 1 
ATOM   196  O OD2 . ASP A 1 24 ? 13.114  -10.274 -4.246  1.00 18.85 ? 29  ASP A OD2 1 
ATOM   197  N N   . VAL A 1 25 ? 16.372  -5.962  -4.846  1.00 15.46 ? 30  VAL A N   1 
ATOM   198  C CA  . VAL A 1 25 ? 16.407  -4.530  -5.054  1.00 15.93 ? 30  VAL A CA  1 
ATOM   199  C C   . VAL A 1 25 ? 15.119  -4.158  -5.773  1.00 16.41 ? 30  VAL A C   1 
ATOM   200  O O   . VAL A 1 25 ? 14.836  -4.665  -6.863  1.00 16.05 ? 30  VAL A O   1 
ATOM   201  C CB  . VAL A 1 25 ? 17.600  -4.108  -5.935  1.00 16.94 ? 30  VAL A CB  1 
ATOM   202  C CG1 . VAL A 1 25 ? 17.444  -2.641  -6.337  1.00 17.84 ? 30  VAL A CG1 1 
ATOM   203  C CG2 . VAL A 1 25 ? 18.893  -4.302  -5.164  1.00 17.74 ? 30  VAL A CG2 1 
ATOM   204  N N   . LEU A 1 26 ? 14.337  -3.272  -5.168  1.00 16.73 ? 31  LEU A N   1 
ATOM   205  C CA  . LEU A 1 26 ? 13.071  -2.852  -5.755  1.00 17.66 ? 31  LEU A CA  1 
ATOM   206  C C   . LEU A 1 26 ? 13.064  -1.362  -6.092  1.00 17.58 ? 31  LEU A C   1 
ATOM   207  O O   . LEU A 1 26 ? 13.663  -0.555  -5.386  1.00 17.62 ? 31  LEU A O   1 
ATOM   208  C CB  . LEU A 1 26 ? 11.915  -3.122  -4.777  1.00 18.53 ? 31  LEU A CB  1 
ATOM   209  C CG  . LEU A 1 26 ? 11.609  -4.531  -4.248  1.00 19.17 ? 31  LEU A CG  1 
ATOM   210  C CD1 . LEU A 1 26 ? 11.381  -5.498  -5.389  1.00 20.14 ? 31  LEU A CD1 1 
ATOM   211  C CD2 . LEU A 1 26 ? 12.743  -4.998  -3.371  1.00 20.70 ? 31  LEU A CD2 1 
ATOM   212  N N   . GLU A 1 27 ? 12.356  -1.012  -7.161  1.00 17.65 ? 32  GLU A N   1 
ATOM   213  C CA  . GLU A 1 27 ? 12.206  0.369   -7.591  1.00 18.83 ? 32  GLU A CA  1 
ATOM   214  C C   . GLU A 1 27 ? 10.946  0.880   -6.890  1.00 19.02 ? 32  GLU A C   1 
ATOM   215  O O   . GLU A 1 27 ? 9.903   0.240   -6.975  1.00 18.38 ? 32  GLU A O   1 
ATOM   216  C CB  . GLU A 1 27 ? 12.008  0.424   -9.109  1.00 20.37 ? 32  GLU A CB  1 
ATOM   217  C CG  . GLU A 1 27 ? 12.127  1.820   -9.693  1.00 23.50 ? 32  GLU A CG  1 
ATOM   218  C CD  . GLU A 1 27 ? 11.756  1.872   -11.162 1.00 24.82 ? 32  GLU A CD  1 
ATOM   219  O OE1 . GLU A 1 27 ? 12.071  0.906   -11.890 1.00 27.68 ? 32  GLU A OE1 1 
ATOM   220  O OE2 . GLU A 1 27 ? 11.165  2.885   -11.589 1.00 25.55 ? 32  GLU A OE2 1 
ATOM   221  N N   . ILE A 1 28 ? 11.038  2.013   -6.198  1.00 19.61 ? 33  ILE A N   1 
ATOM   222  C CA  . ILE A 1 28 ? 9.882   2.571   -5.492  1.00 21.06 ? 33  ILE A CA  1 
ATOM   223  C C   . ILE A 1 28 ? 9.096   3.497   -6.416  1.00 22.28 ? 33  ILE A C   1 
ATOM   224  O O   . ILE A 1 28 ? 9.661   4.417   -7.017  1.00 21.79 ? 33  ILE A O   1 
ATOM   225  C CB  . ILE A 1 28 ? 10.316  3.369   -4.246  1.00 21.00 ? 33  ILE A CB  1 
ATOM   226  C CG1 . ILE A 1 28 ? 11.275  2.530   -3.405  1.00 20.63 ? 33  ILE A CG1 1 
ATOM   227  C CG2 . ILE A 1 28 ? 9.106   3.715   -3.392  1.00 21.20 ? 33  ILE A CG2 1 
ATOM   228  C CD1 . ILE A 1 28 ? 11.858  3.279   -2.253  1.00 21.42 ? 33  ILE A CD1 1 
ATOM   229  N N   . LEU A 1 29 ? 7.794   3.245   -6.527  1.00 23.31 ? 34  LEU A N   1 
ATOM   230  C CA  . LEU A 1 29 ? 6.926   4.037   -7.392  1.00 24.89 ? 34  LEU A CA  1 
ATOM   231  C C   . LEU A 1 29 ? 6.072   5.044   -6.610  1.00 26.38 ? 34  LEU A C   1 
ATOM   232  O O   . LEU A 1 29 ? 5.978   4.977   -5.384  1.00 26.75 ? 34  LEU A O   1 
ATOM   233  C CB  . LEU A 1 29 ? 6.012   3.104   -8.186  1.00 24.75 ? 34  LEU A CB  1 
ATOM   234  C CG  . LEU A 1 29 ? 6.665   1.895   -8.861  1.00 24.37 ? 34  LEU A CG  1 
ATOM   235  C CD1 . LEU A 1 29 ? 5.589   0.987   -9.442  1.00 24.30 ? 34  LEU A CD1 1 
ATOM   236  C CD2 . LEU A 1 29 ? 7.627   2.370   -9.942  1.00 24.75 ? 34  LEU A CD2 1 
ATOM   237  N N   . ASP A 1 30 ? 5.445   5.970   -7.331  1.00 28.21 ? 35  ASP A N   1 
ATOM   238  C CA  . ASP A 1 30 ? 4.589   6.996   -6.727  1.00 29.86 ? 35  ASP A CA  1 
ATOM   239  C C   . ASP A 1 30 ? 5.305   7.925   -5.757  1.00 30.36 ? 35  ASP A C   1 
ATOM   240  O O   . ASP A 1 30 ? 4.728   8.342   -4.755  1.00 30.85 ? 35  ASP A O   1 
ATOM   241  C CB  . ASP A 1 30 ? 3.400   6.365   -5.993  1.00 30.85 ? 35  ASP A CB  1 
ATOM   242  C CG  . ASP A 1 30 ? 2.259   6.014   -6.923  1.00 31.80 ? 35  ASP A CG  1 
ATOM   243  O OD1 . ASP A 1 30 ? 2.259   4.892   -7.472  1.00 32.76 ? 35  ASP A OD1 1 
ATOM   244  O OD2 . ASP A 1 30 ? 1.364   6.870   -7.110  1.00 32.19 ? 35  ASP A OD2 1 
ATOM   245  N N   . ASP A 1 31 ? 6.556   8.254   -6.053  1.00 31.13 ? 36  ASP A N   1 
ATOM   246  C CA  . ASP A 1 31 ? 7.330   9.139   -5.186  1.00 31.51 ? 36  ASP A CA  1 
ATOM   247  C C   . ASP A 1 31 ? 7.188   8.755   -3.715  1.00 30.25 ? 36  ASP A C   1 
ATOM   248  O O   . ASP A 1 31 ? 7.060   9.613   -2.846  1.00 29.95 ? 36  ASP A O   1 
ATOM   249  C CB  . ASP A 1 31 ? 6.886   10.592  -5.392  1.00 33.24 ? 36  ASP A CB  1 
ATOM   250  C CG  . ASP A 1 31 ? 7.107   11.068  -6.814  1.00 35.45 ? 36  ASP A CG  1 
ATOM   251  O OD1 . ASP A 1 31 ? 8.284   11.112  -7.248  1.00 37.02 ? 36  ASP A OD1 1 
ATOM   252  O OD2 . ASP A 1 31 ? 6.108   11.391  -7.498  1.00 36.18 ? 36  ASP A OD2 1 
ATOM   253  N N   . ARG A 1 32 ? 7.199   7.454   -3.453  1.00 29.19 ? 37  ARG A N   1 
ATOM   254  C CA  . ARG A 1 32 ? 7.097   6.917   -2.102  1.00 28.14 ? 37  ARG A CA  1 
ATOM   255  C C   . ARG A 1 32 ? 5.805   7.236   -1.342  1.00 26.84 ? 37  ARG A C   1 
ATOM   256  O O   . ARG A 1 32 ? 5.798   7.249   -0.110  1.00 26.05 ? 37  ARG A O   1 
ATOM   257  C CB  . ARG A 1 32 ? 8.290   7.377   -1.264  1.00 29.88 ? 37  ARG A CB  1 
ATOM   258  C CG  . ARG A 1 32 ? 9.642   7.156   -1.932  1.00 31.46 ? 37  ARG A CG  1 
ATOM   259  C CD  . ARG A 1 32 ? 10.763  7.230   -0.904  1.00 33.91 ? 37  ARG A CD  1 
ATOM   260  N NE  . ARG A 1 32 ? 10.569  8.330   0.037   1.00 35.18 ? 37  ARG A NE  1 
ATOM   261  C CZ  . ARG A 1 32 ? 10.529  9.615   -0.303  1.00 36.02 ? 37  ARG A CZ  1 
ATOM   262  N NH1 . ARG A 1 32 ? 10.677  9.978   -1.571  1.00 36.07 ? 37  ARG A NH1 1 
ATOM   263  N NH2 . ARG A 1 32 ? 10.328  10.540  0.630   1.00 36.43 ? 37  ARG A NH2 1 
ATOM   264  N N   . ARG A 1 33 ? 4.715   7.491   -2.057  1.00 25.85 ? 38  ARG A N   1 
ATOM   265  C CA  . ARG A 1 33 ? 3.450   7.776   -1.372  1.00 24.19 ? 38  ARG A CA  1 
ATOM   266  C C   . ARG A 1 33 ? 3.095   6.568   -0.507  1.00 22.62 ? 38  ARG A C   1 
ATOM   267  O O   . ARG A 1 33 ? 3.375   5.439   -0.884  1.00 22.58 ? 38  ARG A O   1 
ATOM   268  C CB  . ARG A 1 33 ? 2.340   8.035   -2.381  1.00 25.65 ? 38  ARG A CB  1 
ATOM   269  C CG  . ARG A 1 33 ? 0.995   8.302   -1.727  1.00 27.76 ? 38  ARG A CG  1 
ATOM   270  C CD  . ARG A 1 33 ? 0.021   8.929   -2.701  1.00 29.36 ? 38  ARG A CD  1 
ATOM   271  N NE  . ARG A 1 33 ? -0.105  8.149   -3.927  1.00 30.65 ? 38  ARG A NE  1 
ATOM   272  C CZ  . ARG A 1 33 ? -0.952  8.441   -4.910  1.00 31.27 ? 38  ARG A CZ  1 
ATOM   273  N NH1 . ARG A 1 33 ? -1.751  9.497   -4.806  1.00 30.72 ? 38  ARG A NH1 1 
ATOM   274  N NH2 . ARG A 1 33 ? -0.996  7.683   -6.001  1.00 32.29 ? 38  ARG A NH2 1 
ATOM   275  N N   . GLN A 1 34 ? 2.479   6.813   0.646   1.00 20.83 ? 39  GLN A N   1 
ATOM   276  C CA  . GLN A 1 34 ? 2.121   5.749   1.576   1.00 19.70 ? 39  GLN A CA  1 
ATOM   277  C C   . GLN A 1 34 ? 0.698   5.243   1.366   1.00 18.36 ? 39  GLN A C   1 
ATOM   278  O O   . GLN A 1 34 ? -0.235  6.034   1.200   1.00 16.78 ? 39  GLN A O   1 
ATOM   279  C CB  . GLN A 1 34 ? 2.256   6.256   3.014   1.00 21.56 ? 39  GLN A CB  1 
ATOM   280  C CG  . GLN A 1 34 ? 3.570   6.961   3.321   1.00 24.71 ? 39  GLN A CG  1 
ATOM   281  C CD  . GLN A 1 34 ? 4.725   5.995   3.489   1.00 25.91 ? 39  GLN A CD  1 
ATOM   282  O OE1 . GLN A 1 34 ? 5.852   6.398   3.785   1.00 27.97 ? 39  GLN A OE1 1 
ATOM   283  N NE2 . GLN A 1 34 ? 4.450   4.714   3.308   1.00 27.31 ? 39  GLN A NE2 1 
ATOM   284  N N   . TRP A 1 35 ? 0.535   3.920   1.405   1.00 16.93 ? 40  TRP A N   1 
ATOM   285  C CA  . TRP A 1 35 ? -0.774  3.296   1.208   1.00 15.07 ? 40  TRP A CA  1 
ATOM   286  C C   . TRP A 1 35 ? -1.179  2.439   2.399   1.00 14.52 ? 40  TRP A C   1 
ATOM   287  O O   . TRP A 1 35 ? -0.331  1.956   3.157   1.00 13.73 ? 40  TRP A O   1 
ATOM   288  C CB  . TRP A 1 35 ? -0.768  2.388   -0.029  1.00 14.69 ? 40  TRP A CB  1 
ATOM   289  C CG  . TRP A 1 35 ? -0.357  3.049   -1.315  1.00 14.36 ? 40  TRP A CG  1 
ATOM   290  C CD1 . TRP A 1 35 ? 0.868   3.567   -1.618  1.00 14.45 ? 40  TRP A CD1 1 
ATOM   291  C CD2 . TRP A 1 35 ? -1.177  3.250   -2.476  1.00 13.63 ? 40  TRP A CD2 1 
ATOM   292  N NE1 . TRP A 1 35 ? 0.866   4.077   -2.898  1.00 13.26 ? 40  TRP A NE1 1 
ATOM   293  C CE2 . TRP A 1 35 ? -0.378  3.898   -3.446  1.00 13.94 ? 40  TRP A CE2 1 
ATOM   294  C CE3 . TRP A 1 35 ? -2.505  2.944   -2.790  1.00 14.22 ? 40  TRP A CE3 1 
ATOM   295  C CZ2 . TRP A 1 35 ? -0.868  4.244   -4.705  1.00 14.08 ? 40  TRP A CZ2 1 
ATOM   296  C CZ3 . TRP A 1 35 ? -2.994  3.289   -4.051  1.00 14.45 ? 40  TRP A CZ3 1 
ATOM   297  C CH2 . TRP A 1 35 ? -2.175  3.932   -4.989  1.00 14.50 ? 40  TRP A CH2 1 
ATOM   298  N N   . TRP A 1 36 ? -2.487  2.262   2.558   1.00 14.42 ? 41  TRP A N   1 
ATOM   299  C CA  . TRP A 1 36 ? -3.024  1.416   3.609   1.00 14.57 ? 41  TRP A CA  1 
ATOM   300  C C   . TRP A 1 36 ? -3.852  0.325   2.968   1.00 14.29 ? 41  TRP A C   1 
ATOM   301  O O   . TRP A 1 36 ? -4.417  0.515   1.890   1.00 13.97 ? 41  TRP A O   1 
ATOM   302  C CB  . TRP A 1 36 ? -3.949  2.182   4.554   1.00 16.77 ? 41  TRP A CB  1 
ATOM   303  C CG  . TRP A 1 36 ? -3.254  2.948   5.617   1.00 20.48 ? 41  TRP A CG  1 
ATOM   304  C CD1 . TRP A 1 36 ? -1.997  2.735   6.094   1.00 21.77 ? 41  TRP A CD1 1 
ATOM   305  C CD2 . TRP A 1 36 ? -3.800  4.022   6.379   1.00 22.03 ? 41  TRP A CD2 1 
ATOM   306  N NE1 . TRP A 1 36 ? -1.724  3.614   7.113   1.00 23.53 ? 41  TRP A NE1 1 
ATOM   307  C CE2 . TRP A 1 36 ? -2.815  4.417   7.307   1.00 22.95 ? 41  TRP A CE2 1 
ATOM   308  C CE3 . TRP A 1 36 ? -5.027  4.689   6.371   1.00 22.84 ? 41  TRP A CE3 1 
ATOM   309  C CZ2 . TRP A 1 36 ? -3.022  5.455   8.220   1.00 24.04 ? 41  TRP A CZ2 1 
ATOM   310  C CZ3 . TRP A 1 36 ? -5.235  5.717   7.277   1.00 23.82 ? 41  TRP A CZ3 1 
ATOM   311  C CH2 . TRP A 1 36 ? -4.236  6.089   8.189   1.00 23.80 ? 41  TRP A CH2 1 
ATOM   312  N N   . LYS A 1 37 ? -3.907  -0.819  3.633   1.00 14.10 ? 42  LYS A N   1 
ATOM   313  C CA  . LYS A 1 37 ? -4.717  -1.923  3.169   1.00 14.64 ? 42  LYS A CA  1 
ATOM   314  C C   . LYS A 1 37 ? -6.033  -1.623  3.857   1.00 14.59 ? 42  LYS A C   1 
ATOM   315  O O   . LYS A 1 37 ? -6.045  -1.316  5.050   1.00 14.66 ? 42  LYS A O   1 
ATOM   316  C CB  . LYS A 1 37 ? -4.158  -3.255  3.665   1.00 15.41 ? 42  LYS A CB  1 
ATOM   317  C CG  . LYS A 1 37 ? -4.842  -4.463  3.057   1.00 17.39 ? 42  LYS A CG  1 
ATOM   318  C CD  . LYS A 1 37 ? -4.131  -5.737  3.468   1.00 19.73 ? 42  LYS A CD  1 
ATOM   319  C CE  . LYS A 1 37 ? -4.648  -6.930  2.681   1.00 21.95 ? 42  LYS A CE  1 
ATOM   320  N NZ  . LYS A 1 37 ? -3.805  -8.131  2.910   1.00 22.85 ? 42  LYS A NZ  1 
ATOM   321  N N   . VAL A 1 38 ? -7.130  -1.681  3.109   1.00 15.18 ? 43  VAL A N   1 
ATOM   322  C CA  . VAL A 1 38 ? -8.442  -1.379  3.676   1.00 15.23 ? 43  VAL A CA  1 
ATOM   323  C C   . VAL A 1 38 ? -9.484  -2.364  3.139   1.00 16.47 ? 43  VAL A C   1 
ATOM   324  O O   . VAL A 1 38 ? -9.216  -3.120  2.202   1.00 15.43 ? 43  VAL A O   1 
ATOM   325  C CB  . VAL A 1 38 ? -8.903  0.060   3.294   1.00 15.06 ? 43  VAL A CB  1 
ATOM   326  C CG1 . VAL A 1 38 ? -7.937  1.101   3.823   1.00 14.81 ? 43  VAL A CG1 1 
ATOM   327  C CG2 . VAL A 1 38 ? -9.017  0.183   1.766   1.00 14.87 ? 43  VAL A CG2 1 
ATOM   328  N N   . ARG A 1 39 ? -10.667 -2.367  3.752   1.00 17.76 ? 44  ARG A N   1 
ATOM   329  C CA  . ARG A 1 39 ? -11.757 -3.233  3.304   1.00 19.99 ? 44  ARG A CA  1 
ATOM   330  C C   . ARG A 1 39 ? -12.979 -2.319  3.226   1.00 20.30 ? 44  ARG A C   1 
ATOM   331  O O   . ARG A 1 39 ? -13.293 -1.646  4.204   1.00 20.48 ? 44  ARG A O   1 
ATOM   332  C CB  . ARG A 1 39 ? -12.011 -4.376  4.302   1.00 21.16 ? 44  ARG A CB  1 
ATOM   333  C CG  . ARG A 1 39 ? -13.029 -5.407  3.799   1.00 23.20 ? 44  ARG A CG  1 
ATOM   334  C CD  . ARG A 1 39 ? -13.373 -6.467  4.841   1.00 24.74 ? 44  ARG A CD  1 
ATOM   335  N NE  . ARG A 1 39 ? -12.218 -7.252  5.281   1.00 26.83 ? 44  ARG A NE  1 
ATOM   336  C CZ  . ARG A 1 39 ? -11.547 -8.115  4.516   1.00 27.72 ? 44  ARG A CZ  1 
ATOM   337  N NH1 . ARG A 1 39 ? -11.909 -8.325  3.255   1.00 28.19 ? 44  ARG A NH1 1 
ATOM   338  N NH2 . ARG A 1 39 ? -10.506 -8.768  5.015   1.00 28.48 ? 44  ARG A NH2 1 
ATOM   339  N N   . ASN A 1 40 ? -13.642 -2.273  2.071   1.00 20.84 ? 45  ASN A N   1 
ATOM   340  C CA  . ASN A 1 40 ? -14.804 -1.403  1.895   1.00 22.82 ? 45  ASN A CA  1 
ATOM   341  C C   . ASN A 1 40 ? -16.094 -2.013  2.421   1.00 24.05 ? 45  ASN A C   1 
ATOM   342  O O   . ASN A 1 40 ? -16.091 -3.122  2.945   1.00 23.94 ? 45  ASN A O   1 
ATOM   343  C CB  . ASN A 1 40 ? -14.989 -0.995  0.419   1.00 23.34 ? 45  ASN A CB  1 
ATOM   344  C CG  . ASN A 1 40 ? -15.195 -2.183  -0.519  1.00 24.08 ? 45  ASN A CG  1 
ATOM   345  O OD1 . ASN A 1 40 ? -15.619 -3.256  -0.107  1.00 25.51 ? 45  ASN A OD1 1 
ATOM   346  N ND2 . ASN A 1 40 ? -14.918 -1.975  -1.800  1.00 23.84 ? 45  ASN A ND2 1 
ATOM   347  N N   . ALA A 1 41 ? -17.189 -1.267  2.289   1.00 25.77 ? 46  ALA A N   1 
ATOM   348  C CA  . ALA A 1 41 ? -18.503 -1.708  2.761   1.00 27.67 ? 46  ALA A CA  1 
ATOM   349  C C   . ALA A 1 41 ? -18.931 -3.024  2.122   1.00 28.45 ? 46  ALA A C   1 
ATOM   350  O O   . ALA A 1 41 ? -19.652 -3.818  2.730   1.00 29.21 ? 46  ALA A O   1 
ATOM   351  C CB  . ALA A 1 41 ? -19.549 -0.622  2.473   1.00 27.31 ? 46  ALA A CB  1 
ATOM   352  N N   . SER A 1 42 ? -18.478 -3.236  0.890   1.00 29.47 ? 47  SER A N   1 
ATOM   353  C CA  . SER A 1 42 ? -18.788 -4.428  0.108   1.00 30.58 ? 47  SER A CA  1 
ATOM   354  C C   . SER A 1 42 ? -17.991 -5.654  0.561   1.00 30.40 ? 47  SER A C   1 
ATOM   355  O O   . SER A 1 42 ? -18.237 -6.768  0.100   1.00 31.26 ? 47  SER A O   1 
ATOM   356  C CB  . SER A 1 42 ? -18.521 -4.133  -1.375  1.00 31.01 ? 47  SER A CB  1 
ATOM   357  O OG  . SER A 1 42 ? -18.371 -5.320  -2.131  1.00 33.98 ? 47  SER A OG  1 
ATOM   358  N N   . GLY A 1 43 ? -17.037 -5.444  1.461   1.00 29.99 ? 48  GLY A N   1 
ATOM   359  C CA  . GLY A 1 43 ? -16.236 -6.544  1.964   1.00 29.23 ? 48  GLY A CA  1 
ATOM   360  C C   . GLY A 1 43 ? -14.965 -6.806  1.182   1.00 28.89 ? 48  GLY A C   1 
ATOM   361  O O   . GLY A 1 43 ? -14.166 -7.657  1.564   1.00 29.15 ? 48  GLY A O   1 
ATOM   362  N N   . ASP A 1 44 ? -14.781 -6.082  0.083   1.00 28.28 ? 49  ASP A N   1 
ATOM   363  C CA  . ASP A 1 44 ? -13.592 -6.237  -0.747  1.00 28.14 ? 49  ASP A CA  1 
ATOM   364  C C   . ASP A 1 44 ? -12.388 -5.592  -0.060  1.00 27.15 ? 49  ASP A C   1 
ATOM   365  O O   . ASP A 1 44 ? -12.522 -4.596  0.656   1.00 26.66 ? 49  ASP A O   1 
ATOM   366  C CB  . ASP A 1 44 ? -13.813 -5.594  -2.120  1.00 29.09 ? 49  ASP A CB  1 
ATOM   367  C CG  . ASP A 1 44 ? -14.860 -6.324  -2.947  1.00 30.96 ? 49  ASP A CG  1 
ATOM   368  O OD1 . ASP A 1 44 ? -14.930 -7.567  -2.859  1.00 31.86 ? 49  ASP A OD1 1 
ATOM   369  O OD2 . ASP A 1 44 ? -15.608 -5.655  -3.693  1.00 32.00 ? 49  ASP A OD2 1 
ATOM   370  N N   . SER A 1 45 ? -11.216 -6.169  -0.298  1.00 25.74 ? 50  SER A N   1 
ATOM   371  C CA  . SER A 1 45 ? -9.968  -5.693  0.279   1.00 24.68 ? 50  SER A CA  1 
ATOM   372  C C   . SER A 1 45 ? -9.164  -4.962  -0.802  1.00 23.33 ? 50  SER A C   1 
ATOM   373  O O   . SER A 1 45 ? -9.287  -5.277  -1.984  1.00 23.30 ? 50  SER A O   1 
ATOM   374  C CB  . SER A 1 45 ? -9.178  -6.894  0.809   1.00 25.66 ? 50  SER A CB  1 
ATOM   375  O OG  . SER A 1 45 ? -8.009  -6.495  1.488   1.00 27.41 ? 50  SER A OG  1 
ATOM   376  N N   . GLY A 1 46 ? -8.348  -3.989  -0.401  1.00 20.87 ? 51  GLY A N   1 
ATOM   377  C CA  . GLY A 1 46 ? -7.554  -3.264  -1.376  1.00 18.84 ? 51  GLY A CA  1 
ATOM   378  C C   . GLY A 1 46 ? -6.630  -2.217  -0.782  1.00 17.18 ? 51  GLY A C   1 
ATOM   379  O O   . GLY A 1 46 ? -6.560  -2.057  0.439   1.00 16.68 ? 51  GLY A O   1 
ATOM   380  N N   . PHE A 1 47 ? -5.903  -1.518  -1.653  1.00 15.08 ? 52  PHE A N   1 
ATOM   381  C CA  . PHE A 1 47 ? -4.975  -0.467  -1.250  1.00 14.00 ? 52  PHE A CA  1 
ATOM   382  C C   . PHE A 1 47 ? -5.440  0.915   -1.716  1.00 12.96 ? 52  PHE A C   1 
ATOM   383  O O   . PHE A 1 47 ? -5.858  1.086   -2.872  1.00 13.36 ? 52  PHE A O   1 
ATOM   384  C CB  . PHE A 1 47 ? -3.589  -0.759  -1.833  1.00 13.78 ? 52  PHE A CB  1 
ATOM   385  C CG  . PHE A 1 47 ? -2.947  -1.962  -1.244  1.00 13.53 ? 52  PHE A CG  1 
ATOM   386  C CD1 . PHE A 1 47 ? -2.303  -1.883  -0.013  1.00 12.58 ? 52  PHE A CD1 1 
ATOM   387  C CD2 . PHE A 1 47 ? -3.039  -3.197  -1.881  1.00 14.24 ? 52  PHE A CD2 1 
ATOM   388  C CE1 . PHE A 1 47 ? -1.767  -3.025  0.578   1.00 13.99 ? 52  PHE A CE1 1 
ATOM   389  C CE2 . PHE A 1 47 ? -2.505  -4.342  -1.293  1.00 13.76 ? 52  PHE A CE2 1 
ATOM   390  C CZ  . PHE A 1 47 ? -1.867  -4.253  -0.060  1.00 12.75 ? 52  PHE A CZ  1 
ATOM   391  N N   . VAL A 1 48 ? -5.357  1.885   -0.803  1.00 12.62 ? 53  VAL A N   1 
ATOM   392  C CA  . VAL A 1 48 ? -5.741  3.284   -1.047  1.00 13.19 ? 53  VAL A CA  1 
ATOM   393  C C   . VAL A 1 48 ? -4.664  4.197   -0.421  1.00 13.48 ? 53  VAL A C   1 
ATOM   394  O O   . VAL A 1 48 ? -4.096  3.859   0.614   1.00 12.50 ? 53  VAL A O   1 
ATOM   395  C CB  . VAL A 1 48 ? -7.108  3.609   -0.360  1.00 13.40 ? 53  VAL A CB  1 
ATOM   396  C CG1 . VAL A 1 48 ? -7.464  5.075   -0.547  1.00 14.99 ? 53  VAL A CG1 1 
ATOM   397  C CG2 . VAL A 1 48 ? -8.207  2.728   -0.927  1.00 13.68 ? 53  VAL A CG2 1 
ATOM   398  N N   . PRO A 1 49 ? -4.375  5.362   -1.034  1.00 14.62 ? 54  PRO A N   1 
ATOM   399  C CA  . PRO A 1 49 ? -3.355  6.249   -0.441  1.00 15.10 ? 54  PRO A CA  1 
ATOM   400  C C   . PRO A 1 49 ? -3.879  6.712   0.916   1.00 15.56 ? 54  PRO A C   1 
ATOM   401  O O   . PRO A 1 49 ? -5.065  7.009   1.041   1.00 15.46 ? 54  PRO A O   1 
ATOM   402  C CB  . PRO A 1 49 ? -3.279  7.415   -1.430  1.00 14.93 ? 54  PRO A CB  1 
ATOM   403  C CG  . PRO A 1 49 ? -3.702  6.805   -2.727  1.00 16.42 ? 54  PRO A CG  1 
ATOM   404  C CD  . PRO A 1 49 ? -4.858  5.900   -2.317  1.00 14.16 ? 54  PRO A CD  1 
ATOM   405  N N   . ASN A 1 50 ? -3.023  6.796   1.932   1.00 16.30 ? 55  ASN A N   1 
ATOM   406  C CA  . ASN A 1 50 ? -3.546  7.207   3.225   1.00 17.14 ? 55  ASN A CA  1 
ATOM   407  C C   . ASN A 1 50 ? -3.741  8.701   3.430   1.00 16.73 ? 55  ASN A C   1 
ATOM   408  O O   . ASN A 1 50 ? -4.328  9.097   4.428   1.00 16.03 ? 55  ASN A O   1 
ATOM   409  C CB  . ASN A 1 50 ? -2.708  6.641   4.375   1.00 19.09 ? 55  ASN A CB  1 
ATOM   410  C CG  . ASN A 1 50 ? -1.284  7.138   4.371   1.00 21.10 ? 55  ASN A CG  1 
ATOM   411  O OD1 . ASN A 1 50 ? -0.987  8.217   3.870   1.00 22.73 ? 55  ASN A OD1 1 
ATOM   412  N ND2 . ASN A 1 50 ? -0.388  6.348   4.958   1.00 23.95 ? 55  ASN A ND2 1 
ATOM   413  N N   . ASN A 1 51 ? -3.279  9.535   2.501   1.00 15.75 ? 56  ASN A N   1 
ATOM   414  C CA  . ASN A 1 51 ? -3.460  10.964  2.715   1.00 17.12 ? 56  ASN A CA  1 
ATOM   415  C C   . ASN A 1 51 ? -4.785  11.567  2.257   1.00 17.02 ? 56  ASN A C   1 
ATOM   416  O O   . ASN A 1 51 ? -4.941  12.789  2.264   1.00 17.97 ? 56  ASN A O   1 
ATOM   417  C CB  . ASN A 1 51 ? -2.272  11.778  2.159   1.00 17.43 ? 56  ASN A CB  1 
ATOM   418  C CG  . ASN A 1 51 ? -2.100  11.675  0.652   1.00 19.70 ? 56  ASN A CG  1 
ATOM   419  O OD1 . ASN A 1 51 ? -1.191  12.305  0.093   1.00 22.07 ? 56  ASN A OD1 1 
ATOM   420  N ND2 . ASN A 1 51 ? -2.938  10.901  -0.011  1.00 17.77 ? 56  ASN A ND2 1 
ATOM   421  N N   . ILE A 1 52 ? -5.738  10.721  1.872   1.00 16.16 ? 57  ILE A N   1 
ATOM   422  C CA  . ILE A 1 52 ? -7.049  11.215  1.459   1.00 16.25 ? 57  ILE A CA  1 
ATOM   423  C C   . ILE A 1 52 ? -8.093  10.743  2.463   1.00 15.60 ? 57  ILE A C   1 
ATOM   424  O O   . ILE A 1 52 ? -9.287  10.966  2.282   1.00 15.38 ? 57  ILE A O   1 
ATOM   425  C CB  . ILE A 1 52 ? -7.466  10.716  0.046   1.00 16.78 ? 57  ILE A CB  1 
ATOM   426  C CG1 . ILE A 1 52 ? -7.507  9.191   0.014   1.00 17.07 ? 57  ILE A CG1 1 
ATOM   427  C CG2 . ILE A 1 52 ? -6.520  11.288  -1.014  1.00 17.32 ? 57  ILE A CG2 1 
ATOM   428  C CD1 . ILE A 1 52 ? -8.149  8.629   -1.237  1.00 17.81 ? 57  ILE A CD1 1 
ATOM   429  N N   . LEU A 1 53 ? -7.633  10.121  3.541   1.00 15.53 ? 58  LEU A N   1 
ATOM   430  C CA  . LEU A 1 53 ? -8.548  9.588   4.551   1.00 15.80 ? 58  LEU A CA  1 
ATOM   431  C C   . LEU A 1 53 ? -8.535  10.343  5.865   1.00 16.17 ? 58  LEU A C   1 
ATOM   432  O O   . LEU A 1 53 ? -7.497  10.839  6.291   1.00 16.17 ? 58  LEU A O   1 
ATOM   433  C CB  . LEU A 1 53 ? -8.201  8.126   4.841   1.00 15.65 ? 58  LEU A CB  1 
ATOM   434  C CG  . LEU A 1 53 ? -8.086  7.164   3.654   1.00 16.35 ? 58  LEU A CG  1 
ATOM   435  C CD1 . LEU A 1 53 ? -7.717  5.780   4.169   1.00 15.73 ? 58  LEU A CD1 1 
ATOM   436  C CD2 . LEU A 1 53 ? -9.400  7.115   2.891   1.00 16.45 ? 58  LEU A CD2 1 
ATOM   437  N N   . ASP A 1 54 ? -9.700  10.430  6.507   1.00 15.95 ? 59  ASP A N   1 
ATOM   438  C CA  . ASP A 1 54 ? -9.797  11.080  7.808   1.00 16.66 ? 59  ASP A CA  1 
ATOM   439  C C   . ASP A 1 54 ? -10.140 9.966   8.795   1.00 16.82 ? 59  ASP A C   1 
ATOM   440  O O   . ASP A 1 54 ? -11.141 9.272   8.620   1.00 16.35 ? 59  ASP A O   1 
ATOM   441  C CB  . ASP A 1 54 ? -10.919 12.140  7.850   1.00 17.27 ? 59  ASP A CB  1 
ATOM   442  C CG  . ASP A 1 54 ? -10.660 13.322  6.928   1.00 18.52 ? 59  ASP A CG  1 
ATOM   443  O OD1 . ASP A 1 54 ? -9.481  13.662  6.673   1.00 18.76 ? 59  ASP A OD1 1 
ATOM   444  O OD2 . ASP A 1 54 ? -11.653 13.931  6.470   1.00 19.14 ? 59  ASP A OD2 1 
ATOM   445  N N   . ILE A 1 55 ? -9.306  9.776   9.812   1.00 17.08 ? 60  ILE A N   1 
ATOM   446  C CA  . ILE A 1 55 ? -9.563  8.743   10.813  1.00 18.51 ? 60  ILE A CA  1 
ATOM   447  C C   . ILE A 1 55 ? -10.881 9.073   11.517  1.00 19.17 ? 60  ILE A C   1 
ATOM   448  O O   . ILE A 1 55 ? -11.249 10.240  11.659  1.00 18.02 ? 60  ILE A O   1 
ATOM   449  C CB  . ILE A 1 55 ? -8.421  8.687   11.864  1.00 18.59 ? 60  ILE A CB  1 
ATOM   450  C CG1 . ILE A 1 55 ? -7.144  8.181   11.202  1.00 20.90 ? 60  ILE A CG1 1 
ATOM   451  C CG2 . ILE A 1 55 ? -8.793  7.775   13.018  1.00 20.35 ? 60  ILE A CG2 1 
ATOM   452  C CD1 . ILE A 1 55 ? -7.305  6.829   10.548  1.00 20.36 ? 60  ILE A CD1 1 
ATOM   453  N N   . MET A 1 56 ? -11.590 8.042   11.951  1.00 20.95 ? 61  MET A N   1 
ATOM   454  C CA  . MET A 1 56 ? -12.858 8.241   12.633  1.00 22.99 ? 61  MET A CA  1 
ATOM   455  C C   . MET A 1 56 ? -12.810 7.532   13.974  1.00 23.50 ? 61  MET A C   1 
ATOM   456  O O   . MET A 1 56 ? -12.267 6.438   14.075  1.00 23.35 ? 61  MET A O   1 
ATOM   457  C CB  . MET A 1 56 ? -13.996 7.653   11.809  1.00 24.77 ? 61  MET A CB  1 
ATOM   458  C CG  . MET A 1 56 ? -15.253 8.447   11.882  1.00 28.47 ? 61  MET A CG  1 
ATOM   459  S SD  . MET A 1 56 ? -15.315 9.650   10.569  1.00 33.22 ? 61  MET A SD  1 
ATOM   460  C CE  . MET A 1 56 ? -16.492 8.823   9.503   1.00 31.51 ? 61  MET A CE  1 
ATOM   461  N N   . ARG A 1 57 ? -13.379 8.153   14.995  1.00 24.14 ? 62  ARG A N   1 
ATOM   462  C CA  . ARG A 1 57 ? -13.400 7.546   16.322  1.00 26.26 ? 62  ARG A CA  1 
ATOM   463  C C   . ARG A 1 57 ? -14.720 7.846   17.016  1.00 26.35 ? 62  ARG A C   1 
ATOM   464  O O   . ARG A 1 57 ? -15.354 8.858   16.735  1.00 25.36 ? 62  ARG A O   1 
ATOM   465  C CB  . ARG A 1 57 ? -12.253 8.086   17.181  1.00 27.55 ? 62  ARG A CB  1 
ATOM   466  C CG  . ARG A 1 57 ? -10.874 7.842   16.600  1.00 31.14 ? 62  ARG A CG  1 
ATOM   467  C CD  . ARG A 1 57 ? -9.775  8.317   17.547  1.00 33.38 ? 62  ARG A CD  1 
ATOM   468  N NE  . ARG A 1 57 ? -8.446  8.161   16.957  1.00 35.89 ? 62  ARG A NE  1 
ATOM   469  C CZ  . ARG A 1 57 ? -7.932  6.997   16.561  1.00 37.28 ? 62  ARG A CZ  1 
ATOM   470  N NH1 . ARG A 1 57 ? -8.635  5.877   16.692  1.00 37.82 ? 62  ARG A NH1 1 
ATOM   471  N NH2 . ARG A 1 57 ? -6.717  6.956   16.024  1.00 37.86 ? 62  ARG A NH2 1 
ATOM   472  N N   . THR A 1 58 ? -15.127 6.950   17.908  1.00 27.90 ? 63  THR A N   1 
ATOM   473  C CA  . THR A 1 58 ? -16.351 7.126   18.682  1.00 29.20 ? 63  THR A CA  1 
ATOM   474  C C   . THR A 1 58 ? -15.931 7.626   20.062  1.00 31.40 ? 63  THR A C   1 
ATOM   475  O O   . THR A 1 58 ? -14.973 7.118   20.650  1.00 31.35 ? 63  THR A O   1 
ATOM   476  C CB  . THR A 1 58 ? -17.104 5.790   18.892  1.00 28.97 ? 63  THR A CB  1 
ATOM   477  O OG1 . THR A 1 58 ? -16.323 4.931   19.733  1.00 28.48 ? 63  THR A OG1 1 
ATOM   478  C CG2 . THR A 1 58 ? -17.342 5.088   17.568  1.00 28.93 ? 63  THR A CG2 1 
ATOM   479  N N   . PRO A 1 59 ? -16.629 8.640   20.594  1.00 32.79 ? 64  PRO A N   1 
ATOM   480  C CA  . PRO A 1 59 ? -16.277 9.155   21.917  1.00 33.68 ? 64  PRO A CA  1 
ATOM   481  C C   . PRO A 1 59 ? -16.375 8.071   22.996  1.00 34.32 ? 64  PRO A C   1 
ATOM   482  O O   . PRO A 1 59 ? -17.080 7.062   22.757  1.00 34.40 ? 64  PRO A O   1 
ATOM   483  C CB  . PRO A 1 59 ? -17.290 10.276  22.121  1.00 34.00 ? 64  PRO A CB  1 
ATOM   484  C CG  . PRO A 1 59 ? -17.446 10.812  20.736  1.00 34.23 ? 64  PRO A CG  1 
ATOM   485  C CD  . PRO A 1 59 ? -17.584 9.540   19.923  1.00 33.70 ? 64  PRO A CD  1 
ATOM   486  N N   . LYS B 1 1  ? -11.112 -2.723  15.723  1.00 33.10 ? 6   LYS B N   1 
ATOM   487  C CA  . LYS B 1 1  ? -11.871 -2.274  14.523  1.00 33.33 ? 6   LYS B CA  1 
ATOM   488  C C   . LYS B 1 1  ? -11.599 -0.795  14.282  1.00 32.99 ? 6   LYS B C   1 
ATOM   489  O O   . LYS B 1 1  ? -12.181 0.061   14.949  1.00 33.58 ? 6   LYS B O   1 
ATOM   490  C CB  . LYS B 1 1  ? -13.371 -2.495  14.740  1.00 34.10 ? 6   LYS B CB  1 
ATOM   491  C CG  . LYS B 1 1  ? -13.795 -3.953  14.736  1.00 35.14 ? 6   LYS B CG  1 
ATOM   492  C CD  . LYS B 1 1  ? -13.987 -4.482  13.320  1.00 35.55 ? 6   LYS B CD  1 
ATOM   493  C CE  . LYS B 1 1  ? -15.173 -3.797  12.652  1.00 35.66 ? 6   LYS B CE  1 
ATOM   494  N NZ  . LYS B 1 1  ? -15.367 -4.236  11.254  1.00 36.05 ? 6   LYS B NZ  1 
ATOM   495  N N   . LYS B 1 2  ? -10.711 -0.504  13.328  1.00 32.04 ? 7   LYS B N   1 
ATOM   496  C CA  . LYS B 1 2  ? -10.341 0.869   12.996  1.00 30.39 ? 7   LYS B CA  1 
ATOM   497  C C   . LYS B 1 2  ? -11.030 1.310   11.705  1.00 28.45 ? 7   LYS B C   1 
ATOM   498  O O   . LYS B 1 2  ? -11.099 0.557   10.736  1.00 26.92 ? 7   LYS B O   1 
ATOM   499  C CB  . LYS B 1 2  ? -8.822  0.976   12.843  1.00 32.25 ? 7   LYS B CB  1 
ATOM   500  C CG  . LYS B 1 2  ? -8.038  0.361   14.005  1.00 33.82 ? 7   LYS B CG  1 
ATOM   501  C CD  . LYS B 1 2  ? -6.532  0.537   13.840  1.00 34.93 ? 7   LYS B CD  1 
ATOM   502  C CE  . LYS B 1 2  ? -6.119  1.980   14.071  1.00 35.32 ? 7   LYS B CE  1 
ATOM   503  N NZ  . LYS B 1 2  ? -4.657  2.155   13.858  1.00 36.64 ? 7   LYS B NZ  1 
ATOM   504  N N   . TYR B 1 3  ? -11.534 2.539   11.698  1.00 26.62 ? 8   TYR B N   1 
ATOM   505  C CA  . TYR B 1 3  ? -12.242 3.063   10.542  1.00 24.04 ? 8   TYR B CA  1 
ATOM   506  C C   . TYR B 1 3  ? -11.762 4.455   10.122  1.00 22.37 ? 8   TYR B C   1 
ATOM   507  O O   . TYR B 1 3  ? -11.186 5.207   10.915  1.00 21.39 ? 8   TYR B O   1 
ATOM   508  C CB  . TYR B 1 3  ? -13.742 3.126   10.845  1.00 25.36 ? 8   TYR B CB  1 
ATOM   509  C CG  . TYR B 1 3  ? -14.458 1.788   10.944  1.00 26.23 ? 8   TYR B CG  1 
ATOM   510  C CD1 . TYR B 1 3  ? -14.810 1.078   9.799   1.00 26.92 ? 8   TYR B CD1 1 
ATOM   511  C CD2 . TYR B 1 3  ? -14.850 1.270   12.182  1.00 27.55 ? 8   TYR B CD2 1 
ATOM   512  C CE1 . TYR B 1 3  ? -15.546 -0.112  9.879   1.00 27.70 ? 8   TYR B CE1 1 
ATOM   513  C CE2 . TYR B 1 3  ? -15.585 0.079   12.272  1.00 27.26 ? 8   TYR B CE2 1 
ATOM   514  C CZ  . TYR B 1 3  ? -15.934 -0.601  11.113  1.00 27.90 ? 8   TYR B CZ  1 
ATOM   515  O OH  . TYR B 1 3  ? -16.717 -1.742  11.178  1.00 28.35 ? 8   TYR B OH  1 
ATOM   516  N N   . ALA B 1 4  ? -12.011 4.779   8.858   1.00 19.54 ? 9   ALA B N   1 
ATOM   517  C CA  . ALA B 1 4  ? -11.658 6.076   8.291   1.00 17.54 ? 9   ALA B CA  1 
ATOM   518  C C   . ALA B 1 4  ? -12.678 6.397   7.208   1.00 16.31 ? 9   ALA B C   1 
ATOM   519  O O   . ALA B 1 4  ? -13.299 5.497   6.650   1.00 16.36 ? 9   ALA B O   1 
ATOM   520  C CB  . ALA B 1 4  ? -10.269 6.034   7.681   1.00 16.50 ? 9   ALA B CB  1 
ATOM   521  N N   . LYS B 1 5  ? -12.842 7.680   6.908   1.00 15.24 ? 10  LYS B N   1 
ATOM   522  C CA  . LYS B 1 5  ? -13.781 8.097   5.882   1.00 14.92 ? 10  LYS B CA  1 
ATOM   523  C C   . LYS B 1 5  ? -12.978 8.819   4.808   1.00 13.74 ? 10  LYS B C   1 
ATOM   524  O O   . LYS B 1 5  ? -12.078 9.584   5.120   1.00 13.74 ? 10  LYS B O   1 
ATOM   525  C CB  . LYS B 1 5  ? -14.840 9.036   6.480   1.00 16.87 ? 10  LYS B CB  1 
ATOM   526  C CG  . LYS B 1 5  ? -15.802 9.619   5.457   1.00 18.78 ? 10  LYS B CG  1 
ATOM   527  C CD  . LYS B 1 5  ? -17.074 10.190  6.089   1.00 20.79 ? 10  LYS B CD  1 
ATOM   528  C CE  . LYS B 1 5  ? -16.771 11.287  7.087   1.00 21.56 ? 10  LYS B CE  1 
ATOM   529  N NZ  . LYS B 1 5  ? -16.047 12.419  6.460   1.00 23.88 ? 10  LYS B NZ  1 
ATOM   530  N N   . SER B 1 6  ? -13.291 8.558   3.549   1.00 12.86 ? 11  SER B N   1 
ATOM   531  C CA  . SER B 1 6  ? -12.573 9.218   2.470   1.00 13.27 ? 11  SER B CA  1 
ATOM   532  C C   . SER B 1 6  ? -13.083 10.637  2.280   1.00 13.18 ? 11  SER B C   1 
ATOM   533  O O   . SER B 1 6  ? -14.290 10.878  2.162   1.00 13.63 ? 11  SER B O   1 
ATOM   534  C CB  . SER B 1 6  ? -12.726 8.448   1.168   1.00 12.92 ? 11  SER B CB  1 
ATOM   535  O OG  . SER B 1 6  ? -11.775 8.922   0.218   1.00 16.10 ? 11  SER B OG  1 
ATOM   536  N N   . LYS B 1 7  ? -12.150 11.580  2.255   1.00 13.09 ? 12  LYS B N   1 
ATOM   537  C CA  . LYS B 1 7  ? -12.485 12.980  2.068   1.00 13.56 ? 12  LYS B CA  1 
ATOM   538  C C   . LYS B 1 7  ? -12.618 13.316  0.570   1.00 13.60 ? 12  LYS B C   1 
ATOM   539  O O   . LYS B 1 7  ? -13.270 14.300  0.206   1.00 13.47 ? 12  LYS B O   1 
ATOM   540  C CB  . LYS B 1 7  ? -11.383 13.846  2.692   1.00 14.58 ? 12  LYS B CB  1 
ATOM   541  C CG  . LYS B 1 7  ? -11.562 15.360  2.534   1.00 18.00 ? 12  LYS B CG  1 
ATOM   542  C CD  . LYS B 1 7  ? -12.739 15.888  3.347   1.00 20.71 ? 12  LYS B CD  1 
ATOM   543  C CE  . LYS B 1 7  ? -12.796 17.422  3.331   1.00 23.43 ? 12  LYS B CE  1 
ATOM   544  N NZ  . LYS B 1 7  ? -11.553 18.025  3.909   1.00 25.00 ? 12  LYS B NZ  1 
ATOM   545  N N   . TYR B 1 8  ? -11.982 12.505  -0.281  1.00 11.84 ? 13  TYR B N   1 
ATOM   546  C CA  . TYR B 1 8  ? -11.967 12.709  -1.732  1.00 11.40 ? 13  TYR B CA  1 
ATOM   547  C C   . TYR B 1 8  ? -12.213 11.427  -2.498  1.00 11.18 ? 13  TYR B C   1 
ATOM   548  O O   . TYR B 1 8  ? -12.074 10.337  -1.958  1.00 11.02 ? 13  TYR B O   1 
ATOM   549  C CB  . TYR B 1 8  ? -10.583 13.204  -2.186  1.00 10.93 ? 13  TYR B CB  1 
ATOM   550  C CG  . TYR B 1 8  ? -10.097 14.410  -1.451  1.00 11.94 ? 13  TYR B CG  1 
ATOM   551  C CD1 . TYR B 1 8  ? -10.516 15.684  -1.822  1.00 12.07 ? 13  TYR B CD1 1 
ATOM   552  C CD2 . TYR B 1 8  ? -9.259  14.282  -0.342  1.00 12.13 ? 13  TYR B CD2 1 
ATOM   553  C CE1 . TYR B 1 8  ? -10.118 16.803  -1.108  1.00 12.74 ? 13  TYR B CE1 1 
ATOM   554  C CE2 . TYR B 1 8  ? -8.863  15.398  0.384   1.00 12.39 ? 13  TYR B CE2 1 
ATOM   555  C CZ  . TYR B 1 8  ? -9.299  16.649  -0.004  1.00 13.05 ? 13  TYR B CZ  1 
ATOM   556  O OH  . TYR B 1 8  ? -8.946  17.764  0.728   1.00 15.11 ? 13  TYR B OH  1 
ATOM   557  N N   . ASP B 1 9  ? -12.548 11.570  -3.777  1.00 10.94 ? 14  ASP B N   1 
ATOM   558  C CA  . ASP B 1 9  ? -12.724 10.409  -4.622  1.00 11.71 ? 14  ASP B CA  1 
ATOM   559  C C   . ASP B 1 9  ? -11.300 9.975   -4.941  1.00 11.20 ? 14  ASP B C   1 
ATOM   560  O O   . ASP B 1 9  ? -10.381 10.786  -4.891  1.00 10.48 ? 14  ASP B O   1 
ATOM   561  C CB  . ASP B 1 9  ? -13.406 10.759  -5.952  1.00 12.05 ? 14  ASP B CB  1 
ATOM   562  C CG  . ASP B 1 9  ? -14.796 11.322  -5.779  1.00 12.35 ? 14  ASP B CG  1 
ATOM   563  O OD1 . ASP B 1 9  ? -15.585 10.762  -4.992  1.00 15.01 ? 14  ASP B OD1 1 
ATOM   564  O OD2 . ASP B 1 9  ? -15.110 12.315  -6.453  1.00 13.48 ? 14  ASP B OD2 1 
ATOM   565  N N   . PHE B 1 10 ? -11.130 8.691   -5.236  1.00 11.69 ? 15  PHE B N   1 
ATOM   566  C CA  . PHE B 1 10 ? -9.837  8.138   -5.623  1.00 12.56 ? 15  PHE B CA  1 
ATOM   567  C C   . PHE B 1 10 ? -10.120 7.092   -6.689  1.00 12.31 ? 15  PHE B C   1 
ATOM   568  O O   . PHE B 1 10 ? -10.824 6.121   -6.443  1.00 12.09 ? 15  PHE B O   1 
ATOM   569  C CB  . PHE B 1 10 ? -9.097  7.465   -4.462  1.00 11.34 ? 15  PHE B CB  1 
ATOM   570  C CG  . PHE B 1 10 ? -7.869  6.707   -4.907  1.00 12.48 ? 15  PHE B CG  1 
ATOM   571  C CD1 . PHE B 1 10 ? -6.778  7.390   -5.458  1.00 12.78 ? 15  PHE B CD1 1 
ATOM   572  C CD2 . PHE B 1 10 ? -7.838  5.316   -4.866  1.00 11.83 ? 15  PHE B CD2 1 
ATOM   573  C CE1 . PHE B 1 10 ? -5.683  6.688   -5.962  1.00 12.60 ? 15  PHE B CE1 1 
ATOM   574  C CE2 . PHE B 1 10 ? -6.742  4.602   -5.371  1.00 12.23 ? 15  PHE B CE2 1 
ATOM   575  C CZ  . PHE B 1 10 ? -5.671  5.283   -5.919  1.00 11.91 ? 15  PHE B CZ  1 
ATOM   576  N N   . VAL B 1 11 ? -9.580  7.317   -7.878  1.00 13.23 ? 16  VAL B N   1 
ATOM   577  C CA  . VAL B 1 11 ? -9.775  6.413   -8.988  1.00 13.59 ? 16  VAL B CA  1 
ATOM   578  C C   . VAL B 1 11 ? -8.524  5.561   -9.125  1.00 14.14 ? 16  VAL B C   1 
ATOM   579  O O   . VAL B 1 11 ? -7.424  6.091   -9.322  1.00 13.43 ? 16  VAL B O   1 
ATOM   580  C CB  . VAL B 1 11 ? -10.024 7.199   -10.303 1.00 13.98 ? 16  VAL B CB  1 
ATOM   581  C CG1 . VAL B 1 11 ? -10.276 6.245   -11.448 1.00 15.16 ? 16  VAL B CG1 1 
ATOM   582  C CG2 . VAL B 1 11 ? -11.213 8.140   -10.135 1.00 14.94 ? 16  VAL B CG2 1 
ATOM   583  N N   . ALA B 1 12 ? -8.690  4.249   -8.999  1.00 15.21 ? 17  ALA B N   1 
ATOM   584  C CA  . ALA B 1 12 ? -7.574  3.321   -9.135  1.00 16.53 ? 17  ALA B CA  1 
ATOM   585  C C   . ALA B 1 12 ? -7.010  3.418   -10.548 1.00 18.32 ? 17  ALA B C   1 
ATOM   586  O O   . ALA B 1 12 ? -7.754  3.331   -11.531 1.00 18.47 ? 17  ALA B O   1 
ATOM   587  C CB  . ALA B 1 12 ? -8.047  1.900   -8.866  1.00 15.80 ? 17  ALA B CB  1 
ATOM   588  N N   . ARG B 1 13 ? -5.702  3.600   -10.670 1.00 20.24 ? 18  ARG B N   1 
ATOM   589  C CA  . ARG B 1 13 ? -5.130  3.681   -12.004 1.00 22.97 ? 18  ARG B CA  1 
ATOM   590  C C   . ARG B 1 13 ? -5.014  2.303   -12.655 1.00 23.61 ? 18  ARG B C   1 
ATOM   591  O O   . ARG B 1 13 ? -4.723  2.204   -13.844 1.00 24.91 ? 18  ARG B O   1 
ATOM   592  C CB  . ARG B 1 13 ? -3.767  4.377   -11.980 1.00 24.63 ? 18  ARG B CB  1 
ATOM   593  C CG  . ARG B 1 13 ? -2.942  4.104   -10.772 1.00 27.93 ? 18  ARG B CG  1 
ATOM   594  C CD  . ARG B 1 13 ? -3.000  5.291   -9.814  1.00 30.58 ? 18  ARG B CD  1 
ATOM   595  N NE  . ARG B 1 13 ? -2.188  5.033   -8.635  1.00 32.47 ? 18  ARG B NE  1 
ATOM   596  C CZ  . ARG B 1 13 ? -0.866  4.915   -8.648  1.00 32.99 ? 18  ARG B CZ  1 
ATOM   597  N NH1 . ARG B 1 13 ? -0.190  5.047   -9.781  1.00 34.73 ? 18  ARG B NH1 1 
ATOM   598  N NH2 . ARG B 1 13 ? -0.222  4.635   -7.526  1.00 34.52 ? 18  ARG B NH2 1 
ATOM   599  N N   . ASN B 1 14 ? -5.240  1.247   -11.876 1.00 23.79 ? 19  ASN B N   1 
ATOM   600  C CA  . ASN B 1 14 ? -5.193  -0.126  -12.392 1.00 24.49 ? 19  ASN B CA  1 
ATOM   601  C C   . ASN B 1 14 ? -5.856  -1.092  -11.409 1.00 23.57 ? 19  ASN B C   1 
ATOM   602  O O   . ASN B 1 14 ? -6.164  -0.719  -10.281 1.00 23.77 ? 19  ASN B O   1 
ATOM   603  C CB  . ASN B 1 14 ? -3.752  -0.554  -12.665 1.00 26.15 ? 19  ASN B CB  1 
ATOM   604  C CG  . ASN B 1 14 ? -2.884  -0.450  -11.445 1.00 26.97 ? 19  ASN B CG  1 
ATOM   605  O OD1 . ASN B 1 14 ? -3.086  -1.168  -10.472 1.00 28.34 ? 19  ASN B OD1 1 
ATOM   606  N ND2 . ASN B 1 14 ? -1.918  0.460   -11.478 1.00 28.33 ? 19  ASN B ND2 1 
ATOM   607  N N   . SER B 1 15 ? -6.057  -2.336  -11.839 1.00 22.75 ? 20  SER B N   1 
ATOM   608  C CA  . SER B 1 15 ? -6.730  -3.356  -11.025 1.00 21.13 ? 20  SER B CA  1 
ATOM   609  C C   . SER B 1 15 ? -6.104  -3.761  -9.684  1.00 20.52 ? 20  SER B C   1 
ATOM   610  O O   . SER B 1 15 ? -6.723  -4.496  -8.919  1.00 19.87 ? 20  SER B O   1 
ATOM   611  C CB  . SER B 1 15 ? -6.957  -4.614  -11.876 1.00 20.72 ? 20  SER B CB  1 
ATOM   612  O OG  . SER B 1 15 ? -5.718  -5.180  -12.287 1.00 20.14 ? 20  SER B OG  1 
ATOM   613  N N   . SER B 1 16 ? -4.891  -3.285  -9.400  1.00 20.71 ? 21  SER B N   1 
ATOM   614  C CA  . SER B 1 16 ? -4.191  -3.610  -8.151  1.00 20.61 ? 21  SER B CA  1 
ATOM   615  C C   . SER B 1 16 ? -4.508  -2.616  -7.033  1.00 20.13 ? 21  SER B C   1 
ATOM   616  O O   . SER B 1 16 ? -4.165  -2.837  -5.867  1.00 19.45 ? 21  SER B O   1 
ATOM   617  C CB  . SER B 1 16 ? -2.684  -3.626  -8.391  1.00 21.88 ? 21  SER B CB  1 
ATOM   618  O OG  . SER B 1 16 ? -2.350  -4.541  -9.425  1.00 25.02 ? 21  SER B OG  1 
ATOM   619  N N   . GLU B 1 17 ? -5.156  -1.517  -7.407  1.00 18.48 ? 22  GLU B N   1 
ATOM   620  C CA  . GLU B 1 17 ? -5.538  -0.473  -6.464  1.00 17.67 ? 22  GLU B CA  1 
ATOM   621  C C   . GLU B 1 17 ? -7.047  -0.517  -6.249  1.00 16.95 ? 22  GLU B C   1 
ATOM   622  O O   . GLU B 1 17 ? -7.765  -1.145  -7.032  1.00 17.12 ? 22  GLU B O   1 
ATOM   623  C CB  . GLU B 1 17 ? -5.115  0.885   -7.028  1.00 17.24 ? 22  GLU B CB  1 
ATOM   624  C CG  . GLU B 1 17 ? -3.597  1.035   -7.099  1.00 17.97 ? 22  GLU B CG  1 
ATOM   625  C CD  . GLU B 1 17 ? -3.140  2.201   -7.934  1.00 18.54 ? 22  GLU B CD  1 
ATOM   626  O OE1 . GLU B 1 17 ? -3.975  3.064   -8.254  1.00 19.28 ? 22  GLU B OE1 1 
ATOM   627  O OE2 . GLU B 1 17 ? -1.933  2.256   -8.266  1.00 18.25 ? 22  GLU B OE2 1 
ATOM   628  N N   . LEU B 1 18 ? -7.529  0.140   -5.201  1.00 15.76 ? 23  LEU B N   1 
ATOM   629  C CA  . LEU B 1 18 ? -8.956  0.154   -4.902  1.00 16.25 ? 23  LEU B CA  1 
ATOM   630  C C   . LEU B 1 18 ? -9.565  1.556   -5.032  1.00 15.97 ? 23  LEU B C   1 
ATOM   631  O O   . LEU B 1 18 ? -9.128  2.493   -4.361  1.00 16.48 ? 23  LEU B O   1 
ATOM   632  C CB  . LEU B 1 18 ? -9.199  -0.352  -3.471  1.00 18.05 ? 23  LEU B CB  1 
ATOM   633  C CG  . LEU B 1 18 ? -10.502 -1.069  -3.085  1.00 19.65 ? 23  LEU B CG  1 
ATOM   634  C CD1 . LEU B 1 18 ? -10.707 -0.937  -1.582  1.00 19.84 ? 23  LEU B CD1 1 
ATOM   635  C CD2 . LEU B 1 18 ? -11.686 -0.482  -3.817  1.00 21.75 ? 23  LEU B CD2 1 
ATOM   636  N N   . SER B 1 19 ? -10.572 1.692   -5.893  1.00 15.51 ? 24  SER B N   1 
ATOM   637  C CA  . SER B 1 19 ? -11.264 2.960   -6.087  1.00 15.08 ? 24  SER B CA  1 
ATOM   638  C C   . SER B 1 19 ? -12.214 3.206   -4.925  1.00 15.35 ? 24  SER B C   1 
ATOM   639  O O   . SER B 1 19 ? -12.810 2.267   -4.386  1.00 15.54 ? 24  SER B O   1 
ATOM   640  C CB  . SER B 1 19 ? -12.092 2.941   -7.383  1.00 15.55 ? 24  SER B CB  1 
ATOM   641  O OG  . SER B 1 19 ? -11.262 2.938   -8.532  1.00 17.09 ? 24  SER B OG  1 
ATOM   642  N N   . VAL B 1 20 ? -12.348 4.469   -4.532  1.00 14.48 ? 25  VAL B N   1 
ATOM   643  C CA  . VAL B 1 20 ? -13.258 4.839   -3.465  1.00 15.00 ? 25  VAL B CA  1 
ATOM   644  C C   . VAL B 1 20 ? -13.879 6.179   -3.827  1.00 15.63 ? 25  VAL B C   1 
ATOM   645  O O   . VAL B 1 20 ? -13.309 6.958   -4.603  1.00 15.79 ? 25  VAL B O   1 
ATOM   646  C CB  . VAL B 1 20 ? -12.547 4.972   -2.067  1.00 15.46 ? 25  VAL B CB  1 
ATOM   647  C CG1 . VAL B 1 20 ? -11.883 3.657   -1.678  1.00 14.60 ? 25  VAL B CG1 1 
ATOM   648  C CG2 . VAL B 1 20 ? -11.519 6.101   -2.090  1.00 15.73 ? 25  VAL B CG2 1 
ATOM   649  N N   . MET B 1 21 ? -15.056 6.429   -3.268  1.00 16.19 ? 26  MET B N   1 
ATOM   650  C CA  . MET B 1 21 ? -15.778 7.672   -3.485  1.00 16.42 ? 26  MET B CA  1 
ATOM   651  C C   . MET B 1 21 ? -15.730 8.526   -2.226  1.00 16.04 ? 26  MET B C   1 
ATOM   652  O O   . MET B 1 21 ? -15.602 8.015   -1.115  1.00 15.07 ? 26  MET B O   1 
ATOM   653  C CB  . MET B 1 21 ? -17.250 7.389   -3.808  1.00 18.62 ? 26  MET B CB  1 
ATOM   654  C CG  . MET B 1 21 ? -17.468 6.554   -5.049  1.00 22.35 ? 26  MET B CG  1 
ATOM   655  S SD  . MET B 1 21 ? -16.658 7.256   -6.491  1.00 27.19 ? 26  MET B SD  1 
ATOM   656  C CE  . MET B 1 21 ? -17.817 8.574   -6.921  1.00 25.72 ? 26  MET B CE  1 
ATOM   657  N N   . LYS B 1 22 ? -15.844 9.833   -2.408  1.00 15.40 ? 27  LYS B N   1 
ATOM   658  C CA  . LYS B 1 22 ? -15.866 10.755  -1.288  1.00 15.78 ? 27  LYS B CA  1 
ATOM   659  C C   . LYS B 1 22 ? -16.926 10.280  -0.292  1.00 15.70 ? 27  LYS B C   1 
ATOM   660  O O   . LYS B 1 22 ? -17.997 9.833   -0.698  1.00 15.42 ? 27  LYS B O   1 
ATOM   661  C CB  . LYS B 1 22 ? -16.235 12.154  -1.776  1.00 16.71 ? 27  LYS B CB  1 
ATOM   662  C CG  . LYS B 1 22 ? -16.306 13.186  -0.673  1.00 19.66 ? 27  LYS B CG  1 
ATOM   663  C CD  . LYS B 1 22 ? -16.578 14.586  -1.210  1.00 21.41 ? 27  LYS B CD  1 
ATOM   664  C CE  . LYS B 1 22 ? -17.904 14.663  -1.942  1.00 23.98 ? 27  LYS B CE  1 
ATOM   665  N NZ  . LYS B 1 22 ? -17.885 14.019  -3.288  1.00 25.43 ? 27  LYS B NZ  1 
ATOM   666  N N   . ASP B 1 23 ? -16.614 10.385  0.996   1.00 15.69 ? 28  ASP B N   1 
ATOM   667  C CA  . ASP B 1 23 ? -17.513 9.994   2.081   1.00 15.88 ? 28  ASP B CA  1 
ATOM   668  C C   . ASP B 1 23 ? -17.663 8.502   2.333   1.00 15.98 ? 28  ASP B C   1 
ATOM   669  O O   . ASP B 1 23 ? -18.437 8.116   3.201   1.00 15.43 ? 28  ASP B O   1 
ATOM   670  C CB  . ASP B 1 23 ? -18.908 10.595  1.890   1.00 18.17 ? 28  ASP B CB  1 
ATOM   671  C CG  . ASP B 1 23 ? -18.930 12.095  2.099   1.00 20.23 ? 28  ASP B CG  1 
ATOM   672  O OD1 . ASP B 1 23 ? -18.301 12.583  3.062   1.00 21.92 ? 28  ASP B OD1 1 
ATOM   673  O OD2 . ASP B 1 23 ? -19.588 12.787  1.296   1.00 24.11 ? 28  ASP B OD2 1 
ATOM   674  N N   . ASP B 1 24 ? -16.967 7.666   1.562   1.00 15.23 ? 29  ASP B N   1 
ATOM   675  C CA  . ASP B 1 24 ? -17.022 6.223   1.776   1.00 15.57 ? 29  ASP B CA  1 
ATOM   676  C C   . ASP B 1 24 ? -16.295 5.928   3.090   1.00 15.51 ? 29  ASP B C   1 
ATOM   677  O O   . ASP B 1 24 ? -15.280 6.556   3.411   1.00 14.44 ? 29  ASP B O   1 
ATOM   678  C CB  . ASP B 1 24 ? -16.307 5.450   0.648   1.00 15.33 ? 29  ASP B CB  1 
ATOM   679  C CG  . ASP B 1 24 ? -17.180 5.241   -0.586  1.00 15.87 ? 29  ASP B CG  1 
ATOM   680  O OD1 . ASP B 1 24 ? -18.371 5.600   -0.549  1.00 16.19 ? 29  ASP B OD1 1 
ATOM   681  O OD2 . ASP B 1 24 ? -16.672 4.701   -1.593  1.00 15.90 ? 29  ASP B OD2 1 
ATOM   682  N N   . VAL B 1 25 ? -16.809 4.963   3.846   1.00 15.27 ? 30  VAL B N   1 
ATOM   683  C CA  . VAL B 1 25 ? -16.170 4.581   5.093   1.00 15.23 ? 30  VAL B CA  1 
ATOM   684  C C   . VAL B 1 25 ? -15.446 3.260   4.849   1.00 15.38 ? 30  VAL B C   1 
ATOM   685  O O   . VAL B 1 25 ? -15.997 2.331   4.263   1.00 14.86 ? 30  VAL B O   1 
ATOM   686  C CB  . VAL B 1 25 ? -17.198 4.422   6.239   1.00 16.01 ? 30  VAL B CB  1 
ATOM   687  C CG1 . VAL B 1 25 ? -16.524 3.859   7.477   1.00 15.26 ? 30  VAL B CG1 1 
ATOM   688  C CG2 . VAL B 1 25 ? -17.789 5.764   6.564   1.00 16.61 ? 30  VAL B CG2 1 
ATOM   689  N N   . LEU B 1 26 ? -14.193 3.203   5.282   1.00 15.15 ? 31  LEU B N   1 
ATOM   690  C CA  . LEU B 1 26 ? -13.371 2.019   5.097   1.00 15.93 ? 31  LEU B CA  1 
ATOM   691  C C   . LEU B 1 26 ? -12.809 1.521   6.413   1.00 15.74 ? 31  LEU B C   1 
ATOM   692  O O   . LEU B 1 26 ? -12.547 2.301   7.321   1.00 14.45 ? 31  LEU B O   1 
ATOM   693  C CB  . LEU B 1 26 ? -12.185 2.326   4.168   1.00 16.76 ? 31  LEU B CB  1 
ATOM   694  C CG  . LEU B 1 26 ? -12.364 2.700   2.692   1.00 18.79 ? 31  LEU B CG  1 
ATOM   695  C CD1 . LEU B 1 26 ? -13.289 1.722   2.010   1.00 19.47 ? 31  LEU B CD1 1 
ATOM   696  C CD2 . LEU B 1 26 ? -12.898 4.101   2.576   1.00 20.61 ? 31  LEU B CD2 1 
ATOM   697  N N   . GLU B 1 27 ? -12.606 0.215   6.496   1.00 17.06 ? 32  GLU B N   1 
ATOM   698  C CA  . GLU B 1 27 ? -12.022 -0.400  7.679   1.00 18.52 ? 32  GLU B CA  1 
ATOM   699  C C   . GLU B 1 27 ? -10.512 -0.450  7.410   1.00 18.90 ? 32  GLU B C   1 
ATOM   700  O O   . GLU B 1 27 ? -10.095 -0.880  6.345   1.00 17.98 ? 32  GLU B O   1 
ATOM   701  C CB  . GLU B 1 27 ? -12.588 -1.823  7.859   1.00 20.33 ? 32  GLU B CB  1 
ATOM   702  C CG  . GLU B 1 27 ? -11.876 -2.655  8.910   1.00 23.82 ? 32  GLU B CG  1 
ATOM   703  C CD  . GLU B 1 27 ? -12.396 -4.091  8.967   1.00 25.39 ? 32  GLU B CD  1 
ATOM   704  O OE1 . GLU B 1 27 ? -12.608 -4.708  7.902   1.00 27.98 ? 32  GLU B OE1 1 
ATOM   705  O OE2 . GLU B 1 27 ? -12.583 -4.604  10.071  1.00 27.09 ? 32  GLU B OE2 1 
ATOM   706  N N   . ILE B 1 28 ? -9.696  0.012   8.352   1.00 20.03 ? 33  ILE B N   1 
ATOM   707  C CA  . ILE B 1 28 ? -8.251  -0.022  8.148   1.00 21.86 ? 33  ILE B CA  1 
ATOM   708  C C   . ILE B 1 28 ? -7.696  -1.366  8.622   1.00 23.16 ? 33  ILE B C   1 
ATOM   709  O O   . ILE B 1 28 ? -7.855  -1.732  9.782   1.00 23.67 ? 33  ILE B O   1 
ATOM   710  C CB  . ILE B 1 28 ? -7.551  1.126   8.905   1.00 21.95 ? 33  ILE B CB  1 
ATOM   711  C CG1 . ILE B 1 28 ? -8.138  2.473   8.463   1.00 21.74 ? 33  ILE B CG1 1 
ATOM   712  C CG2 . ILE B 1 28 ? -6.054  1.117   8.599   1.00 21.40 ? 33  ILE B CG2 1 
ATOM   713  C CD1 . ILE B 1 28 ? -7.566  3.654   9.213   1.00 23.06 ? 33  ILE B CD1 1 
ATOM   714  N N   . LEU B 1 29 ? -7.036  -2.088  7.720   1.00 25.12 ? 34  LEU B N   1 
ATOM   715  C CA  . LEU B 1 29 ? -6.488  -3.403  8.034   1.00 27.58 ? 34  LEU B CA  1 
ATOM   716  C C   . LEU B 1 29 ? -4.995  -3.435  8.349   1.00 30.11 ? 34  LEU B C   1 
ATOM   717  O O   . LEU B 1 29 ? -4.259  -2.474  8.111   1.00 30.26 ? 34  LEU B O   1 
ATOM   718  C CB  . LEU B 1 29 ? -6.763  -4.366  6.872   1.00 27.13 ? 34  LEU B CB  1 
ATOM   719  C CG  . LEU B 1 29 ? -8.199  -4.384  6.335   1.00 26.92 ? 34  LEU B CG  1 
ATOM   720  C CD1 . LEU B 1 29 ? -8.292  -5.326  5.144   1.00 26.48 ? 34  LEU B CD1 1 
ATOM   721  C CD2 . LEU B 1 29 ? -9.156  -4.811  7.448   1.00 27.28 ? 34  LEU B CD2 1 
ATOM   722  N N   . ASP B 1 30 ? -4.564  -4.570  8.888   1.00 32.92 ? 35  ASP B N   1 
ATOM   723  C CA  . ASP B 1 30 ? -3.165  -4.799  9.227   1.00 35.61 ? 35  ASP B CA  1 
ATOM   724  C C   . ASP B 1 30 ? -2.611  -3.798  10.240  1.00 36.70 ? 35  ASP B C   1 
ATOM   725  O O   . ASP B 1 30 ? -1.401  -3.589  10.327  1.00 37.61 ? 35  ASP B O   1 
ATOM   726  C CB  . ASP B 1 30 ? -2.321  -4.781  7.947   1.00 36.58 ? 35  ASP B CB  1 
ATOM   727  C CG  . ASP B 1 30 ? -1.054  -5.600  8.077   1.00 37.82 ? 35  ASP B CG  1 
ATOM   728  O OD1 . ASP B 1 30 ? -0.817  -6.147  9.176   1.00 38.57 ? 35  ASP B OD1 1 
ATOM   729  O OD2 . ASP B 1 30 ? -0.300  -5.700  7.082   1.00 38.53 ? 35  ASP B OD2 1 
ATOM   730  N N   . ASP B 1 31 ? -3.503  -3.184  11.008  1.00 37.85 ? 36  ASP B N   1 
ATOM   731  C CA  . ASP B 1 31 ? -3.109  -2.216  12.021  1.00 38.45 ? 36  ASP B CA  1 
ATOM   732  C C   . ASP B 1 31 ? -2.283  -1.071  11.469  1.00 38.33 ? 36  ASP B C   1 
ATOM   733  O O   . ASP B 1 31 ? -1.179  -0.799  11.941  1.00 37.80 ? 36  ASP B O   1 
ATOM   734  C CB  . ASP B 1 31 ? -2.338  -2.908  13.143  1.00 39.96 ? 36  ASP B CB  1 
ATOM   735  C CG  . ASP B 1 31 ? -3.219  -3.811  13.974  1.00 40.81 ? 36  ASP B CG  1 
ATOM   736  O OD1 . ASP B 1 31 ? -4.228  -3.308  14.512  1.00 41.83 ? 36  ASP B OD1 1 
ATOM   737  O OD2 . ASP B 1 31 ? -2.905  -5.014  14.090  1.00 42.00 ? 36  ASP B OD2 1 
ATOM   738  N N   . ARG B 1 32 ? -2.836  -0.411  10.461  1.00 37.74 ? 37  ARG B N   1 
ATOM   739  C CA  . ARG B 1 32 ? -2.208  0.736   9.823   1.00 37.30 ? 37  ARG B CA  1 
ATOM   740  C C   . ARG B 1 32 ? -0.779  0.585   9.321   1.00 35.94 ? 37  ARG B C   1 
ATOM   741  O O   . ARG B 1 32 ? -0.110  1.591   9.068   1.00 36.65 ? 37  ARG B O   1 
ATOM   742  C CB  . ARG B 1 32 ? -2.286  1.949   10.747  1.00 38.35 ? 37  ARG B CB  1 
ATOM   743  C CG  . ARG B 1 32 ? -3.704  2.341   11.115  1.00 39.81 ? 37  ARG B CG  1 
ATOM   744  C CD  . ARG B 1 32 ? -3.748  3.778   11.593  1.00 41.11 ? 37  ARG B CD  1 
ATOM   745  N NE  . ARG B 1 32 ? -2.857  4.014   12.727  1.00 42.45 ? 37  ARG B NE  1 
ATOM   746  C CZ  . ARG B 1 32 ? -2.401  5.214   13.072  1.00 43.46 ? 37  ARG B CZ  1 
ATOM   747  N NH1 . ARG B 1 32 ? -2.751  6.286   12.368  1.00 43.30 ? 37  ARG B NH1 1 
ATOM   748  N NH2 . ARG B 1 32 ? -1.596  5.348   14.119  1.00 44.05 ? 37  ARG B NH2 1 
ATOM   749  N N   . ARG B 1 33 ? -0.299  -0.647  9.179   1.00 34.27 ? 38  ARG B N   1 
ATOM   750  C CA  . ARG B 1 33 ? 1.047   -0.850  8.651   1.00 31.28 ? 38  ARG B CA  1 
ATOM   751  C C   . ARG B 1 33 ? 1.051   -0.133  7.306   1.00 28.60 ? 38  ARG B C   1 
ATOM   752  O O   . ARG B 1 33 ? 0.050   -0.170  6.590   1.00 28.56 ? 38  ARG B O   1 
ATOM   753  C CB  . ARG B 1 33 ? 1.339   -2.343  8.453   1.00 32.84 ? 38  ARG B CB  1 
ATOM   754  C CG  . ARG B 1 33 ? 2.693   -2.599  7.813   1.00 34.28 ? 38  ARG B CG  1 
ATOM   755  C CD  . ARG B 1 33 ? 3.239   -3.994  8.083   1.00 36.01 ? 38  ARG B CD  1 
ATOM   756  N NE  . ARG B 1 33 ? 2.475   -5.047  7.420   1.00 37.52 ? 38  ARG B NE  1 
ATOM   757  C CZ  . ARG B 1 33 ? 2.874   -6.313  7.346   1.00 38.03 ? 38  ARG B CZ  1 
ATOM   758  N NH1 . ARG B 1 33 ? 4.023   -6.678  7.894   1.00 38.60 ? 38  ARG B NH1 1 
ATOM   759  N NH2 . ARG B 1 33 ? 2.129   -7.213  6.719   1.00 38.75 ? 38  ARG B NH2 1 
ATOM   760  N N   . GLN B 1 34 ? 2.158   0.517   6.960   1.00 25.18 ? 39  GLN B N   1 
ATOM   761  C CA  . GLN B 1 34 ? 2.245   1.264   5.707   1.00 22.70 ? 39  GLN B CA  1 
ATOM   762  C C   . GLN B 1 34 ? 2.876   0.472   4.564   1.00 20.08 ? 39  GLN B C   1 
ATOM   763  O O   . GLN B 1 34 ? 3.782   -0.332  4.774   1.00 18.50 ? 39  GLN B O   1 
ATOM   764  C CB  . GLN B 1 34 ? 3.019   2.560   5.941   1.00 25.04 ? 39  GLN B CB  1 
ATOM   765  C CG  . GLN B 1 34 ? 2.405   3.442   7.017   1.00 28.85 ? 39  GLN B CG  1 
ATOM   766  C CD  . GLN B 1 34 ? 3.425   4.350   7.674   1.00 30.96 ? 39  GLN B CD  1 
ATOM   767  O OE1 . GLN B 1 34 ? 4.025   5.207   7.021   1.00 33.03 ? 39  GLN B OE1 1 
ATOM   768  N NE2 . GLN B 1 34 ? 3.634   4.162   8.976   1.00 32.35 ? 39  GLN B NE2 1 
ATOM   769  N N   . TRP B 1 35 ? 2.395   0.727   3.351   1.00 17.03 ? 40  TRP B N   1 
ATOM   770  C CA  . TRP B 1 35 ? 2.857   0.018   2.167   1.00 15.14 ? 40  TRP B CA  1 
ATOM   771  C C   . TRP B 1 35 ? 3.328   0.950   1.065   1.00 14.14 ? 40  TRP B C   1 
ATOM   772  O O   . TRP B 1 35 ? 2.838   2.075   0.932   1.00 13.19 ? 40  TRP B O   1 
ATOM   773  C CB  . TRP B 1 35 ? 1.719   -0.831  1.570   1.00 14.33 ? 40  TRP B CB  1 
ATOM   774  C CG  . TRP B 1 35 ? 1.065   -1.780  2.515   1.00 13.66 ? 40  TRP B CG  1 
ATOM   775  C CD1 . TRP B 1 35 ? 0.325   -1.466  3.613   1.00 14.29 ? 40  TRP B CD1 1 
ATOM   776  C CD2 . TRP B 1 35 ? 1.089   -3.208  2.440   1.00 13.46 ? 40  TRP B CD2 1 
ATOM   777  N NE1 . TRP B 1 35 ? -0.114  -2.614  4.232   1.00 12.85 ? 40  TRP B NE1 1 
ATOM   778  C CE2 . TRP B 1 35 ? 0.344   -3.697  3.533   1.00 13.47 ? 40  TRP B CE2 1 
ATOM   779  C CE3 . TRP B 1 35 ? 1.670   -4.122  1.556   1.00 12.65 ? 40  TRP B CE3 1 
ATOM   780  C CZ2 . TRP B 1 35 ? 0.164   -5.066  3.766   1.00 12.87 ? 40  TRP B CZ2 1 
ATOM   781  C CZ3 . TRP B 1 35 ? 1.490   -5.486  1.788   1.00 13.35 ? 40  TRP B CZ3 1 
ATOM   782  C CH2 . TRP B 1 35 ? 0.743   -5.939  2.884   1.00 13.99 ? 40  TRP B CH2 1 
ATOM   783  N N   . TRP B 1 36 ? 4.272   0.461   0.270   1.00 13.91 ? 41  TRP B N   1 
ATOM   784  C CA  . TRP B 1 36 ? 4.769   1.198   -0.885  1.00 14.12 ? 41  TRP B CA  1 
ATOM   785  C C   . TRP B 1 36 ? 4.501   0.382   -2.132  1.00 14.24 ? 41  TRP B C   1 
ATOM   786  O O   . TRP B 1 36 ? 4.545   -0.854  -2.091  1.00 14.13 ? 41  TRP B O   1 
ATOM   787  C CB  . TRP B 1 36 ? 6.287   1.407   -0.831  1.00 15.31 ? 41  TRP B CB  1 
ATOM   788  C CG  . TRP B 1 36 ? 6.740   2.558   -0.022  1.00 17.31 ? 41  TRP B CG  1 
ATOM   789  C CD1 . TRP B 1 36 ? 6.025   3.669   0.305   1.00 17.91 ? 41  TRP B CD1 1 
ATOM   790  C CD2 . TRP B 1 36 ? 8.052   2.752   0.508   1.00 18.88 ? 41  TRP B CD2 1 
ATOM   791  N NE1 . TRP B 1 36 ? 6.812   4.549   1.011   1.00 19.05 ? 41  TRP B NE1 1 
ATOM   792  C CE2 . TRP B 1 36 ? 8.062   4.010   1.148   1.00 19.31 ? 41  TRP B CE2 1 
ATOM   793  C CE3 . TRP B 1 36 ? 9.225   1.988   0.501   1.00 20.32 ? 41  TRP B CE3 1 
ATOM   794  C CZ2 . TRP B 1 36 ? 9.202   4.520   1.779   1.00 21.26 ? 41  TRP B CZ2 1 
ATOM   795  C CZ3 . TRP B 1 36 ? 10.359  2.499   1.130   1.00 20.69 ? 41  TRP B CZ3 1 
ATOM   796  C CH2 . TRP B 1 36 ? 10.336  3.748   1.758   1.00 20.57 ? 41  TRP B CH2 1 
ATOM   797  N N   . LYS B 1 37 ? 4.239   1.067   -3.240  1.00 13.74 ? 42  LYS B N   1 
ATOM   798  C CA  . LYS B 1 37 ? 4.046   0.386   -4.508  1.00 15.52 ? 42  LYS B CA  1 
ATOM   799  C C   . LYS B 1 37 ? 5.466   0.292   -5.065  1.00 15.15 ? 42  LYS B C   1 
ATOM   800  O O   . LYS B 1 37 ? 6.169   1.301   -5.129  1.00 15.24 ? 42  LYS B O   1 
ATOM   801  C CB  . LYS B 1 37 ? 3.178   1.210   -5.461  1.00 17.12 ? 42  LYS B CB  1 
ATOM   802  C CG  . LYS B 1 37 ? 2.733   0.421   -6.673  1.00 20.50 ? 42  LYS B CG  1 
ATOM   803  C CD  . LYS B 1 37 ? 1.692   1.177   -7.486  1.00 23.78 ? 42  LYS B CD  1 
ATOM   804  C CE  . LYS B 1 37 ? 1.077   0.269   -8.539  1.00 26.31 ? 42  LYS B CE  1 
ATOM   805  N NZ  . LYS B 1 37 ? -0.013  0.959   -9.282  1.00 28.00 ? 42  LYS B NZ  1 
ATOM   806  N N   . VAL B 1 38 ? 5.888   -0.911  -5.434  1.00 15.24 ? 43  VAL B N   1 
ATOM   807  C CA  . VAL B 1 38 ? 7.230   -1.119  -5.964  1.00 16.00 ? 43  VAL B CA  1 
ATOM   808  C C   . VAL B 1 38 ? 7.225   -2.006  -7.205  1.00 17.02 ? 43  VAL B C   1 
ATOM   809  O O   . VAL B 1 38 ? 6.236   -2.662  -7.510  1.00 17.13 ? 43  VAL B O   1 
ATOM   810  C CB  . VAL B 1 38 ? 8.170   -1.760  -4.892  1.00 15.44 ? 43  VAL B CB  1 
ATOM   811  C CG1 . VAL B 1 38 ? 8.228   -0.880  -3.649  1.00 14.75 ? 43  VAL B CG1 1 
ATOM   812  C CG2 . VAL B 1 38 ? 7.689   -3.174  -4.540  1.00 15.48 ? 43  VAL B CG2 1 
ATOM   813  N N   . ARG B 1 39 ? 8.341   -2.019  -7.924  1.00 17.83 ? 44  ARG B N   1 
ATOM   814  C CA  . ARG B 1 39 ? 8.467   -2.836  -9.124  1.00 19.49 ? 44  ARG B CA  1 
ATOM   815  C C   . ARG B 1 39 ? 9.735   -3.666  -8.956  1.00 20.03 ? 44  ARG B C   1 
ATOM   816  O O   . ARG B 1 39 ? 10.771  -3.121  -8.564  1.00 19.64 ? 44  ARG B O   1 
ATOM   817  C CB  . ARG B 1 39 ? 8.587   -1.933  -10.359 1.00 21.31 ? 44  ARG B CB  1 
ATOM   818  C CG  . ARG B 1 39 ? 8.600   -2.673  -11.678 1.00 24.24 ? 44  ARG B CG  1 
ATOM   819  C CD  . ARG B 1 39 ? 8.653   -1.707  -12.862 1.00 27.52 ? 44  ARG B CD  1 
ATOM   820  N NE  . ARG B 1 39 ? 7.577   -0.725  -12.806 1.00 30.57 ? 44  ARG B NE  1 
ATOM   821  C CZ  . ARG B 1 39 ? 7.326   0.184   -13.746 1.00 32.00 ? 44  ARG B CZ  1 
ATOM   822  N NH1 . ARG B 1 39 ? 8.074   0.242   -14.841 1.00 33.32 ? 44  ARG B NH1 1 
ATOM   823  N NH2 . ARG B 1 39 ? 6.327   1.045   -13.585 1.00 33.02 ? 44  ARG B NH2 1 
ATOM   824  N N   . ASN B 1 40 ? 9.665   -4.969  -9.237  1.00 20.28 ? 45  ASN B N   1 
ATOM   825  C CA  . ASN B 1 40 ? 10.844  -5.809  -9.085  1.00 21.99 ? 45  ASN B CA  1 
ATOM   826  C C   . ASN B 1 40 ? 11.709  -5.843  -10.336 1.00 23.21 ? 45  ASN B C   1 
ATOM   827  O O   . ASN B 1 40 ? 11.405  -5.185  -11.337 1.00 23.38 ? 45  ASN B O   1 
ATOM   828  C CB  . ASN B 1 40 ? 10.477  -7.241  -8.645  1.00 21.39 ? 45  ASN B CB  1 
ATOM   829  C CG  . ASN B 1 40 ? 9.682   -8.014  -9.690  1.00 21.38 ? 45  ASN B CG  1 
ATOM   830  O OD1 . ASN B 1 40 ? 9.732   -7.720  -10.889 1.00 21.29 ? 45  ASN B OD1 1 
ATOM   831  N ND2 . ASN B 1 40 ? 8.960   -9.036  -9.234  1.00 20.14 ? 45  ASN B ND2 1 
ATOM   832  N N   . ALA B 1 41 ? 12.796  -6.601  -10.261 1.00 24.59 ? 46  ALA B N   1 
ATOM   833  C CA  . ALA B 1 41 ? 13.741  -6.718  -11.365 1.00 26.15 ? 46  ALA B CA  1 
ATOM   834  C C   . ALA B 1 41 ? 13.107  -7.205  -12.668 1.00 27.10 ? 46  ALA B C   1 
ATOM   835  O O   . ALA B 1 41 ? 13.557  -6.840  -13.758 1.00 27.97 ? 46  ALA B O   1 
ATOM   836  C CB  . ALA B 1 41 ? 14.876  -7.648  -10.963 1.00 25.30 ? 46  ALA B CB  1 
ATOM   837  N N   . SER B 1 42 ? 12.061  -8.017  -12.560 1.00 27.63 ? 47  SER B N   1 
ATOM   838  C CA  . SER B 1 42 ? 11.411  -8.561  -13.745 1.00 28.46 ? 47  SER B CA  1 
ATOM   839  C C   . SER B 1 42 ? 10.224  -7.764  -14.273 1.00 28.31 ? 47  SER B C   1 
ATOM   840  O O   . SER B 1 42 ? 9.480   -8.253  -15.120 1.00 29.14 ? 47  SER B O   1 
ATOM   841  C CB  . SER B 1 42 ? 10.988  -10.010 -13.486 1.00 28.60 ? 47  SER B CB  1 
ATOM   842  O OG  . SER B 1 42 ? 10.137  -10.099 -12.361 1.00 31.56 ? 47  SER B OG  1 
ATOM   843  N N   . GLY B 1 43 ? 10.046  -6.543  -13.777 1.00 27.94 ? 48  GLY B N   1 
ATOM   844  C CA  . GLY B 1 43 ? 8.947   -5.710  -14.243 1.00 27.49 ? 48  GLY B CA  1 
ATOM   845  C C   . GLY B 1 43 ? 7.614   -5.903  -13.542 1.00 26.75 ? 48  GLY B C   1 
ATOM   846  O O   . GLY B 1 43 ? 6.634   -5.241  -13.882 1.00 26.91 ? 48  GLY B O   1 
ATOM   847  N N   . ASP B 1 44 ? 7.562   -6.819  -12.581 1.00 26.06 ? 49  ASP B N   1 
ATOM   848  C CA  . ASP B 1 44 ? 6.328   -7.061  -11.837 1.00 25.36 ? 49  ASP B CA  1 
ATOM   849  C C   . ASP B 1 44 ? 6.156   -5.884  -10.877 1.00 24.04 ? 49  ASP B C   1 
ATOM   850  O O   . ASP B 1 44 ? 7.129   -5.395  -10.305 1.00 23.12 ? 49  ASP B O   1 
ATOM   851  C CB  . ASP B 1 44 ? 6.422   -8.375  -11.055 1.00 26.22 ? 49  ASP B CB  1 
ATOM   852  C CG  . ASP B 1 44 ? 6.312   -9.606  -11.948 1.00 28.09 ? 49  ASP B CG  1 
ATOM   853  O OD1 . ASP B 1 44 ? 5.681   -9.513  -13.023 1.00 27.37 ? 49  ASP B OD1 1 
ATOM   854  O OD2 . ASP B 1 44 ? 6.843   -10.672 -11.559 1.00 28.85 ? 49  ASP B OD2 1 
ATOM   855  N N   . SER B 1 45 ? 4.914   -5.444  -10.702 1.00 22.80 ? 50  SER B N   1 
ATOM   856  C CA  . SER B 1 45 ? 4.586   -4.310  -9.843  1.00 21.47 ? 50  SER B CA  1 
ATOM   857  C C   . SER B 1 45 ? 3.568   -4.734  -8.778  1.00 19.85 ? 50  SER B C   1 
ATOM   858  O O   . SER B 1 45 ? 2.665   -5.515  -9.068  1.00 18.81 ? 50  SER B O   1 
ATOM   859  C CB  . SER B 1 45 ? 3.994   -3.194  -10.707 1.00 22.71 ? 50  SER B CB  1 
ATOM   860  O OG  . SER B 1 45 ? 3.551   -2.104  -9.924  1.00 26.53 ? 50  SER B OG  1 
ATOM   861  N N   . GLY B 1 46 ? 3.715   -4.219  -7.557  1.00 17.44 ? 51  GLY B N   1 
ATOM   862  C CA  . GLY B 1 46 ? 2.788   -4.562  -6.488  1.00 14.66 ? 51  GLY B CA  1 
ATOM   863  C C   . GLY B 1 46 ? 3.110   -3.868  -5.174  1.00 13.30 ? 51  GLY B C   1 
ATOM   864  O O   . GLY B 1 46 ? 4.088   -3.137  -5.074  1.00 13.85 ? 51  GLY B O   1 
ATOM   865  N N   . PHE B 1 47 ? 2.290   -4.101  -4.154  1.00 10.75 ? 52  PHE B N   1 
ATOM   866  C CA  . PHE B 1 47 ? 2.499   -3.481  -2.853  1.00 9.68  ? 52  PHE B CA  1 
ATOM   867  C C   . PHE B 1 47 ? 3.280   -4.360  -1.895  1.00 10.35 ? 52  PHE B C   1 
ATOM   868  O O   . PHE B 1 47 ? 3.061   -5.567  -1.827  1.00 10.59 ? 52  PHE B O   1 
ATOM   869  C CB  . PHE B 1 47 ? 1.137   -3.125  -2.232  1.00 9.59  ? 52  PHE B CB  1 
ATOM   870  C CG  . PHE B 1 47 ? 0.407   -2.081  -2.995  1.00 8.75  ? 52  PHE B CG  1 
ATOM   871  C CD1 . PHE B 1 47 ? 0.669   -0.735  -2.773  1.00 10.02 ? 52  PHE B CD1 1 
ATOM   872  C CD2 . PHE B 1 47 ? -0.472  -2.438  -4.011  1.00 10.40 ? 52  PHE B CD2 1 
ATOM   873  C CE1 . PHE B 1 47 ? 0.072   0.242   -3.554  1.00 10.42 ? 52  PHE B CE1 1 
ATOM   874  C CE2 . PHE B 1 47 ? -1.075  -1.462  -4.802  1.00 10.98 ? 52  PHE B CE2 1 
ATOM   875  C CZ  . PHE B 1 47 ? -0.801  -0.130  -4.574  1.00 10.93 ? 52  PHE B CZ  1 
ATOM   876  N N   . VAL B 1 48 ? 4.183   -3.734  -1.144  1.00 10.66 ? 53  VAL B N   1 
ATOM   877  C CA  . VAL B 1 48 ? 5.027   -4.417  -0.159  1.00 12.02 ? 53  VAL B CA  1 
ATOM   878  C C   . VAL B 1 48 ? 5.056   -3.556  1.113   1.00 11.88 ? 53  VAL B C   1 
ATOM   879  O O   . VAL B 1 48 ? 5.038   -2.328  1.017   1.00 11.99 ? 53  VAL B O   1 
ATOM   880  C CB  . VAL B 1 48 ? 6.474   -4.549  -0.702  1.00 11.98 ? 53  VAL B CB  1 
ATOM   881  C CG1 . VAL B 1 48 ? 7.371   -5.176  0.331   1.00 12.59 ? 53  VAL B CG1 1 
ATOM   882  C CG2 . VAL B 1 48 ? 6.484   -5.393  -1.966  1.00 13.22 ? 53  VAL B CG2 1 
ATOM   883  N N   . PRO B 1 49 ? 5.083   -4.177  2.315   1.00 12.72 ? 54  PRO B N   1 
ATOM   884  C CA  . PRO B 1 49 ? 5.119   -3.372  3.550   1.00 12.77 ? 54  PRO B CA  1 
ATOM   885  C C   . PRO B 1 49 ? 6.432   -2.587  3.562   1.00 13.35 ? 54  PRO B C   1 
ATOM   886  O O   . PRO B 1 49 ? 7.481   -3.155  3.291   1.00 12.96 ? 54  PRO B O   1 
ATOM   887  C CB  . PRO B 1 49 ? 5.091   -4.418  4.666   1.00 12.55 ? 54  PRO B CB  1 
ATOM   888  C CG  . PRO B 1 49 ? 4.481   -5.639  4.021   1.00 13.96 ? 54  PRO B CG  1 
ATOM   889  C CD  . PRO B 1 49 ? 5.076   -5.620  2.624   1.00 12.86 ? 54  PRO B CD  1 
ATOM   890  N N   . ASN B 1 50 ? 6.411   -1.303  3.892   1.00 13.87 ? 55  ASN B N   1 
ATOM   891  C CA  . ASN B 1 50 ? 7.678   -0.596  3.834   1.00 14.56 ? 55  ASN B CA  1 
ATOM   892  C C   . ASN B 1 50 ? 8.592   -0.733  5.045   1.00 15.13 ? 55  ASN B C   1 
ATOM   893  O O   . ASN B 1 50 ? 9.733   -0.271  4.998   1.00 15.55 ? 55  ASN B O   1 
ATOM   894  C CB  . ASN B 1 50 ? 7.481   0.886   3.474   1.00 16.50 ? 55  ASN B CB  1 
ATOM   895  C CG  . ASN B 1 50 ? 6.741   1.670   4.527   1.00 19.03 ? 55  ASN B CG  1 
ATOM   896  O OD1 . ASN B 1 50 ? 6.868   1.416   5.723   1.00 21.07 ? 55  ASN B OD1 1 
ATOM   897  N ND2 . ASN B 1 50 ? 5.971   2.658   4.083   1.00 21.44 ? 55  ASN B ND2 1 
ATOM   898  N N   . ASN B 1 51 ? 8.131   -1.385  6.112   1.00 14.83 ? 56  ASN B N   1 
ATOM   899  C CA  . ASN B 1 51 ? 8.998   -1.506  7.281   1.00 16.39 ? 56  ASN B CA  1 
ATOM   900  C C   . ASN B 1 51 ? 10.083  -2.569  7.136   1.00 16.06 ? 56  ASN B C   1 
ATOM   901  O O   . ASN B 1 51 ? 10.954  -2.678  7.997   1.00 16.61 ? 56  ASN B O   1 
ATOM   902  C CB  . ASN B 1 51 ? 8.194   -1.702  8.586   1.00 18.13 ? 56  ASN B CB  1 
ATOM   903  C CG  . ASN B 1 51 ? 7.400   -2.998  8.634   1.00 19.50 ? 56  ASN B CG  1 
ATOM   904  O OD1 . ASN B 1 51 ? 6.743   -3.284  9.651   1.00 22.65 ? 56  ASN B OD1 1 
ATOM   905  N ND2 . ASN B 1 51 ? 7.435   -3.777  7.567   1.00 18.73 ? 56  ASN B ND2 1 
ATOM   906  N N   . ILE B 1 52 ? 10.046  -3.335  6.048   1.00 15.00 ? 57  ILE B N   1 
ATOM   907  C CA  . ILE B 1 52 ? 11.085  -4.339  5.808   1.00 15.09 ? 57  ILE B CA  1 
ATOM   908  C C   . ILE B 1 52 ? 11.964  -3.929  4.633   1.00 14.96 ? 57  ILE B C   1 
ATOM   909  O O   . ILE B 1 52 ? 12.782  -4.714  4.167   1.00 14.38 ? 57  ILE B O   1 
ATOM   910  C CB  . ILE B 1 52 ? 10.519  -5.743  5.512   1.00 15.43 ? 57  ILE B CB  1 
ATOM   911  C CG1 . ILE B 1 52 ? 9.644   -5.707  4.256   1.00 15.95 ? 57  ILE B CG1 1 
ATOM   912  C CG2 . ILE B 1 52 ? 9.746   -6.255  6.733   1.00 16.50 ? 57  ILE B CG2 1 
ATOM   913  C CD1 . ILE B 1 52 ? 9.190   -7.083  3.794   1.00 18.20 ? 57  ILE B CD1 1 
ATOM   914  N N   . LEU B 1 53 ? 11.782  -2.700  4.159   1.00 15.72 ? 58  LEU B N   1 
ATOM   915  C CA  . LEU B 1 53 ? 12.572  -2.179  3.047   1.00 16.55 ? 58  LEU B CA  1 
ATOM   916  C C   . LEU B 1 53 ? 13.478  -1.059  3.529   1.00 18.10 ? 58  LEU B C   1 
ATOM   917  O O   . LEU B 1 53 ? 13.099  -0.260  4.395   1.00 19.02 ? 58  LEU B O   1 
ATOM   918  C CB  . LEU B 1 53 ? 11.661  -1.633  1.943   1.00 16.65 ? 58  LEU B CB  1 
ATOM   919  C CG  . LEU B 1 53 ? 10.650  -2.608  1.342   1.00 16.31 ? 58  LEU B CG  1 
ATOM   920  C CD1 . LEU B 1 53 ? 9.848   -1.899  0.267   1.00 18.17 ? 58  LEU B CD1 1 
ATOM   921  C CD2 . LEU B 1 53 ? 11.352  -3.810  0.756   1.00 17.32 ? 58  LEU B CD2 1 
ATOM   922  N N   . ASP B 1 54 ? 14.675  -0.997  2.956   1.00 18.79 ? 59  ASP B N   1 
ATOM   923  C CA  . ASP B 1 54 ? 15.639  0.030   3.300   1.00 20.12 ? 59  ASP B CA  1 
ATOM   924  C C   . ASP B 1 54 ? 15.984  0.772   2.027   1.00 20.32 ? 59  ASP B C   1 
ATOM   925  O O   . ASP B 1 54 ? 16.349  0.162   1.019   1.00 20.03 ? 59  ASP B O   1 
ATOM   926  C CB  . ASP B 1 54 ? 16.898  -0.595  3.907   1.00 21.75 ? 59  ASP B CB  1 
ATOM   927  C CG  . ASP B 1 54 ? 16.636  -1.241  5.260   1.00 23.61 ? 59  ASP B CG  1 
ATOM   928  O OD1 . ASP B 1 54 ? 16.055  -0.577  6.138   1.00 25.38 ? 59  ASP B OD1 1 
ATOM   929  O OD2 . ASP B 1 54 ? 17.020  -2.411  5.451   1.00 25.53 ? 59  ASP B OD2 1 
ATOM   930  N N   . ILE B 1 55 ? 15.832  2.088   2.066   1.00 20.43 ? 60  ILE B N   1 
ATOM   931  C CA  . ILE B 1 55 ? 16.129  2.917   0.915   1.00 21.51 ? 60  ILE B CA  1 
ATOM   932  C C   . ILE B 1 55 ? 17.627  2.855   0.669   1.00 21.91 ? 60  ILE B C   1 
ATOM   933  O O   . ILE B 1 55 ? 18.408  2.761   1.609   1.00 22.31 ? 60  ILE B O   1 
ATOM   934  C CB  . ILE B 1 55 ? 15.728  4.390   1.165   1.00 21.87 ? 60  ILE B CB  1 
ATOM   935  C CG1 . ILE B 1 55 ? 14.249  4.465   1.551   1.00 23.14 ? 60  ILE B CG1 1 
ATOM   936  C CG2 . ILE B 1 55 ? 15.986  5.221   -0.067  1.00 22.22 ? 60  ILE B CG2 1 
ATOM   937  C CD1 . ILE B 1 55 ? 13.324  3.778   0.566   1.00 25.00 ? 60  ILE B CD1 1 
ATOM   938  N N   . MET B 1 56 ? 18.020  2.897   -0.594  1.00 22.44 ? 61  MET B N   1 
ATOM   939  C CA  . MET B 1 56 ? 19.434  2.866   -0.932  1.00 23.56 ? 61  MET B CA  1 
ATOM   940  C C   . MET B 1 56 ? 19.834  4.253   -1.387  1.00 23.73 ? 61  MET B C   1 
ATOM   941  O O   . MET B 1 56 ? 19.127  4.885   -2.161  1.00 23.40 ? 61  MET B O   1 
ATOM   942  C CB  . MET B 1 56 ? 19.692  1.846   -2.040  1.00 24.54 ? 61  MET B CB  1 
ATOM   943  C CG  . MET B 1 56 ? 19.397  0.420   -1.616  1.00 26.43 ? 61  MET B CG  1 
ATOM   944  S SD  . MET B 1 56 ? 19.655  -0.751  -2.944  1.00 30.58 ? 61  MET B SD  1 
ATOM   945  C CE  . MET B 1 56 ? 18.111  -0.592  -3.794  1.00 29.48 ? 61  MET B CE  1 
ATOM   946  N N   . ARG B 1 57 ? 20.970  4.733   -0.899  1.00 24.51 ? 62  ARG B N   1 
ATOM   947  C CA  . ARG B 1 57 ? 21.435  6.058   -1.278  1.00 25.35 ? 62  ARG B CA  1 
ATOM   948  C C   . ARG B 1 57 ? 22.952  6.067   -1.349  1.00 25.33 ? 62  ARG B C   1 
ATOM   949  O O   . ARG B 1 57 ? 23.609  5.177   -0.823  1.00 23.78 ? 62  ARG B O   1 
ATOM   950  C CB  . ARG B 1 57 ? 20.961  7.084   -0.252  1.00 27.02 ? 62  ARG B CB  1 
ATOM   951  C CG  . ARG B 1 57 ? 21.604  6.926   1.103   1.00 29.63 ? 62  ARG B CG  1 
ATOM   952  C CD  . ARG B 1 57 ? 20.948  7.831   2.135   1.00 32.77 ? 62  ARG B CD  1 
ATOM   953  N NE  . ARG B 1 57 ? 19.548  7.470   2.339   1.00 35.73 ? 62  ARG B NE  1 
ATOM   954  C CZ  . ARG B 1 57 ? 18.800  7.927   3.337   1.00 36.82 ? 62  ARG B CZ  1 
ATOM   955  N NH1 . ARG B 1 57 ? 19.322  8.766   4.222   1.00 37.25 ? 62  ARG B NH1 1 
ATOM   956  N NH2 . ARG B 1 57 ? 17.537  7.536   3.454   1.00 37.65 ? 62  ARG B NH2 1 
ATOM   957  N N   . THR B 1 58 ? 23.504  7.081   -2.006  1.00 26.32 ? 63  THR B N   1 
ATOM   958  C CA  . THR B 1 58 ? 24.949  7.207   -2.122  1.00 27.37 ? 63  THR B CA  1 
ATOM   959  C C   . THR B 1 58 ? 25.548  7.463   -0.735  1.00 27.86 ? 63  THR B C   1 
ATOM   960  O O   . THR B 1 58 ? 24.926  8.111   0.101   1.00 27.72 ? 63  THR B O   1 
ATOM   961  C CB  . THR B 1 58 ? 25.308  8.364   -3.062  1.00 27.76 ? 63  THR B CB  1 
ATOM   962  O OG1 . THR B 1 58 ? 24.623  9.546   -2.634  1.00 28.94 ? 63  THR B OG1 1 
ATOM   963  C CG2 . THR B 1 58 ? 24.879  8.038   -4.491  1.00 28.21 ? 63  THR B CG2 1 
ATOM   964  N N   . PRO B 1 59 ? 26.759  6.945   -0.469  1.00 28.64 ? 64  PRO B N   1 
ATOM   965  C CA  . PRO B 1 59 ? 27.390  7.150   0.842   1.00 29.43 ? 64  PRO B CA  1 
ATOM   966  C C   . PRO B 1 59 ? 27.561  8.625   1.187   1.00 30.05 ? 64  PRO B C   1 
ATOM   967  O O   . PRO B 1 59 ? 27.653  8.921   2.400   1.00 31.04 ? 64  PRO B O   1 
ATOM   968  C CB  . PRO B 1 59 ? 28.736  6.438   0.694   1.00 29.68 ? 64  PRO B CB  1 
ATOM   969  C CG  . PRO B 1 59 ? 28.438  5.357   -0.310  1.00 29.44 ? 64  PRO B CG  1 
ATOM   970  C CD  . PRO B 1 59 ? 27.605  6.097   -1.328  1.00 29.12 ? 64  PRO B CD  1 
HETATM 971  O O   . HOH C 2 .  ? 4.297   4.022   -3.309  1.00 19.45 ? 202 HOH A O   1 
HETATM 972  O O   . HOH C 2 .  ? 12.942  -13.509 5.842   1.00 20.55 ? 203 HOH A O   1 
HETATM 973  O O   . HOH C 2 .  ? 11.632  5.486   -8.610  1.00 23.30 ? 204 HOH A O   1 
HETATM 974  O O   . HOH C 2 .  ? 8.108   -10.845 6.209   1.00 19.83 ? 206 HOH A O   1 
HETATM 975  O O   . HOH C 2 .  ? 17.554  2.149   -15.821 1.00 25.27 ? 207 HOH A O   1 
HETATM 976  O O   . HOH C 2 .  ? 0.888   -11.758 -5.717  1.00 26.36 ? 208 HOH A O   1 
HETATM 977  O O   . HOH C 2 .  ? 14.852  -16.866 1.898   1.00 28.02 ? 213 HOH A O   1 
HETATM 978  O O   . HOH C 2 .  ? 3.967   -11.913 -6.075  1.00 30.03 ? 216 HOH A O   1 
HETATM 979  O O   . HOH C 2 .  ? 8.709   -14.445 -1.543  1.00 27.60 ? 217 HOH A O   1 
HETATM 980  O O   . HOH C 2 .  ? -10.168 12.836  11.259  1.00 36.41 ? 218 HOH A O   1 
HETATM 981  O O   . HOH C 2 .  ? -11.455 -8.870  -1.050  1.00 35.58 ? 220 HOH A O   1 
HETATM 982  O O   . HOH C 2 .  ? -5.206  11.338  -4.561  1.00 26.20 ? 222 HOH A O   1 
HETATM 983  O O   . HOH C 2 .  ? 9.925   -9.984  -6.221  1.00 30.40 ? 224 HOH A O   1 
HETATM 984  O O   . HOH C 2 .  ? -0.655  8.971   1.306   1.00 30.80 ? 226 HOH A O   1 
HETATM 985  O O   . HOH C 2 .  ? -12.744 -10.731 0.480   1.00 36.36 ? 227 HOH A O   1 
HETATM 986  O O   . HOH C 2 .  ? 17.636  -13.853 -0.471  1.00 29.33 ? 228 HOH A O   1 
HETATM 987  O O   . HOH C 2 .  ? 17.307  -3.389  12.246  1.00 32.07 ? 229 HOH A O   1 
HETATM 988  O O   . HOH C 2 .  ? -4.498  11.193  6.357   1.00 26.36 ? 232 HOH A O   1 
HETATM 989  O O   . HOH C 2 .  ? 6.549   -19.556 1.344   1.00 25.92 ? 234 HOH A O   1 
HETATM 990  O O   . HOH C 2 .  ? 18.142  -4.171  3.224   1.00 31.01 ? 236 HOH A O   1 
HETATM 991  O O   . HOH C 2 .  ? -4.246  -8.313  6.829   1.00 43.72 ? 238 HOH A O   1 
HETATM 992  O O   . HOH C 2 .  ? -17.837 13.358  24.205  1.00 40.31 ? 240 HOH A O   1 
HETATM 993  O O   . HOH C 2 .  ? 17.615  -7.851  -6.639  1.00 27.12 ? 241 HOH A O   1 
HETATM 994  O O   . HOH C 2 .  ? 2.311   9.844   -6.475  1.00 46.09 ? 242 HOH A O   1 
HETATM 995  O O   . HOH C 2 .  ? -5.502  -9.717  1.580   1.00 31.77 ? 244 HOH A O   1 
HETATM 996  O O   . HOH C 2 .  ? 17.482  -11.579 -3.351  1.00 30.32 ? 246 HOH A O   1 
HETATM 997  O O   . HOH C 2 .  ? 13.371  -1.307  -12.209 1.00 39.43 ? 247 HOH A O   1 
HETATM 998  O O   . HOH C 2 .  ? 7.665   -12.244 -6.978  1.00 39.00 ? 248 HOH A O   1 
HETATM 999  O O   . HOH C 2 .  ? 19.509  -6.417  11.120  1.00 48.85 ? 250 HOH A O   1 
HETATM 1000 O O   . HOH C 2 .  ? -14.346 12.320  22.096  1.00 42.26 ? 251 HOH A O   1 
HETATM 1001 O O   . HOH C 2 .  ? -13.521 12.320  5.423   1.00 24.85 ? 253 HOH A O   1 
HETATM 1002 O O   . HOH C 2 .  ? 7.518   -16.693 -2.331  1.00 39.36 ? 255 HOH A O   1 
HETATM 1003 O O   . HOH C 2 .  ? 16.833  -11.089 7.242   1.00 37.14 ? 258 HOH A O   1 
HETATM 1004 O O   . HOH C 2 .  ? 2.182   9.661   1.623   1.00 42.43 ? 260 HOH A O   1 
HETATM 1005 O O   . HOH C 2 .  ? -12.957 4.405   18.109  1.00 50.33 ? 261 HOH A O   1 
HETATM 1006 O O   . HOH C 2 .  ? 6.037   11.685  -0.781  1.00 44.61 ? 263 HOH A O   1 
HETATM 1007 O O   . HOH C 2 .  ? -4.472  15.120  1.016   1.00 33.40 ? 264 HOH A O   1 
HETATM 1008 O O   . HOH C 2 .  ? -12.875 3.892   14.054  1.00 47.11 ? 265 HOH A O   1 
HETATM 1009 O O   . HOH C 2 .  ? 6.235   -19.286 -0.778  1.00 42.50 ? 268 HOH A O   1 
HETATM 1010 O O   . HOH C 2 .  ? -6.808  -8.585  -5.379  1.00 39.84 ? 270 HOH A O   1 
HETATM 1011 O O   . HOH C 2 .  ? -9.424  -8.469  8.034   1.00 42.80 ? 271 HOH A O   1 
HETATM 1012 O O   . HOH C 2 .  ? 15.819  10.440  -9.584  1.00 41.66 ? 273 HOH A O   1 
HETATM 1013 O O   . HOH C 2 .  ? 2.916   10.447  3.868   1.00 49.25 ? 275 HOH A O   1 
HETATM 1014 O O   . HOH C 2 .  ? -2.887  10.707  -2.849  1.00 39.20 ? 277 HOH A O   1 
HETATM 1015 O O   . HOH C 2 .  ? 4.296   11.345  -3.649  1.00 47.00 ? 279 HOH A O   1 
HETATM 1016 O O   . HOH C 2 .  ? -10.558 -5.992  -4.225  1.00 41.30 ? 282 HOH A O   1 
HETATM 1017 O O   . HOH C 2 .  ? -16.730 7.220   25.657  1.00 46.04 ? 283 HOH A O   1 
HETATM 1018 O O   . HOH C 2 .  ? 8.964   6.967   -7.363  1.00 42.47 ? 284 HOH A O   1 
HETATM 1019 O O   . HOH C 2 .  ? 20.243  -7.158  4.406   1.00 43.26 ? 285 HOH A O   1 
HETATM 1020 O O   . HOH C 2 .  ? -3.549  -11.459 8.545   1.00 43.51 ? 288 HOH A O   1 
HETATM 1021 O O   . HOH C 2 .  ? 22.954  -10.907 5.085   1.00 48.27 ? 290 HOH A O   1 
HETATM 1022 O O   . HOH C 2 .  ? 13.989  12.019  -10.553 1.00 43.91 ? 291 HOH A O   1 
HETATM 1023 O O   . HOH C 2 .  ? -22.129 -5.266  2.310   1.00 35.40 ? 293 HOH A O   1 
HETATM 1024 O O   . HOH C 2 .  ? 2.812   -14.272 -5.303  1.00 44.76 ? 294 HOH A O   1 
HETATM 1025 O O   . HOH D 2 .  ? -2.478  -1.222  6.052   1.00 19.49 ? 201 HOH B O   1 
HETATM 1026 O O   . HOH D 2 .  ? -5.945  -3.057  -4.240  1.00 20.56 ? 205 HOH B O   1 
HETATM 1027 O O   . HOH D 2 .  ? -13.817 6.281   -7.442  1.00 30.57 ? 209 HOH B O   1 
HETATM 1028 O O   . HOH D 2 .  ? 13.491  -7.398  -7.804  1.00 21.14 ? 210 HOH B O   1 
HETATM 1029 O O   . HOH D 2 .  ? -16.678 1.568   1.573   1.00 23.85 ? 211 HOH B O   1 
HETATM 1030 O O   . HOH D 2 .  ? -18.468 11.303  -5.145  1.00 29.24 ? 212 HOH B O   1 
HETATM 1031 O O   . HOH D 2 .  ? -17.606 12.603  -6.996  1.00 33.20 ? 214 HOH B O   1 
HETATM 1032 O O   . HOH D 2 .  ? -13.912 16.631  -0.835  1.00 34.84 ? 215 HOH B O   1 
HETATM 1033 O O   . HOH D 2 .  ? -14.404 0.983   -2.472  1.00 24.82 ? 219 HOH B O   1 
HETATM 1034 O O   . HOH D 2 .  ? 5.195   -1.435  6.904   1.00 22.36 ? 221 HOH B O   1 
HETATM 1035 O O   . HOH D 2 .  ? 12.182  0.372   6.591   1.00 30.28 ? 223 HOH B O   1 
HETATM 1036 O O   . HOH D 2 .  ? 6.336   -8.750  7.499   1.00 25.17 ? 225 HOH B O   1 
HETATM 1037 O O   . HOH D 2 .  ? 14.224  -2.465  7.053   1.00 40.27 ? 230 HOH B O   1 
HETATM 1038 O O   . HOH D 2 .  ? -9.488  -2.444  12.141  1.00 39.50 ? 231 HOH B O   1 
HETATM 1039 O O   . HOH D 2 .  ? -19.939 10.262  -2.864  1.00 26.32 ? 233 HOH B O   1 
HETATM 1040 O O   . HOH D 2 .  ? -15.809 13.994  2.905   1.00 39.05 ? 235 HOH B O   1 
HETATM 1041 O O   . HOH D 2 .  ? -14.756 0.416   -5.589  1.00 44.74 ? 237 HOH B O   1 
HETATM 1042 O O   . HOH D 2 .  ? -8.179  -4.172  -6.211  1.00 33.15 ? 239 HOH B O   1 
HETATM 1043 O O   . HOH D 2 .  ? 4.442   -1.933  -13.964 1.00 51.89 ? 243 HOH B O   1 
HETATM 1044 O O   . HOH D 2 .  ? -3.383  -4.144  -13.490 1.00 29.77 ? 245 HOH B O   1 
HETATM 1045 O O   . HOH D 2 .  ? -19.205 3.559   3.047   1.00 30.48 ? 249 HOH B O   1 
HETATM 1046 O O   . HOH D 2 .  ? 17.904  5.052   -4.693  1.00 36.89 ? 252 HOH B O   1 
HETATM 1047 O O   . HOH D 2 .  ? -16.364 14.250  -5.305  1.00 40.14 ? 254 HOH B O   1 
HETATM 1048 O O   . HOH D 2 .  ? -9.586  -1.576  -9.193  1.00 38.81 ? 256 HOH B O   1 
HETATM 1049 O O   . HOH D 2 .  ? 17.034  8.573   -2.751  1.00 46.67 ? 257 HOH B O   1 
HETATM 1050 O O   . HOH D 2 .  ? -10.369 2.733   -12.196 1.00 32.51 ? 259 HOH B O   1 
HETATM 1051 O O   . HOH D 2 .  ? -0.167  6.300   10.303  1.00 32.97 ? 262 HOH B O   1 
HETATM 1052 O O   . HOH D 2 .  ? 4.200   0.550   8.893   1.00 35.30 ? 266 HOH B O   1 
HETATM 1053 O O   . HOH D 2 .  ? -0.360  -6.249  -8.608  1.00 44.66 ? 267 HOH B O   1 
HETATM 1054 O O   . HOH D 2 .  ? 1.573   2.011   -10.913 1.00 44.45 ? 269 HOH B O   1 
HETATM 1055 O O   . HOH D 2 .  ? 11.352  1.863   4.488   1.00 41.43 ? 272 HOH B O   1 
HETATM 1056 O O   . HOH D 2 .  ? -15.509 -4.058  7.479   1.00 40.21 ? 274 HOH B O   1 
HETATM 1057 O O   . HOH D 2 .  ? -8.167  4.565   13.021  1.00 39.10 ? 276 HOH B O   1 
HETATM 1058 O O   . HOH D 2 .  ? -15.775 2.275   -0.818  1.00 35.37 ? 278 HOH B O   1 
HETATM 1059 O O   . HOH D 2 .  ? -11.852 -0.514  -7.732  1.00 39.11 ? 280 HOH B O   1 
HETATM 1060 O O   . HOH D 2 .  ? 15.527  3.018   5.208   1.00 45.85 ? 281 HOH B O   1 
HETATM 1061 O O   . HOH D 2 .  ? 1.467   -8.036  -7.728  1.00 35.63 ? 286 HOH B O   1 
HETATM 1062 O O   . HOH D 2 .  ? -19.478 3.275   0.713   1.00 48.08 ? 287 HOH B O   1 
HETATM 1063 O O   . HOH D 2 .  ? -20.248 1.828   5.050   1.00 41.07 ? 289 HOH B O   1 
HETATM 1064 O O   . HOH D 2 .  ? -5.616  -6.834  10.703  1.00 41.73 ? 292 HOH B O   1 
# 
loop_
_pdbx_poly_seq_scheme.asym_id 
_pdbx_poly_seq_scheme.entity_id 
_pdbx_poly_seq_scheme.seq_id 
_pdbx_poly_seq_scheme.mon_id 
_pdbx_poly_seq_scheme.ndb_seq_num 
_pdbx_poly_seq_scheme.pdb_seq_num 
_pdbx_poly_seq_scheme.auth_seq_num 
_pdbx_poly_seq_scheme.pdb_mon_id 
_pdbx_poly_seq_scheme.auth_mon_id 
_pdbx_poly_seq_scheme.pdb_strand_id 
_pdbx_poly_seq_scheme.pdb_ins_code 
_pdbx_poly_seq_scheme.hetero 
A 1 1  LYS 1  6  6  LYS LYS A . n 
A 1 2  LYS 2  7  7  LYS LYS A . n 
A 1 3  TYR 3  8  8  TYR TYR A . n 
A 1 4  ALA 4  9  9  ALA ALA A . n 
A 1 5  LYS 5  10 10 LYS LYS A . n 
A 1 6  SER 6  11 11 SER SER A . n 
A 1 7  LYS 7  12 12 LYS LYS A . n 
A 1 8  TYR 8  13 13 TYR TYR A . n 
A 1 9  ASP 9  14 14 ASP ASP A . n 
A 1 10 PHE 10 15 15 PHE PHE A . n 
A 1 11 VAL 11 16 16 VAL VAL A . n 
A 1 12 ALA 12 17 17 ALA ALA A . n 
A 1 13 ARG 13 18 18 ARG ARG A . n 
A 1 14 ASN 14 19 19 ASN ASN A . n 
A 1 15 SER 15 20 20 SER SER A . n 
A 1 16 SER 16 21 21 SER SER A . n 
A 1 17 GLU 17 22 22 GLU GLU A . n 
A 1 18 LEU 18 23 23 LEU LEU A . n 
A 1 19 SER 19 24 24 SER SER A . n 
A 1 20 VAL 20 25 25 VAL VAL A . n 
A 1 21 MET 21 26 26 MET MET A . n 
A 1 22 LYS 22 27 27 LYS LYS A . n 
A 1 23 ASP 23 28 28 ASP ASP A . n 
A 1 24 ASP 24 29 29 ASP ASP A . n 
A 1 25 VAL 25 30 30 VAL VAL A . n 
A 1 26 LEU 26 31 31 LEU LEU A . n 
A 1 27 GLU 27 32 32 GLU GLU A . n 
A 1 28 ILE 28 33 33 ILE ILE A . n 
A 1 29 LEU 29 34 34 LEU LEU A . n 
A 1 30 ASP 30 35 35 ASP ASP A . n 
A 1 31 ASP 31 36 36 ASP ASP A . n 
A 1 32 ARG 32 37 37 ARG ARG A . n 
A 1 33 ARG 33 38 38 ARG ARG A . n 
A 1 34 GLN 34 39 39 GLN GLN A . n 
A 1 35 TRP 35 40 40 TRP TRP A . n 
A 1 36 TRP 36 41 41 TRP TRP A . n 
A 1 37 LYS 37 42 42 LYS LYS A . n 
A 1 38 VAL 38 43 43 VAL VAL A . n 
A 1 39 ARG 39 44 44 ARG ARG A . n 
A 1 40 ASN 40 45 45 ASN ASN A . n 
A 1 41 ALA 41 46 46 ALA ALA A . n 
A 1 42 SER 42 47 47 SER SER A . n 
A 1 43 GLY 43 48 48 GLY GLY A . n 
A 1 44 ASP 44 49 49 ASP ASP A . n 
A 1 45 SER 45 50 50 SER SER A . n 
A 1 46 GLY 46 51 51 GLY GLY A . n 
A 1 47 PHE 47 52 52 PHE PHE A . n 
A 1 48 VAL 48 53 53 VAL VAL A . n 
A 1 49 PRO 49 54 54 PRO PRO A . n 
A 1 50 ASN 50 55 55 ASN ASN A . n 
A 1 51 ASN 51 56 56 ASN ASN A . n 
A 1 52 ILE 52 57 57 ILE ILE A . n 
A 1 53 LEU 53 58 58 LEU LEU A . n 
A 1 54 ASP 54 59 59 ASP ASP A . n 
A 1 55 ILE 55 60 60 ILE ILE A . n 
A 1 56 MET 56 61 61 MET MET A . n 
A 1 57 ARG 57 62 62 ARG ARG A . n 
A 1 58 THR 58 63 63 THR THR A . n 
A 1 59 PRO 59 64 64 PRO PRO A . n 
A 1 60 GLU 60 65 ?  ?   ?   A . n 
B 1 1  LYS 1  6  6  LYS LYS B . n 
B 1 2  LYS 2  7  7  LYS LYS B . n 
B 1 3  TYR 3  8  8  TYR TYR B . n 
B 1 4  ALA 4  9  9  ALA ALA B . n 
B 1 5  LYS 5  10 10 LYS LYS B . n 
B 1 6  SER 6  11 11 SER SER B . n 
B 1 7  LYS 7  12 12 LYS LYS B . n 
B 1 8  TYR 8  13 13 TYR TYR B . n 
B 1 9  ASP 9  14 14 ASP ASP B . n 
B 1 10 PHE 10 15 15 PHE PHE B . n 
B 1 11 VAL 11 16 16 VAL VAL B . n 
B 1 12 ALA 12 17 17 ALA ALA B . n 
B 1 13 ARG 13 18 18 ARG ARG B . n 
B 1 14 ASN 14 19 19 ASN ASN B . n 
B 1 15 SER 15 20 20 SER SER B . n 
B 1 16 SER 16 21 21 SER SER B . n 
B 1 17 GLU 17 22 22 GLU GLU B . n 
B 1 18 LEU 18 23 23 LEU LEU B . n 
B 1 19 SER 19 24 24 SER SER B . n 
B 1 20 VAL 20 25 25 VAL VAL B . n 
B 1 21 MET 21 26 26 MET MET B . n 
B 1 22 LYS 22 27 27 LYS LYS B . n 
B 1 23 ASP 23 28 28 ASP ASP B . n 
B 1 24 ASP 24 29 29 ASP ASP B . n 
B 1 25 VAL 25 30 30 VAL VAL B . n 
B 1 26 LEU 26 31 31 LEU LEU B . n 
B 1 27 GLU 27 32 32 GLU GLU B . n 
B 1 28 ILE 28 33 33 ILE ILE B . n 
B 1 29 LEU 29 34 34 LEU LEU B . n 
B 1 30 ASP 30 35 35 ASP ASP B . n 
B 1 31 ASP 31 36 36 ASP ASP B . n 
B 1 32 ARG 32 37 37 ARG ARG B . n 
B 1 33 ARG 33 38 38 ARG ARG B . n 
B 1 34 GLN 34 39 39 GLN GLN B . n 
B 1 35 TRP 35 40 40 TRP TRP B . n 
B 1 36 TRP 36 41 41 TRP TRP B . n 
B 1 37 LYS 37 42 42 LYS LYS B . n 
B 1 38 VAL 38 43 43 VAL VAL B . n 
B 1 39 ARG 39 44 44 ARG ARG B . n 
B 1 40 ASN 40 45 45 ASN ASN B . n 
B 1 41 ALA 41 46 46 ALA ALA B . n 
B 1 42 SER 42 47 47 SER SER B . n 
B 1 43 GLY 43 48 48 GLY GLY B . n 
B 1 44 ASP 44 49 49 ASP ASP B . n 
B 1 45 SER 45 50 50 SER SER B . n 
B 1 46 GLY 46 51 51 GLY GLY B . n 
B 1 47 PHE 47 52 52 PHE PHE B . n 
B 1 48 VAL 48 53 53 VAL VAL B . n 
B 1 49 PRO 49 54 54 PRO PRO B . n 
B 1 50 ASN 50 55 55 ASN ASN B . n 
B 1 51 ASN 51 56 56 ASN ASN B . n 
B 1 52 ILE 52 57 57 ILE ILE B . n 
B 1 53 LEU 53 58 58 LEU LEU B . n 
B 1 54 ASP 54 59 59 ASP ASP B . n 
B 1 55 ILE 55 60 60 ILE ILE B . n 
B 1 56 MET 56 61 61 MET MET B . n 
B 1 57 ARG 57 62 62 ARG ARG B . n 
B 1 58 THR 58 63 63 THR THR B . n 
B 1 59 PRO 59 64 64 PRO PRO B . n 
B 1 60 GLU 60 65 ?  ?   ?   B . n 
# 
loop_
_pdbx_nonpoly_scheme.asym_id 
_pdbx_nonpoly_scheme.entity_id 
_pdbx_nonpoly_scheme.mon_id 
_pdbx_nonpoly_scheme.ndb_seq_num 
_pdbx_nonpoly_scheme.pdb_seq_num 
_pdbx_nonpoly_scheme.auth_seq_num 
_pdbx_nonpoly_scheme.pdb_mon_id 
_pdbx_nonpoly_scheme.auth_mon_id 
_pdbx_nonpoly_scheme.pdb_strand_id 
_pdbx_nonpoly_scheme.pdb_ins_code 
C 2 HOH 1  202 202 HOH TIP A . 
C 2 HOH 2  203 203 HOH TIP A . 
C 2 HOH 3  204 204 HOH TIP A . 
C 2 HOH 4  206 206 HOH TIP A . 
C 2 HOH 5  207 207 HOH TIP A . 
C 2 HOH 6  208 208 HOH TIP A . 
C 2 HOH 7  213 213 HOH TIP A . 
C 2 HOH 8  216 216 HOH TIP A . 
C 2 HOH 9  217 217 HOH TIP A . 
C 2 HOH 10 218 218 HOH TIP A . 
C 2 HOH 11 220 220 HOH TIP A . 
C 2 HOH 12 222 222 HOH TIP A . 
C 2 HOH 13 224 224 HOH TIP A . 
C 2 HOH 14 226 226 HOH TIP A . 
C 2 HOH 15 227 227 HOH TIP A . 
C 2 HOH 16 228 228 HOH TIP A . 
C 2 HOH 17 229 229 HOH TIP A . 
C 2 HOH 18 232 232 HOH TIP A . 
C 2 HOH 19 234 234 HOH TIP A . 
C 2 HOH 20 236 236 HOH TIP A . 
C 2 HOH 21 238 238 HOH TIP A . 
C 2 HOH 22 240 240 HOH TIP A . 
C 2 HOH 23 241 241 HOH TIP A . 
C 2 HOH 24 242 242 HOH TIP A . 
C 2 HOH 25 244 244 HOH TIP A . 
C 2 HOH 26 246 246 HOH TIP A . 
C 2 HOH 27 247 247 HOH TIP A . 
C 2 HOH 28 248 248 HOH TIP A . 
C 2 HOH 29 250 250 HOH TIP A . 
C 2 HOH 30 251 251 HOH TIP A . 
C 2 HOH 31 253 253 HOH TIP A . 
C 2 HOH 32 255 255 HOH TIP A . 
C 2 HOH 33 258 258 HOH TIP A . 
C 2 HOH 34 260 260 HOH TIP A . 
C 2 HOH 35 261 261 HOH TIP A . 
C 2 HOH 36 263 263 HOH TIP A . 
C 2 HOH 37 264 264 HOH TIP A . 
C 2 HOH 38 265 265 HOH TIP A . 
C 2 HOH 39 268 268 HOH TIP A . 
C 2 HOH 40 270 270 HOH TIP A . 
C 2 HOH 41 271 271 HOH TIP A . 
C 2 HOH 42 273 273 HOH TIP A . 
C 2 HOH 43 275 275 HOH TIP A . 
C 2 HOH 44 277 277 HOH TIP A . 
C 2 HOH 45 279 279 HOH TIP A . 
C 2 HOH 46 282 282 HOH TIP A . 
C 2 HOH 47 283 283 HOH TIP A . 
C 2 HOH 48 284 284 HOH TIP A . 
C 2 HOH 49 285 285 HOH TIP A . 
C 2 HOH 50 288 288 HOH TIP A . 
C 2 HOH 51 290 290 HOH TIP A . 
C 2 HOH 52 291 291 HOH TIP A . 
C 2 HOH 53 293 293 HOH TIP A . 
C 2 HOH 54 294 294 HOH TIP A . 
D 2 HOH 1  201 201 HOH TIP B . 
D 2 HOH 2  205 205 HOH TIP B . 
D 2 HOH 3  209 209 HOH TIP B . 
D 2 HOH 4  210 210 HOH TIP B . 
D 2 HOH 5  211 211 HOH TIP B . 
D 2 HOH 6  212 212 HOH TIP B . 
D 2 HOH 7  214 214 HOH TIP B . 
D 2 HOH 8  215 215 HOH TIP B . 
D 2 HOH 9  219 219 HOH TIP B . 
D 2 HOH 10 221 221 HOH TIP B . 
D 2 HOH 11 223 223 HOH TIP B . 
D 2 HOH 12 225 225 HOH TIP B . 
D 2 HOH 13 230 230 HOH TIP B . 
D 2 HOH 14 231 231 HOH TIP B . 
D 2 HOH 15 233 233 HOH TIP B . 
D 2 HOH 16 235 235 HOH TIP B . 
D 2 HOH 17 237 237 HOH TIP B . 
D 2 HOH 18 239 239 HOH TIP B . 
D 2 HOH 19 243 243 HOH TIP B . 
D 2 HOH 20 245 245 HOH TIP B . 
D 2 HOH 21 249 249 HOH TIP B . 
D 2 HOH 22 252 252 HOH TIP B . 
D 2 HOH 23 254 254 HOH TIP B . 
D 2 HOH 24 256 256 HOH TIP B . 
D 2 HOH 25 257 257 HOH TIP B . 
D 2 HOH 26 259 259 HOH TIP B . 
D 2 HOH 27 262 262 HOH TIP B . 
D 2 HOH 28 266 266 HOH TIP B . 
D 2 HOH 29 267 267 HOH TIP B . 
D 2 HOH 30 269 269 HOH TIP B . 
D 2 HOH 31 272 272 HOH TIP B . 
D 2 HOH 32 274 274 HOH TIP B . 
D 2 HOH 33 276 276 HOH TIP B . 
D 2 HOH 34 278 278 HOH TIP B . 
D 2 HOH 35 280 280 HOH TIP B . 
D 2 HOH 36 281 281 HOH TIP B . 
D 2 HOH 37 286 286 HOH TIP B . 
D 2 HOH 38 287 287 HOH TIP B . 
D 2 HOH 39 289 289 HOH TIP B . 
D 2 HOH 40 292 292 HOH TIP B . 
# 
_pdbx_struct_assembly.id                   1 
_pdbx_struct_assembly.details              author_and_software_defined_assembly 
_pdbx_struct_assembly.method_details       PISA 
_pdbx_struct_assembly.oligomeric_details   dimeric 
_pdbx_struct_assembly.oligomeric_count     2 
# 
_pdbx_struct_assembly_gen.assembly_id       1 
_pdbx_struct_assembly_gen.oper_expression   1 
_pdbx_struct_assembly_gen.asym_id_list      A,B,C,D 
# 
loop_
_pdbx_struct_assembly_prop.biol_id 
_pdbx_struct_assembly_prop.type 
_pdbx_struct_assembly_prop.value 
_pdbx_struct_assembly_prop.details 
1 'ABSA (A^2)' 3920 ? 
1 MORE         -29  ? 
1 'SSA (A^2)'  7410 ? 
# 
_pdbx_struct_oper_list.id                   1 
_pdbx_struct_oper_list.type                 'identity operation' 
_pdbx_struct_oper_list.name                 1_555 
_pdbx_struct_oper_list.symmetry_operation   x,y,z 
_pdbx_struct_oper_list.matrix[1][1]         1.0000000000 
_pdbx_struct_oper_list.matrix[1][2]         0.0000000000 
_pdbx_struct_oper_list.matrix[1][3]         0.0000000000 
_pdbx_struct_oper_list.vector[1]            0.0000000000 
_pdbx_struct_oper_list.matrix[2][1]         0.0000000000 
_pdbx_struct_oper_list.matrix[2][2]         1.0000000000 
_pdbx_struct_oper_list.matrix[2][3]         0.0000000000 
_pdbx_struct_oper_list.vector[2]            0.0000000000 
_pdbx_struct_oper_list.matrix[3][1]         0.0000000000 
_pdbx_struct_oper_list.matrix[3][2]         0.0000000000 
_pdbx_struct_oper_list.matrix[3][3]         1.0000000000 
_pdbx_struct_oper_list.vector[3]            0.0000000000 
# 
loop_
_pdbx_audit_revision_history.ordinal 
_pdbx_audit_revision_history.data_content_type 
_pdbx_audit_revision_history.major_revision 
_pdbx_audit_revision_history.minor_revision 
_pdbx_audit_revision_history.revision_date 
1 'Structure model' 1 0 2001-05-09 
2 'Structure model' 1 1 2008-04-27 
3 'Structure model' 1 2 2011-07-13 
4 'Structure model' 1 3 2017-10-04 
5 'Structure model' 1 4 2023-08-09 
# 
_pdbx_audit_revision_details.ordinal             1 
_pdbx_audit_revision_details.revision_ordinal    1 
_pdbx_audit_revision_details.data_content_type   'Structure model' 
_pdbx_audit_revision_details.provider            repository 
_pdbx_audit_revision_details.type                'Initial release' 
_pdbx_audit_revision_details.description         ? 
_pdbx_audit_revision_details.details             ? 
# 
loop_
_pdbx_audit_revision_group.ordinal 
_pdbx_audit_revision_group.revision_ordinal 
_pdbx_audit_revision_group.data_content_type 
_pdbx_audit_revision_group.group 
1 2 'Structure model' 'Version format compliance' 
2 3 'Structure model' 'Version format compliance' 
3 4 'Structure model' 'Refinement description'    
4 5 'Structure model' 'Data collection'           
5 5 'Structure model' 'Database references'       
6 5 'Structure model' 'Refinement description'    
# 
loop_
_pdbx_audit_revision_category.ordinal 
_pdbx_audit_revision_category.revision_ordinal 
_pdbx_audit_revision_category.data_content_type 
_pdbx_audit_revision_category.category 
1 4 'Structure model' software                      
2 5 'Structure model' chem_comp_atom                
3 5 'Structure model' chem_comp_bond                
4 5 'Structure model' database_2                    
5 5 'Structure model' pdbx_initial_refinement_model 
# 
loop_
_pdbx_audit_revision_item.ordinal 
_pdbx_audit_revision_item.revision_ordinal 
_pdbx_audit_revision_item.data_content_type 
_pdbx_audit_revision_item.item 
1 5 'Structure model' '_database_2.pdbx_DOI'                
2 5 'Structure model' '_database_2.pdbx_database_accession' 
# 
loop_
_software.name 
_software.version 
_software.date 
_software.type 
_software.contact_author 
_software.contact_author_email 
_software.location 
_software.classification 
_software.language 
_software.citation_id 
_software.pdbx_ordinal 
CNS       0.5 1998 package 'Axel T. Brunger' axel.brunger@yale.edu . refinement     Fortran ? 1 
SCALEPACK .   ?    ?       ?                 ?                     ? 'data scaling' ?       ? 2 
AMoRE     .   ?    ?       ?                 ?                     ? phasing        ?       ? 3 
# 
_pdbx_validate_close_contact.id               1 
_pdbx_validate_close_contact.PDB_model_num    1 
_pdbx_validate_close_contact.auth_atom_id_1   O 
_pdbx_validate_close_contact.auth_asym_id_1   A 
_pdbx_validate_close_contact.auth_comp_id_1   HOH 
_pdbx_validate_close_contact.auth_seq_id_1    234 
_pdbx_validate_close_contact.PDB_ins_code_1   ? 
_pdbx_validate_close_contact.label_alt_id_1   ? 
_pdbx_validate_close_contact.auth_atom_id_2   O 
_pdbx_validate_close_contact.auth_asym_id_2   A 
_pdbx_validate_close_contact.auth_comp_id_2   HOH 
_pdbx_validate_close_contact.auth_seq_id_2    268 
_pdbx_validate_close_contact.PDB_ins_code_2   ? 
_pdbx_validate_close_contact.label_alt_id_2   ? 
_pdbx_validate_close_contact.dist             2.16 
# 
loop_
_pdbx_validate_torsion.id 
_pdbx_validate_torsion.PDB_model_num 
_pdbx_validate_torsion.auth_comp_id 
_pdbx_validate_torsion.auth_asym_id 
_pdbx_validate_torsion.auth_seq_id 
_pdbx_validate_torsion.PDB_ins_code 
_pdbx_validate_torsion.label_alt_id 
_pdbx_validate_torsion.phi 
_pdbx_validate_torsion.psi 
1 1 ASP A 28 ? ? 80.53 -0.67 
2 1 ARG B 37 ? ? 52.72 16.65 
# 
loop_
_pdbx_unobs_or_zero_occ_residues.id 
_pdbx_unobs_or_zero_occ_residues.PDB_model_num 
_pdbx_unobs_or_zero_occ_residues.polymer_flag 
_pdbx_unobs_or_zero_occ_residues.occupancy_flag 
_pdbx_unobs_or_zero_occ_residues.auth_asym_id 
_pdbx_unobs_or_zero_occ_residues.auth_comp_id 
_pdbx_unobs_or_zero_occ_residues.auth_seq_id 
_pdbx_unobs_or_zero_occ_residues.PDB_ins_code 
_pdbx_unobs_or_zero_occ_residues.label_asym_id 
_pdbx_unobs_or_zero_occ_residues.label_comp_id 
_pdbx_unobs_or_zero_occ_residues.label_seq_id 
1 1 Y 1 A GLU 65 ? A GLU 60 
2 1 Y 1 B GLU 65 ? B GLU 60 
# 
loop_
_chem_comp_atom.comp_id 
_chem_comp_atom.atom_id 
_chem_comp_atom.type_symbol 
_chem_comp_atom.pdbx_aromatic_flag 
_chem_comp_atom.pdbx_stereo_config 
_chem_comp_atom.pdbx_ordinal 
ALA N    N N N 1   
ALA CA   C N S 2   
ALA C    C N N 3   
ALA O    O N N 4   
ALA CB   C N N 5   
ALA OXT  O N N 6   
ALA H    H N N 7   
ALA H2   H N N 8   
ALA HA   H N N 9   
ALA HB1  H N N 10  
ALA HB2  H N N 11  
ALA HB3  H N N 12  
ALA HXT  H N N 13  
ARG N    N N N 14  
ARG CA   C N S 15  
ARG C    C N N 16  
ARG O    O N N 17  
ARG CB   C N N 18  
ARG CG   C N N 19  
ARG CD   C N N 20  
ARG NE   N N N 21  
ARG CZ   C N N 22  
ARG NH1  N N N 23  
ARG NH2  N N N 24  
ARG OXT  O N N 25  
ARG H    H N N 26  
ARG H2   H N N 27  
ARG HA   H N N 28  
ARG HB2  H N N 29  
ARG HB3  H N N 30  
ARG HG2  H N N 31  
ARG HG3  H N N 32  
ARG HD2  H N N 33  
ARG HD3  H N N 34  
ARG HE   H N N 35  
ARG HH11 H N N 36  
ARG HH12 H N N 37  
ARG HH21 H N N 38  
ARG HH22 H N N 39  
ARG HXT  H N N 40  
ASN N    N N N 41  
ASN CA   C N S 42  
ASN C    C N N 43  
ASN O    O N N 44  
ASN CB   C N N 45  
ASN CG   C N N 46  
ASN OD1  O N N 47  
ASN ND2  N N N 48  
ASN OXT  O N N 49  
ASN H    H N N 50  
ASN H2   H N N 51  
ASN HA   H N N 52  
ASN HB2  H N N 53  
ASN HB3  H N N 54  
ASN HD21 H N N 55  
ASN HD22 H N N 56  
ASN HXT  H N N 57  
ASP N    N N N 58  
ASP CA   C N S 59  
ASP C    C N N 60  
ASP O    O N N 61  
ASP CB   C N N 62  
ASP CG   C N N 63  
ASP OD1  O N N 64  
ASP OD2  O N N 65  
ASP OXT  O N N 66  
ASP H    H N N 67  
ASP H2   H N N 68  
ASP HA   H N N 69  
ASP HB2  H N N 70  
ASP HB3  H N N 71  
ASP HD2  H N N 72  
ASP HXT  H N N 73  
GLN N    N N N 74  
GLN CA   C N S 75  
GLN C    C N N 76  
GLN O    O N N 77  
GLN CB   C N N 78  
GLN CG   C N N 79  
GLN CD   C N N 80  
GLN OE1  O N N 81  
GLN NE2  N N N 82  
GLN OXT  O N N 83  
GLN H    H N N 84  
GLN H2   H N N 85  
GLN HA   H N N 86  
GLN HB2  H N N 87  
GLN HB3  H N N 88  
GLN HG2  H N N 89  
GLN HG3  H N N 90  
GLN HE21 H N N 91  
GLN HE22 H N N 92  
GLN HXT  H N N 93  
GLU N    N N N 94  
GLU CA   C N S 95  
GLU C    C N N 96  
GLU O    O N N 97  
GLU CB   C N N 98  
GLU CG   C N N 99  
GLU CD   C N N 100 
GLU OE1  O N N 101 
GLU OE2  O N N 102 
GLU OXT  O N N 103 
GLU H    H N N 104 
GLU H2   H N N 105 
GLU HA   H N N 106 
GLU HB2  H N N 107 
GLU HB3  H N N 108 
GLU HG2  H N N 109 
GLU HG3  H N N 110 
GLU HE2  H N N 111 
GLU HXT  H N N 112 
GLY N    N N N 113 
GLY CA   C N N 114 
GLY C    C N N 115 
GLY O    O N N 116 
GLY OXT  O N N 117 
GLY H    H N N 118 
GLY H2   H N N 119 
GLY HA2  H N N 120 
GLY HA3  H N N 121 
GLY HXT  H N N 122 
HOH O    O N N 123 
HOH H1   H N N 124 
HOH H2   H N N 125 
ILE N    N N N 126 
ILE CA   C N S 127 
ILE C    C N N 128 
ILE O    O N N 129 
ILE CB   C N S 130 
ILE CG1  C N N 131 
ILE CG2  C N N 132 
ILE CD1  C N N 133 
ILE OXT  O N N 134 
ILE H    H N N 135 
ILE H2   H N N 136 
ILE HA   H N N 137 
ILE HB   H N N 138 
ILE HG12 H N N 139 
ILE HG13 H N N 140 
ILE HG21 H N N 141 
ILE HG22 H N N 142 
ILE HG23 H N N 143 
ILE HD11 H N N 144 
ILE HD12 H N N 145 
ILE HD13 H N N 146 
ILE HXT  H N N 147 
LEU N    N N N 148 
LEU CA   C N S 149 
LEU C    C N N 150 
LEU O    O N N 151 
LEU CB   C N N 152 
LEU CG   C N N 153 
LEU CD1  C N N 154 
LEU CD2  C N N 155 
LEU OXT  O N N 156 
LEU H    H N N 157 
LEU H2   H N N 158 
LEU HA   H N N 159 
LEU HB2  H N N 160 
LEU HB3  H N N 161 
LEU HG   H N N 162 
LEU HD11 H N N 163 
LEU HD12 H N N 164 
LEU HD13 H N N 165 
LEU HD21 H N N 166 
LEU HD22 H N N 167 
LEU HD23 H N N 168 
LEU HXT  H N N 169 
LYS N    N N N 170 
LYS CA   C N S 171 
LYS C    C N N 172 
LYS O    O N N 173 
LYS CB   C N N 174 
LYS CG   C N N 175 
LYS CD   C N N 176 
LYS CE   C N N 177 
LYS NZ   N N N 178 
LYS OXT  O N N 179 
LYS H    H N N 180 
LYS H2   H N N 181 
LYS HA   H N N 182 
LYS HB2  H N N 183 
LYS HB3  H N N 184 
LYS HG2  H N N 185 
LYS HG3  H N N 186 
LYS HD2  H N N 187 
LYS HD3  H N N 188 
LYS HE2  H N N 189 
LYS HE3  H N N 190 
LYS HZ1  H N N 191 
LYS HZ2  H N N 192 
LYS HZ3  H N N 193 
LYS HXT  H N N 194 
MET N    N N N 195 
MET CA   C N S 196 
MET C    C N N 197 
MET O    O N N 198 
MET CB   C N N 199 
MET CG   C N N 200 
MET SD   S N N 201 
MET CE   C N N 202 
MET OXT  O N N 203 
MET H    H N N 204 
MET H2   H N N 205 
MET HA   H N N 206 
MET HB2  H N N 207 
MET HB3  H N N 208 
MET HG2  H N N 209 
MET HG3  H N N 210 
MET HE1  H N N 211 
MET HE2  H N N 212 
MET HE3  H N N 213 
MET HXT  H N N 214 
PHE N    N N N 215 
PHE CA   C N S 216 
PHE C    C N N 217 
PHE O    O N N 218 
PHE CB   C N N 219 
PHE CG   C Y N 220 
PHE CD1  C Y N 221 
PHE CD2  C Y N 222 
PHE CE1  C Y N 223 
PHE CE2  C Y N 224 
PHE CZ   C Y N 225 
PHE OXT  O N N 226 
PHE H    H N N 227 
PHE H2   H N N 228 
PHE HA   H N N 229 
PHE HB2  H N N 230 
PHE HB3  H N N 231 
PHE HD1  H N N 232 
PHE HD2  H N N 233 
PHE HE1  H N N 234 
PHE HE2  H N N 235 
PHE HZ   H N N 236 
PHE HXT  H N N 237 
PRO N    N N N 238 
PRO CA   C N S 239 
PRO C    C N N 240 
PRO O    O N N 241 
PRO CB   C N N 242 
PRO CG   C N N 243 
PRO CD   C N N 244 
PRO OXT  O N N 245 
PRO H    H N N 246 
PRO HA   H N N 247 
PRO HB2  H N N 248 
PRO HB3  H N N 249 
PRO HG2  H N N 250 
PRO HG3  H N N 251 
PRO HD2  H N N 252 
PRO HD3  H N N 253 
PRO HXT  H N N 254 
SER N    N N N 255 
SER CA   C N S 256 
SER C    C N N 257 
SER O    O N N 258 
SER CB   C N N 259 
SER OG   O N N 260 
SER OXT  O N N 261 
SER H    H N N 262 
SER H2   H N N 263 
SER HA   H N N 264 
SER HB2  H N N 265 
SER HB3  H N N 266 
SER HG   H N N 267 
SER HXT  H N N 268 
THR N    N N N 269 
THR CA   C N S 270 
THR C    C N N 271 
THR O    O N N 272 
THR CB   C N R 273 
THR OG1  O N N 274 
THR CG2  C N N 275 
THR OXT  O N N 276 
THR H    H N N 277 
THR H2   H N N 278 
THR HA   H N N 279 
THR HB   H N N 280 
THR HG1  H N N 281 
THR HG21 H N N 282 
THR HG22 H N N 283 
THR HG23 H N N 284 
THR HXT  H N N 285 
TRP N    N N N 286 
TRP CA   C N S 287 
TRP C    C N N 288 
TRP O    O N N 289 
TRP CB   C N N 290 
TRP CG   C Y N 291 
TRP CD1  C Y N 292 
TRP CD2  C Y N 293 
TRP NE1  N Y N 294 
TRP CE2  C Y N 295 
TRP CE3  C Y N 296 
TRP CZ2  C Y N 297 
TRP CZ3  C Y N 298 
TRP CH2  C Y N 299 
TRP OXT  O N N 300 
TRP H    H N N 301 
TRP H2   H N N 302 
TRP HA   H N N 303 
TRP HB2  H N N 304 
TRP HB3  H N N 305 
TRP HD1  H N N 306 
TRP HE1  H N N 307 
TRP HE3  H N N 308 
TRP HZ2  H N N 309 
TRP HZ3  H N N 310 
TRP HH2  H N N 311 
TRP HXT  H N N 312 
TYR N    N N N 313 
TYR CA   C N S 314 
TYR C    C N N 315 
TYR O    O N N 316 
TYR CB   C N N 317 
TYR CG   C Y N 318 
TYR CD1  C Y N 319 
TYR CD2  C Y N 320 
TYR CE1  C Y N 321 
TYR CE2  C Y N 322 
TYR CZ   C Y N 323 
TYR OH   O N N 324 
TYR OXT  O N N 325 
TYR H    H N N 326 
TYR H2   H N N 327 
TYR HA   H N N 328 
TYR HB2  H N N 329 
TYR HB3  H N N 330 
TYR HD1  H N N 331 
TYR HD2  H N N 332 
TYR HE1  H N N 333 
TYR HE2  H N N 334 
TYR HH   H N N 335 
TYR HXT  H N N 336 
VAL N    N N N 337 
VAL CA   C N S 338 
VAL C    C N N 339 
VAL O    O N N 340 
VAL CB   C N N 341 
VAL CG1  C N N 342 
VAL CG2  C N N 343 
VAL OXT  O N N 344 
VAL H    H N N 345 
VAL H2   H N N 346 
VAL HA   H N N 347 
VAL HB   H N N 348 
VAL HG11 H N N 349 
VAL HG12 H N N 350 
VAL HG13 H N N 351 
VAL HG21 H N N 352 
VAL HG22 H N N 353 
VAL HG23 H N N 354 
VAL HXT  H N N 355 
# 
loop_
_chem_comp_bond.comp_id 
_chem_comp_bond.atom_id_1 
_chem_comp_bond.atom_id_2 
_chem_comp_bond.value_order 
_chem_comp_bond.pdbx_aromatic_flag 
_chem_comp_bond.pdbx_stereo_config 
_chem_comp_bond.pdbx_ordinal 
ALA N   CA   sing N N 1   
ALA N   H    sing N N 2   
ALA N   H2   sing N N 3   
ALA CA  C    sing N N 4   
ALA CA  CB   sing N N 5   
ALA CA  HA   sing N N 6   
ALA C   O    doub N N 7   
ALA C   OXT  sing N N 8   
ALA CB  HB1  sing N N 9   
ALA CB  HB2  sing N N 10  
ALA CB  HB3  sing N N 11  
ALA OXT HXT  sing N N 12  
ARG N   CA   sing N N 13  
ARG N   H    sing N N 14  
ARG N   H2   sing N N 15  
ARG CA  C    sing N N 16  
ARG CA  CB   sing N N 17  
ARG CA  HA   sing N N 18  
ARG C   O    doub N N 19  
ARG C   OXT  sing N N 20  
ARG CB  CG   sing N N 21  
ARG CB  HB2  sing N N 22  
ARG CB  HB3  sing N N 23  
ARG CG  CD   sing N N 24  
ARG CG  HG2  sing N N 25  
ARG CG  HG3  sing N N 26  
ARG CD  NE   sing N N 27  
ARG CD  HD2  sing N N 28  
ARG CD  HD3  sing N N 29  
ARG NE  CZ   sing N N 30  
ARG NE  HE   sing N N 31  
ARG CZ  NH1  sing N N 32  
ARG CZ  NH2  doub N N 33  
ARG NH1 HH11 sing N N 34  
ARG NH1 HH12 sing N N 35  
ARG NH2 HH21 sing N N 36  
ARG NH2 HH22 sing N N 37  
ARG OXT HXT  sing N N 38  
ASN N   CA   sing N N 39  
ASN N   H    sing N N 40  
ASN N   H2   sing N N 41  
ASN CA  C    sing N N 42  
ASN CA  CB   sing N N 43  
ASN CA  HA   sing N N 44  
ASN C   O    doub N N 45  
ASN C   OXT  sing N N 46  
ASN CB  CG   sing N N 47  
ASN CB  HB2  sing N N 48  
ASN CB  HB3  sing N N 49  
ASN CG  OD1  doub N N 50  
ASN CG  ND2  sing N N 51  
ASN ND2 HD21 sing N N 52  
ASN ND2 HD22 sing N N 53  
ASN OXT HXT  sing N N 54  
ASP N   CA   sing N N 55  
ASP N   H    sing N N 56  
ASP N   H2   sing N N 57  
ASP CA  C    sing N N 58  
ASP CA  CB   sing N N 59  
ASP CA  HA   sing N N 60  
ASP C   O    doub N N 61  
ASP C   OXT  sing N N 62  
ASP CB  CG   sing N N 63  
ASP CB  HB2  sing N N 64  
ASP CB  HB3  sing N N 65  
ASP CG  OD1  doub N N 66  
ASP CG  OD2  sing N N 67  
ASP OD2 HD2  sing N N 68  
ASP OXT HXT  sing N N 69  
GLN N   CA   sing N N 70  
GLN N   H    sing N N 71  
GLN N   H2   sing N N 72  
GLN CA  C    sing N N 73  
GLN CA  CB   sing N N 74  
GLN CA  HA   sing N N 75  
GLN C   O    doub N N 76  
GLN C   OXT  sing N N 77  
GLN CB  CG   sing N N 78  
GLN CB  HB2  sing N N 79  
GLN CB  HB3  sing N N 80  
GLN CG  CD   sing N N 81  
GLN CG  HG2  sing N N 82  
GLN CG  HG3  sing N N 83  
GLN CD  OE1  doub N N 84  
GLN CD  NE2  sing N N 85  
GLN NE2 HE21 sing N N 86  
GLN NE2 HE22 sing N N 87  
GLN OXT HXT  sing N N 88  
GLU N   CA   sing N N 89  
GLU N   H    sing N N 90  
GLU N   H2   sing N N 91  
GLU CA  C    sing N N 92  
GLU CA  CB   sing N N 93  
GLU CA  HA   sing N N 94  
GLU C   O    doub N N 95  
GLU C   OXT  sing N N 96  
GLU CB  CG   sing N N 97  
GLU CB  HB2  sing N N 98  
GLU CB  HB3  sing N N 99  
GLU CG  CD   sing N N 100 
GLU CG  HG2  sing N N 101 
GLU CG  HG3  sing N N 102 
GLU CD  OE1  doub N N 103 
GLU CD  OE2  sing N N 104 
GLU OE2 HE2  sing N N 105 
GLU OXT HXT  sing N N 106 
GLY N   CA   sing N N 107 
GLY N   H    sing N N 108 
GLY N   H2   sing N N 109 
GLY CA  C    sing N N 110 
GLY CA  HA2  sing N N 111 
GLY CA  HA3  sing N N 112 
GLY C   O    doub N N 113 
GLY C   OXT  sing N N 114 
GLY OXT HXT  sing N N 115 
HOH O   H1   sing N N 116 
HOH O   H2   sing N N 117 
ILE N   CA   sing N N 118 
ILE N   H    sing N N 119 
ILE N   H2   sing N N 120 
ILE CA  C    sing N N 121 
ILE CA  CB   sing N N 122 
ILE CA  HA   sing N N 123 
ILE C   O    doub N N 124 
ILE C   OXT  sing N N 125 
ILE CB  CG1  sing N N 126 
ILE CB  CG2  sing N N 127 
ILE CB  HB   sing N N 128 
ILE CG1 CD1  sing N N 129 
ILE CG1 HG12 sing N N 130 
ILE CG1 HG13 sing N N 131 
ILE CG2 HG21 sing N N 132 
ILE CG2 HG22 sing N N 133 
ILE CG2 HG23 sing N N 134 
ILE CD1 HD11 sing N N 135 
ILE CD1 HD12 sing N N 136 
ILE CD1 HD13 sing N N 137 
ILE OXT HXT  sing N N 138 
LEU N   CA   sing N N 139 
LEU N   H    sing N N 140 
LEU N   H2   sing N N 141 
LEU CA  C    sing N N 142 
LEU CA  CB   sing N N 143 
LEU CA  HA   sing N N 144 
LEU C   O    doub N N 145 
LEU C   OXT  sing N N 146 
LEU CB  CG   sing N N 147 
LEU CB  HB2  sing N N 148 
LEU CB  HB3  sing N N 149 
LEU CG  CD1  sing N N 150 
LEU CG  CD2  sing N N 151 
LEU CG  HG   sing N N 152 
LEU CD1 HD11 sing N N 153 
LEU CD1 HD12 sing N N 154 
LEU CD1 HD13 sing N N 155 
LEU CD2 HD21 sing N N 156 
LEU CD2 HD22 sing N N 157 
LEU CD2 HD23 sing N N 158 
LEU OXT HXT  sing N N 159 
LYS N   CA   sing N N 160 
LYS N   H    sing N N 161 
LYS N   H2   sing N N 162 
LYS CA  C    sing N N 163 
LYS CA  CB   sing N N 164 
LYS CA  HA   sing N N 165 
LYS C   O    doub N N 166 
LYS C   OXT  sing N N 167 
LYS CB  CG   sing N N 168 
LYS CB  HB2  sing N N 169 
LYS CB  HB3  sing N N 170 
LYS CG  CD   sing N N 171 
LYS CG  HG2  sing N N 172 
LYS CG  HG3  sing N N 173 
LYS CD  CE   sing N N 174 
LYS CD  HD2  sing N N 175 
LYS CD  HD3  sing N N 176 
LYS CE  NZ   sing N N 177 
LYS CE  HE2  sing N N 178 
LYS CE  HE3  sing N N 179 
LYS NZ  HZ1  sing N N 180 
LYS NZ  HZ2  sing N N 181 
LYS NZ  HZ3  sing N N 182 
LYS OXT HXT  sing N N 183 
MET N   CA   sing N N 184 
MET N   H    sing N N 185 
MET N   H2   sing N N 186 
MET CA  C    sing N N 187 
MET CA  CB   sing N N 188 
MET CA  HA   sing N N 189 
MET C   O    doub N N 190 
MET C   OXT  sing N N 191 
MET CB  CG   sing N N 192 
MET CB  HB2  sing N N 193 
MET CB  HB3  sing N N 194 
MET CG  SD   sing N N 195 
MET CG  HG2  sing N N 196 
MET CG  HG3  sing N N 197 
MET SD  CE   sing N N 198 
MET CE  HE1  sing N N 199 
MET CE  HE2  sing N N 200 
MET CE  HE3  sing N N 201 
MET OXT HXT  sing N N 202 
PHE N   CA   sing N N 203 
PHE N   H    sing N N 204 
PHE N   H2   sing N N 205 
PHE CA  C    sing N N 206 
PHE CA  CB   sing N N 207 
PHE CA  HA   sing N N 208 
PHE C   O    doub N N 209 
PHE C   OXT  sing N N 210 
PHE CB  CG   sing N N 211 
PHE CB  HB2  sing N N 212 
PHE CB  HB3  sing N N 213 
PHE CG  CD1  doub Y N 214 
PHE CG  CD2  sing Y N 215 
PHE CD1 CE1  sing Y N 216 
PHE CD1 HD1  sing N N 217 
PHE CD2 CE2  doub Y N 218 
PHE CD2 HD2  sing N N 219 
PHE CE1 CZ   doub Y N 220 
PHE CE1 HE1  sing N N 221 
PHE CE2 CZ   sing Y N 222 
PHE CE2 HE2  sing N N 223 
PHE CZ  HZ   sing N N 224 
PHE OXT HXT  sing N N 225 
PRO N   CA   sing N N 226 
PRO N   CD   sing N N 227 
PRO N   H    sing N N 228 
PRO CA  C    sing N N 229 
PRO CA  CB   sing N N 230 
PRO CA  HA   sing N N 231 
PRO C   O    doub N N 232 
PRO C   OXT  sing N N 233 
PRO CB  CG   sing N N 234 
PRO CB  HB2  sing N N 235 
PRO CB  HB3  sing N N 236 
PRO CG  CD   sing N N 237 
PRO CG  HG2  sing N N 238 
PRO CG  HG3  sing N N 239 
PRO CD  HD2  sing N N 240 
PRO CD  HD3  sing N N 241 
PRO OXT HXT  sing N N 242 
SER N   CA   sing N N 243 
SER N   H    sing N N 244 
SER N   H2   sing N N 245 
SER CA  C    sing N N 246 
SER CA  CB   sing N N 247 
SER CA  HA   sing N N 248 
SER C   O    doub N N 249 
SER C   OXT  sing N N 250 
SER CB  OG   sing N N 251 
SER CB  HB2  sing N N 252 
SER CB  HB3  sing N N 253 
SER OG  HG   sing N N 254 
SER OXT HXT  sing N N 255 
THR N   CA   sing N N 256 
THR N   H    sing N N 257 
THR N   H2   sing N N 258 
THR CA  C    sing N N 259 
THR CA  CB   sing N N 260 
THR CA  HA   sing N N 261 
THR C   O    doub N N 262 
THR C   OXT  sing N N 263 
THR CB  OG1  sing N N 264 
THR CB  CG2  sing N N 265 
THR CB  HB   sing N N 266 
THR OG1 HG1  sing N N 267 
THR CG2 HG21 sing N N 268 
THR CG2 HG22 sing N N 269 
THR CG2 HG23 sing N N 270 
THR OXT HXT  sing N N 271 
TRP N   CA   sing N N 272 
TRP N   H    sing N N 273 
TRP N   H2   sing N N 274 
TRP CA  C    sing N N 275 
TRP CA  CB   sing N N 276 
TRP CA  HA   sing N N 277 
TRP C   O    doub N N 278 
TRP C   OXT  sing N N 279 
TRP CB  CG   sing N N 280 
TRP CB  HB2  sing N N 281 
TRP CB  HB3  sing N N 282 
TRP CG  CD1  doub Y N 283 
TRP CG  CD2  sing Y N 284 
TRP CD1 NE1  sing Y N 285 
TRP CD1 HD1  sing N N 286 
TRP CD2 CE2  doub Y N 287 
TRP CD2 CE3  sing Y N 288 
TRP NE1 CE2  sing Y N 289 
TRP NE1 HE1  sing N N 290 
TRP CE2 CZ2  sing Y N 291 
TRP CE3 CZ3  doub Y N 292 
TRP CE3 HE3  sing N N 293 
TRP CZ2 CH2  doub Y N 294 
TRP CZ2 HZ2  sing N N 295 
TRP CZ3 CH2  sing Y N 296 
TRP CZ3 HZ3  sing N N 297 
TRP CH2 HH2  sing N N 298 
TRP OXT HXT  sing N N 299 
TYR N   CA   sing N N 300 
TYR N   H    sing N N 301 
TYR N   H2   sing N N 302 
TYR CA  C    sing N N 303 
TYR CA  CB   sing N N 304 
TYR CA  HA   sing N N 305 
TYR C   O    doub N N 306 
TYR C   OXT  sing N N 307 
TYR CB  CG   sing N N 308 
TYR CB  HB2  sing N N 309 
TYR CB  HB3  sing N N 310 
TYR CG  CD1  doub Y N 311 
TYR CG  CD2  sing Y N 312 
TYR CD1 CE1  sing Y N 313 
TYR CD1 HD1  sing N N 314 
TYR CD2 CE2  doub Y N 315 
TYR CD2 HD2  sing N N 316 
TYR CE1 CZ   doub Y N 317 
TYR CE1 HE1  sing N N 318 
TYR CE2 CZ   sing Y N 319 
TYR CE2 HE2  sing N N 320 
TYR CZ  OH   sing N N 321 
TYR OH  HH   sing N N 322 
TYR OXT HXT  sing N N 323 
VAL N   CA   sing N N 324 
VAL N   H    sing N N 325 
VAL N   H2   sing N N 326 
VAL CA  C    sing N N 327 
VAL CA  CB   sing N N 328 
VAL CA  HA   sing N N 329 
VAL C   O    doub N N 330 
VAL C   OXT  sing N N 331 
VAL CB  CG1  sing N N 332 
VAL CB  CG2  sing N N 333 
VAL CB  HB   sing N N 334 
VAL CG1 HG11 sing N N 335 
VAL CG1 HG12 sing N N 336 
VAL CG1 HG13 sing N N 337 
VAL CG2 HG21 sing N N 338 
VAL CG2 HG22 sing N N 339 
VAL CG2 HG23 sing N N 340 
VAL OXT HXT  sing N N 341 
# 
_pdbx_entity_nonpoly.entity_id   2 
_pdbx_entity_nonpoly.name        water 
_pdbx_entity_nonpoly.comp_id     HOH 
# 
_pdbx_initial_refinement_model.id               1 
_pdbx_initial_refinement_model.entity_id_list   ? 
_pdbx_initial_refinement_model.type             'experimental model' 
_pdbx_initial_refinement_model.source_name      PDB 
_pdbx_initial_refinement_model.accession_code   1AOJ 
_pdbx_initial_refinement_model.details          'pdb entry 1AOJ' 
# 
